data_6E3N
# 
_entry.id   6E3N 
# 
_audit_conform.dict_name       mmcif_pdbx.dic 
_audit_conform.dict_version    5.387 
_audit_conform.dict_location   http://mmcif.pdb.org/dictionaries/ascii/mmcif_pdbx.dic 
# 
loop_
_database_2.database_id 
_database_2.database_code 
_database_2.pdbx_database_accession 
_database_2.pdbx_DOI 
PDB   6E3N         pdb_00006e3n 10.2210/pdb6e3n/pdb 
WWPDB D_1000235655 ?            ?                   
# 
loop_
_pdbx_audit_revision_history.ordinal 
_pdbx_audit_revision_history.data_content_type 
_pdbx_audit_revision_history.major_revision 
_pdbx_audit_revision_history.minor_revision 
_pdbx_audit_revision_history.revision_date 
1 'Structure model' 1 0 2019-07-17 
2 'Structure model' 1 1 2020-01-01 
3 'Structure model' 1 2 2020-01-29 
4 'Structure model' 1 3 2024-03-13 
# 
_pdbx_audit_revision_details.ordinal             1 
_pdbx_audit_revision_details.revision_ordinal    1 
_pdbx_audit_revision_details.data_content_type   'Structure model' 
_pdbx_audit_revision_details.provider            repository 
_pdbx_audit_revision_details.type                'Initial release' 
_pdbx_audit_revision_details.description         ? 
_pdbx_audit_revision_details.details             ? 
# 
loop_
_pdbx_audit_revision_group.ordinal 
_pdbx_audit_revision_group.revision_ordinal 
_pdbx_audit_revision_group.data_content_type 
_pdbx_audit_revision_group.group 
1 2 'Structure model' 'Author supporting evidence' 
2 3 'Structure model' 'Database references'        
3 4 'Structure model' 'Data collection'            
4 4 'Structure model' 'Database references'        
5 4 'Structure model' 'Derived calculations'       
# 
loop_
_pdbx_audit_revision_category.ordinal 
_pdbx_audit_revision_category.revision_ordinal 
_pdbx_audit_revision_category.data_content_type 
_pdbx_audit_revision_category.category 
1 2 'Structure model' pdbx_audit_support 
2 3 'Structure model' citation           
3 3 'Structure model' citation_author    
4 4 'Structure model' chem_comp_atom     
5 4 'Structure model' chem_comp_bond     
6 4 'Structure model' database_2         
7 4 'Structure model' struct_conn        
# 
loop_
_pdbx_audit_revision_item.ordinal 
_pdbx_audit_revision_item.revision_ordinal 
_pdbx_audit_revision_item.data_content_type 
_pdbx_audit_revision_item.item 
1  2 'Structure model' '_pdbx_audit_support.funding_organization' 
2  3 'Structure model' '_citation.country'                        
3  3 'Structure model' '_citation.journal_abbrev'                 
4  3 'Structure model' '_citation.journal_id_ASTM'                
5  3 'Structure model' '_citation.journal_id_CSD'                 
6  3 'Structure model' '_citation.journal_id_ISSN'                
7  3 'Structure model' '_citation.journal_volume'                 
8  3 'Structure model' '_citation.page_first'                     
9  3 'Structure model' '_citation.page_last'                      
10 3 'Structure model' '_citation.pdbx_database_id_DOI'           
11 3 'Structure model' '_citation.pdbx_database_id_PubMed'        
12 3 'Structure model' '_citation.title'                          
13 3 'Structure model' '_citation.year'                           
14 4 'Structure model' '_database_2.pdbx_DOI'                     
15 4 'Structure model' '_database_2.pdbx_database_accession'      
16 4 'Structure model' '_struct_conn.pdbx_dist_value'             
17 4 'Structure model' '_struct_conn.ptnr1_label_atom_id'         
18 4 'Structure model' '_struct_conn.ptnr2_auth_seq_id'           
19 4 'Structure model' '_struct_conn.ptnr2_label_asym_id'         
# 
_pdbx_database_status.status_code                     REL 
_pdbx_database_status.status_code_sf                  REL 
_pdbx_database_status.status_code_mr                  ? 
_pdbx_database_status.entry_id                        6E3N 
_pdbx_database_status.recvd_initial_deposition_date   2018-07-14 
_pdbx_database_status.SG_entry                        N 
_pdbx_database_status.deposit_site                    RCSB 
_pdbx_database_status.process_site                    RCSB 
_pdbx_database_status.status_code_cs                  ? 
_pdbx_database_status.methods_development_category    ? 
_pdbx_database_status.pdb_format_compatible           Y 
_pdbx_database_status.status_code_nmr_data            ? 
# 
loop_
_audit_author.name 
_audit_author.pdbx_ordinal 
_audit_author.identifier_ORCID 
'Morrison, C.N.' 1 0000-0002-4180-8407 
'Dick, B.L.'     2 ?                   
'Credille, C.V.' 3 ?                   
'Cohen, S.M.'    4 0000-0002-5233-2280 
# 
_citation.abstract                  ? 
_citation.abstract_id_CAS           ? 
_citation.book_id_ISBN              ? 
_citation.book_publisher            ? 
_citation.book_publisher_city       ? 
_citation.book_title                ? 
_citation.coordinate_linkage        ? 
_citation.country                   US 
_citation.database_id_Medline       ? 
_citation.details                   ? 
_citation.id                        primary 
_citation.journal_abbrev            J.Med.Chem. 
_citation.journal_id_ASTM           JMCMAR 
_citation.journal_id_CSD            0151 
_citation.journal_id_ISSN           0022-2623 
_citation.journal_full              ? 
_citation.journal_issue             ? 
_citation.journal_volume            62 
_citation.language                  ? 
_citation.page_first                9438 
_citation.page_last                 9449 
_citation.title                     'SAR Exploration of Tight-Binding Inhibitors of Influenza Virus PA Endonuclease.' 
_citation.year                      2019 
_citation.database_id_CSD           ? 
_citation.pdbx_database_id_DOI      10.1021/acs.jmedchem.9b00747 
_citation.pdbx_database_id_PubMed   31536340 
_citation.unpublished_flag          ? 
# 
loop_
_citation_author.citation_id 
_citation_author.name 
_citation_author.ordinal 
_citation_author.identifier_ORCID 
primary 'Credille, C.V.' 1 ?                   
primary 'Morrison, C.N.' 2 0000-0002-4180-8407 
primary 'Stokes, R.W.'   3 ?                   
primary 'Dick, B.L.'     4 ?                   
primary 'Feng, Y.'       5 ?                   
primary 'Sun, J.'        6 ?                   
primary 'Chen, Y.'       7 0000-0002-3465-7380 
primary 'Cohen, S.M.'    8 0000-0002-5233-2280 
# 
loop_
_entity.id 
_entity.type 
_entity.src_method 
_entity.pdbx_description 
_entity.formula_weight 
_entity.pdbx_number_of_molecules 
_entity.pdbx_ec 
_entity.pdbx_mutation 
_entity.pdbx_fragment 
_entity.details 
1 polymer     man 'Polymerase acidic protein'                                                22468.666 1 3.1.-.- ? 
'N-terminal domain (UNP residues 1-198)' ? 
2 non-polymer syn 'MANGANESE (II) ION'                                                       54.938    2 ?       ? ? ? 
3 non-polymer syn '3-hydroxy-6-(2-methylphenyl)-4-oxo-1,4-dihydropyridine-2-carboxylic acid' 245.231   1 ?       ? ? ? 
4 water       nat water                                                                      18.015    1 ?       ? ? ? 
# 
_entity_name_com.entity_id   1 
_entity_name_com.name        'RNA-directed RNA polymerase subunit P2' 
# 
_entity_poly.entity_id                      1 
_entity_poly.type                           'polypeptide(L)' 
_entity_poly.nstd_linkage                   no 
_entity_poly.nstd_monomer                   no 
_entity_poly.pdbx_seq_one_letter_code       
;MGSGMAMEDFVRQCFNPMIVELAEKAMKEYGEDPKIETNKFAAICTHLEVCFMYSDFGSGDPNALLKHRFEIIEGRDRIM
AWTVVNSICNTTGVEKPKFLPDLYDYKENRFIEIGVTRREVHIYYLEKANKIKSEKTHIHIFSFTGEEMATKADYTLDEE
SRARIKTRLFTIRQEMASRSLWDSFRQSERGE
;
_entity_poly.pdbx_seq_one_letter_code_can   
;MGSGMAMEDFVRQCFNPMIVELAEKAMKEYGEDPKIETNKFAAICTHLEVCFMYSDFGSGDPNALLKHRFEIIEGRDRIM
AWTVVNSICNTTGVEKPKFLPDLYDYKENRFIEIGVTRREVHIYYLEKANKIKSEKTHIHIFSFTGEEMATKADYTLDEE
SRARIKTRLFTIRQEMASRSLWDSFRQSERGE
;
_entity_poly.pdbx_strand_id                 A 
_entity_poly.pdbx_target_identifier         ? 
# 
loop_
_pdbx_entity_nonpoly.entity_id 
_pdbx_entity_nonpoly.name 
_pdbx_entity_nonpoly.comp_id 
2 'MANGANESE (II) ION'                                                       MN  
3 '3-hydroxy-6-(2-methylphenyl)-4-oxo-1,4-dihydropyridine-2-carboxylic acid' HNS 
4 water                                                                      HOH 
# 
loop_
_entity_poly_seq.entity_id 
_entity_poly_seq.num 
_entity_poly_seq.mon_id 
_entity_poly_seq.hetero 
1 1   MET n 
1 2   GLY n 
1 3   SER n 
1 4   GLY n 
1 5   MET n 
1 6   ALA n 
1 7   MET n 
1 8   GLU n 
1 9   ASP n 
1 10  PHE n 
1 11  VAL n 
1 12  ARG n 
1 13  GLN n 
1 14  CYS n 
1 15  PHE n 
1 16  ASN n 
1 17  PRO n 
1 18  MET n 
1 19  ILE n 
1 20  VAL n 
1 21  GLU n 
1 22  LEU n 
1 23  ALA n 
1 24  GLU n 
1 25  LYS n 
1 26  ALA n 
1 27  MET n 
1 28  LYS n 
1 29  GLU n 
1 30  TYR n 
1 31  GLY n 
1 32  GLU n 
1 33  ASP n 
1 34  PRO n 
1 35  LYS n 
1 36  ILE n 
1 37  GLU n 
1 38  THR n 
1 39  ASN n 
1 40  LYS n 
1 41  PHE n 
1 42  ALA n 
1 43  ALA n 
1 44  ILE n 
1 45  CYS n 
1 46  THR n 
1 47  HIS n 
1 48  LEU n 
1 49  GLU n 
1 50  VAL n 
1 51  CYS n 
1 52  PHE n 
1 53  MET n 
1 54  TYR n 
1 55  SER n 
1 56  ASP n 
1 57  PHE n 
1 58  GLY n 
1 59  SER n 
1 60  GLY n 
1 61  ASP n 
1 62  PRO n 
1 63  ASN n 
1 64  ALA n 
1 65  LEU n 
1 66  LEU n 
1 67  LYS n 
1 68  HIS n 
1 69  ARG n 
1 70  PHE n 
1 71  GLU n 
1 72  ILE n 
1 73  ILE n 
1 74  GLU n 
1 75  GLY n 
1 76  ARG n 
1 77  ASP n 
1 78  ARG n 
1 79  ILE n 
1 80  MET n 
1 81  ALA n 
1 82  TRP n 
1 83  THR n 
1 84  VAL n 
1 85  VAL n 
1 86  ASN n 
1 87  SER n 
1 88  ILE n 
1 89  CYS n 
1 90  ASN n 
1 91  THR n 
1 92  THR n 
1 93  GLY n 
1 94  VAL n 
1 95  GLU n 
1 96  LYS n 
1 97  PRO n 
1 98  LYS n 
1 99  PHE n 
1 100 LEU n 
1 101 PRO n 
1 102 ASP n 
1 103 LEU n 
1 104 TYR n 
1 105 ASP n 
1 106 TYR n 
1 107 LYS n 
1 108 GLU n 
1 109 ASN n 
1 110 ARG n 
1 111 PHE n 
1 112 ILE n 
1 113 GLU n 
1 114 ILE n 
1 115 GLY n 
1 116 VAL n 
1 117 THR n 
1 118 ARG n 
1 119 ARG n 
1 120 GLU n 
1 121 VAL n 
1 122 HIS n 
1 123 ILE n 
1 124 TYR n 
1 125 TYR n 
1 126 LEU n 
1 127 GLU n 
1 128 LYS n 
1 129 ALA n 
1 130 ASN n 
1 131 LYS n 
1 132 ILE n 
1 133 LYS n 
1 134 SER n 
1 135 GLU n 
1 136 LYS n 
1 137 THR n 
1 138 HIS n 
1 139 ILE n 
1 140 HIS n 
1 141 ILE n 
1 142 PHE n 
1 143 SER n 
1 144 PHE n 
1 145 THR n 
1 146 GLY n 
1 147 GLU n 
1 148 GLU n 
1 149 MET n 
1 150 ALA n 
1 151 THR n 
1 152 LYS n 
1 153 ALA n 
1 154 ASP n 
1 155 TYR n 
1 156 THR n 
1 157 LEU n 
1 158 ASP n 
1 159 GLU n 
1 160 GLU n 
1 161 SER n 
1 162 ARG n 
1 163 ALA n 
1 164 ARG n 
1 165 ILE n 
1 166 LYS n 
1 167 THR n 
1 168 ARG n 
1 169 LEU n 
1 170 PHE n 
1 171 THR n 
1 172 ILE n 
1 173 ARG n 
1 174 GLN n 
1 175 GLU n 
1 176 MET n 
1 177 ALA n 
1 178 SER n 
1 179 ARG n 
1 180 SER n 
1 181 LEU n 
1 182 TRP n 
1 183 ASP n 
1 184 SER n 
1 185 PHE n 
1 186 ARG n 
1 187 GLN n 
1 188 SER n 
1 189 GLU n 
1 190 ARG n 
1 191 GLY n 
1 192 GLU n 
# 
_entity_src_gen.entity_id                          1 
_entity_src_gen.pdbx_src_id                        1 
_entity_src_gen.pdbx_alt_source_flag               sample 
_entity_src_gen.pdbx_seq_type                      'Biological sequence' 
_entity_src_gen.pdbx_beg_seq_num                   1 
_entity_src_gen.pdbx_end_seq_num                   192 
_entity_src_gen.gene_src_common_name               ? 
_entity_src_gen.gene_src_genus                     ? 
_entity_src_gen.pdbx_gene_src_gene                 PA 
_entity_src_gen.gene_src_species                   ? 
_entity_src_gen.gene_src_strain                    'swl A/California/04/2009 H1N1' 
_entity_src_gen.gene_src_tissue                    ? 
_entity_src_gen.gene_src_tissue_fraction           ? 
_entity_src_gen.gene_src_details                   ? 
_entity_src_gen.pdbx_gene_src_fragment             ? 
_entity_src_gen.pdbx_gene_src_scientific_name      'Influenza A virus' 
_entity_src_gen.pdbx_gene_src_ncbi_taxonomy_id     641501 
_entity_src_gen.pdbx_gene_src_variant              ? 
_entity_src_gen.pdbx_gene_src_cell_line            ? 
_entity_src_gen.pdbx_gene_src_atcc                 ? 
_entity_src_gen.pdbx_gene_src_organ                ? 
_entity_src_gen.pdbx_gene_src_organelle            ? 
_entity_src_gen.pdbx_gene_src_cell                 ? 
_entity_src_gen.pdbx_gene_src_cellular_location    ? 
_entity_src_gen.host_org_common_name               ? 
_entity_src_gen.pdbx_host_org_scientific_name      'Escherichia coli BL21' 
_entity_src_gen.pdbx_host_org_ncbi_taxonomy_id     511693 
_entity_src_gen.host_org_genus                     ? 
_entity_src_gen.pdbx_host_org_gene                 ? 
_entity_src_gen.pdbx_host_org_organ                ? 
_entity_src_gen.host_org_species                   ? 
_entity_src_gen.pdbx_host_org_tissue               ? 
_entity_src_gen.pdbx_host_org_tissue_fraction      ? 
_entity_src_gen.pdbx_host_org_strain               ? 
_entity_src_gen.pdbx_host_org_variant              ? 
_entity_src_gen.pdbx_host_org_cell_line            ? 
_entity_src_gen.pdbx_host_org_atcc                 ? 
_entity_src_gen.pdbx_host_org_culture_collection   ? 
_entity_src_gen.pdbx_host_org_cell                 ? 
_entity_src_gen.pdbx_host_org_organelle            ? 
_entity_src_gen.pdbx_host_org_cellular_location    ? 
_entity_src_gen.pdbx_host_org_vector_type          ? 
_entity_src_gen.pdbx_host_org_vector               ? 
_entity_src_gen.host_org_details                   ? 
_entity_src_gen.expression_system_id               ? 
_entity_src_gen.plasmid_name                       ? 
_entity_src_gen.plasmid_details                    ? 
_entity_src_gen.pdbx_description                   ? 
# 
loop_
_chem_comp.id 
_chem_comp.type 
_chem_comp.mon_nstd_flag 
_chem_comp.name 
_chem_comp.pdbx_synonyms 
_chem_comp.formula 
_chem_comp.formula_weight 
ALA 'L-peptide linking' y ALANINE                                                                    ? 'C3 H7 N O2'     89.093  
ARG 'L-peptide linking' y ARGININE                                                                   ? 'C6 H15 N4 O2 1' 175.209 
ASN 'L-peptide linking' y ASPARAGINE                                                                 ? 'C4 H8 N2 O3'    132.118 
ASP 'L-peptide linking' y 'ASPARTIC ACID'                                                            ? 'C4 H7 N O4'     133.103 
CYS 'L-peptide linking' y CYSTEINE                                                                   ? 'C3 H7 N O2 S'   121.158 
GLN 'L-peptide linking' y GLUTAMINE                                                                  ? 'C5 H10 N2 O3'   146.144 
GLU 'L-peptide linking' y 'GLUTAMIC ACID'                                                            ? 'C5 H9 N O4'     147.129 
GLY 'peptide linking'   y GLYCINE                                                                    ? 'C2 H5 N O2'     75.067  
HIS 'L-peptide linking' y HISTIDINE                                                                  ? 'C6 H10 N3 O2 1' 156.162 
HNS non-polymer         . '3-hydroxy-6-(2-methylphenyl)-4-oxo-1,4-dihydropyridine-2-carboxylic acid' ? 'C13 H11 N O4'   245.231 
HOH non-polymer         . WATER                                                                      ? 'H2 O'           18.015  
ILE 'L-peptide linking' y ISOLEUCINE                                                                 ? 'C6 H13 N O2'    131.173 
LEU 'L-peptide linking' y LEUCINE                                                                    ? 'C6 H13 N O2'    131.173 
LYS 'L-peptide linking' y LYSINE                                                                     ? 'C6 H15 N2 O2 1' 147.195 
MET 'L-peptide linking' y METHIONINE                                                                 ? 'C5 H11 N O2 S'  149.211 
MN  non-polymer         . 'MANGANESE (II) ION'                                                       ? 'Mn 2'           54.938  
PHE 'L-peptide linking' y PHENYLALANINE                                                              ? 'C9 H11 N O2'    165.189 
PRO 'L-peptide linking' y PROLINE                                                                    ? 'C5 H9 N O2'     115.130 
SER 'L-peptide linking' y SERINE                                                                     ? 'C3 H7 N O3'     105.093 
THR 'L-peptide linking' y THREONINE                                                                  ? 'C4 H9 N O3'     119.119 
TRP 'L-peptide linking' y TRYPTOPHAN                                                                 ? 'C11 H12 N2 O2'  204.225 
TYR 'L-peptide linking' y TYROSINE                                                                   ? 'C9 H11 N O3'    181.189 
VAL 'L-peptide linking' y VALINE                                                                     ? 'C5 H11 N O2'    117.146 
# 
loop_
_pdbx_poly_seq_scheme.asym_id 
_pdbx_poly_seq_scheme.entity_id 
_pdbx_poly_seq_scheme.seq_id 
_pdbx_poly_seq_scheme.mon_id 
_pdbx_poly_seq_scheme.ndb_seq_num 
_pdbx_poly_seq_scheme.pdb_seq_num 
_pdbx_poly_seq_scheme.auth_seq_num 
_pdbx_poly_seq_scheme.pdb_mon_id 
_pdbx_poly_seq_scheme.auth_mon_id 
_pdbx_poly_seq_scheme.pdb_strand_id 
_pdbx_poly_seq_scheme.pdb_ins_code 
_pdbx_poly_seq_scheme.hetero 
A 1 1   MET 1   -5  ?   ?   ?   A . n 
A 1 2   GLY 2   -4  ?   ?   ?   A . n 
A 1 3   SER 3   -3  ?   ?   ?   A . n 
A 1 4   GLY 4   -2  ?   ?   ?   A . n 
A 1 5   MET 5   -1  ?   ?   ?   A . n 
A 1 6   ALA 6   0   0   ALA ALA A . n 
A 1 7   MET 7   1   1   MET MET A . n 
A 1 8   GLU 8   2   2   GLU GLU A . n 
A 1 9   ASP 9   3   3   ASP ASP A . n 
A 1 10  PHE 10  4   4   PHE PHE A . n 
A 1 11  VAL 11  5   5   VAL VAL A . n 
A 1 12  ARG 12  6   6   ARG ARG A . n 
A 1 13  GLN 13  7   7   GLN GLN A . n 
A 1 14  CYS 14  8   8   CYS CYS A . n 
A 1 15  PHE 15  9   9   PHE PHE A . n 
A 1 16  ASN 16  10  10  ASN ASN A . n 
A 1 17  PRO 17  11  11  PRO PRO A . n 
A 1 18  MET 18  12  12  MET MET A . n 
A 1 19  ILE 19  13  13  ILE ILE A . n 
A 1 20  VAL 20  14  14  VAL VAL A . n 
A 1 21  GLU 21  15  15  GLU GLU A . n 
A 1 22  LEU 22  16  16  LEU LEU A . n 
A 1 23  ALA 23  17  17  ALA ALA A . n 
A 1 24  GLU 24  18  18  GLU GLU A . n 
A 1 25  LYS 25  19  19  LYS LYS A . n 
A 1 26  ALA 26  20  20  ALA ALA A . n 
A 1 27  MET 27  21  21  MET MET A . n 
A 1 28  LYS 28  22  22  LYS LYS A . n 
A 1 29  GLU 29  23  23  GLU GLU A . n 
A 1 30  TYR 30  24  24  TYR TYR A . n 
A 1 31  GLY 31  25  25  GLY GLY A . n 
A 1 32  GLU 32  26  26  GLU GLU A . n 
A 1 33  ASP 33  27  27  ASP ASP A . n 
A 1 34  PRO 34  28  28  PRO PRO A . n 
A 1 35  LYS 35  29  29  LYS LYS A . n 
A 1 36  ILE 36  30  30  ILE ILE A . n 
A 1 37  GLU 37  31  31  GLU GLU A . n 
A 1 38  THR 38  32  32  THR THR A . n 
A 1 39  ASN 39  33  33  ASN ASN A . n 
A 1 40  LYS 40  34  34  LYS LYS A . n 
A 1 41  PHE 41  35  35  PHE PHE A . n 
A 1 42  ALA 42  36  36  ALA ALA A . n 
A 1 43  ALA 43  37  37  ALA ALA A . n 
A 1 44  ILE 44  38  38  ILE ILE A . n 
A 1 45  CYS 45  39  39  CYS CYS A . n 
A 1 46  THR 46  40  40  THR THR A . n 
A 1 47  HIS 47  41  41  HIS HIS A . n 
A 1 48  LEU 48  42  42  LEU LEU A . n 
A 1 49  GLU 49  43  43  GLU GLU A . n 
A 1 50  VAL 50  44  44  VAL VAL A . n 
A 1 51  CYS 51  45  45  CYS CYS A . n 
A 1 52  PHE 52  46  46  PHE PHE A . n 
A 1 53  MET 53  47  47  MET MET A . n 
A 1 54  TYR 54  48  48  TYR TYR A . n 
A 1 55  SER 55  49  49  SER SER A . n 
A 1 56  ASP 56  50  50  ASP ASP A . n 
A 1 57  PHE 57  51  51  PHE PHE A . n 
A 1 58  GLY 58  52  52  GLY GLY A . n 
A 1 59  SER 59  65  ?   ?   ?   A . n 
A 1 60  GLY 60  66  ?   ?   ?   A . n 
A 1 61  ASP 61  67  ?   ?   ?   A . n 
A 1 62  PRO 62  68  ?   ?   ?   A . n 
A 1 63  ASN 63  69  ?   ?   ?   A . n 
A 1 64  ALA 64  70  ?   ?   ?   A . n 
A 1 65  LEU 65  71  ?   ?   ?   A . n 
A 1 66  LEU 66  72  72  LEU LEU A . n 
A 1 67  LYS 67  73  73  LYS LYS A . n 
A 1 68  HIS 68  74  74  HIS HIS A . n 
A 1 69  ARG 69  75  75  ARG ARG A . n 
A 1 70  PHE 70  76  76  PHE PHE A . n 
A 1 71  GLU 71  77  77  GLU GLU A . n 
A 1 72  ILE 72  78  78  ILE ILE A . n 
A 1 73  ILE 73  79  79  ILE ILE A . n 
A 1 74  GLU 74  80  80  GLU GLU A . n 
A 1 75  GLY 75  81  81  GLY GLY A . n 
A 1 76  ARG 76  82  82  ARG ARG A . n 
A 1 77  ASP 77  83  83  ASP ASP A . n 
A 1 78  ARG 78  84  84  ARG ARG A . n 
A 1 79  ILE 79  85  85  ILE ILE A . n 
A 1 80  MET 80  86  86  MET MET A . n 
A 1 81  ALA 81  87  87  ALA ALA A . n 
A 1 82  TRP 82  88  88  TRP TRP A . n 
A 1 83  THR 83  89  89  THR THR A . n 
A 1 84  VAL 84  90  90  VAL VAL A . n 
A 1 85  VAL 85  91  91  VAL VAL A . n 
A 1 86  ASN 86  92  92  ASN ASN A . n 
A 1 87  SER 87  93  93  SER SER A . n 
A 1 88  ILE 88  94  94  ILE ILE A . n 
A 1 89  CYS 89  95  95  CYS CYS A . n 
A 1 90  ASN 90  96  96  ASN ASN A . n 
A 1 91  THR 91  97  97  THR THR A . n 
A 1 92  THR 92  98  98  THR THR A . n 
A 1 93  GLY 93  99  99  GLY GLY A . n 
A 1 94  VAL 94  100 100 VAL VAL A . n 
A 1 95  GLU 95  101 101 GLU GLU A . n 
A 1 96  LYS 96  102 102 LYS LYS A . n 
A 1 97  PRO 97  103 103 PRO PRO A . n 
A 1 98  LYS 98  104 104 LYS LYS A . n 
A 1 99  PHE 99  105 105 PHE PHE A . n 
A 1 100 LEU 100 106 106 LEU LEU A . n 
A 1 101 PRO 101 107 107 PRO PRO A . n 
A 1 102 ASP 102 108 108 ASP ASP A . n 
A 1 103 LEU 103 109 109 LEU LEU A . n 
A 1 104 TYR 104 110 110 TYR TYR A . n 
A 1 105 ASP 105 111 111 ASP ASP A . n 
A 1 106 TYR 106 112 112 TYR TYR A . n 
A 1 107 LYS 107 113 113 LYS LYS A . n 
A 1 108 GLU 108 114 114 GLU GLU A . n 
A 1 109 ASN 109 115 115 ASN ASN A . n 
A 1 110 ARG 110 116 116 ARG ARG A . n 
A 1 111 PHE 111 117 117 PHE PHE A . n 
A 1 112 ILE 112 118 118 ILE ILE A . n 
A 1 113 GLU 113 119 119 GLU GLU A . n 
A 1 114 ILE 114 120 120 ILE ILE A . n 
A 1 115 GLY 115 121 121 GLY GLY A . n 
A 1 116 VAL 116 122 122 VAL VAL A . n 
A 1 117 THR 117 123 123 THR THR A . n 
A 1 118 ARG 118 124 124 ARG ARG A . n 
A 1 119 ARG 119 125 125 ARG ARG A . n 
A 1 120 GLU 120 126 126 GLU GLU A . n 
A 1 121 VAL 121 127 127 VAL VAL A . n 
A 1 122 HIS 122 128 128 HIS HIS A . n 
A 1 123 ILE 123 129 129 ILE ILE A . n 
A 1 124 TYR 124 130 130 TYR TYR A . n 
A 1 125 TYR 125 131 131 TYR TYR A . n 
A 1 126 LEU 126 132 132 LEU LEU A . n 
A 1 127 GLU 127 133 133 GLU GLU A . n 
A 1 128 LYS 128 134 134 LYS LYS A . n 
A 1 129 ALA 129 135 135 ALA ALA A . n 
A 1 130 ASN 130 136 136 ASN ASN A . n 
A 1 131 LYS 131 137 137 LYS LYS A . n 
A 1 132 ILE 132 138 138 ILE ILE A . n 
A 1 133 LYS 133 139 ?   ?   ?   A . n 
A 1 134 SER 134 140 ?   ?   ?   A . n 
A 1 135 GLU 135 141 141 GLU GLU A . n 
A 1 136 LYS 136 142 142 LYS LYS A . n 
A 1 137 THR 137 143 143 THR THR A . n 
A 1 138 HIS 138 144 144 HIS HIS A . n 
A 1 139 ILE 139 145 145 ILE ILE A . n 
A 1 140 HIS 140 146 146 HIS HIS A . n 
A 1 141 ILE 141 147 147 ILE ILE A . n 
A 1 142 PHE 142 148 148 PHE PHE A . n 
A 1 143 SER 143 149 149 SER SER A . n 
A 1 144 PHE 144 150 150 PHE PHE A . n 
A 1 145 THR 145 151 151 THR THR A . n 
A 1 146 GLY 146 152 152 GLY GLY A . n 
A 1 147 GLU 147 153 153 GLU GLU A . n 
A 1 148 GLU 148 154 154 GLU GLU A . n 
A 1 149 MET 149 155 155 MET MET A . n 
A 1 150 ALA 150 156 156 ALA ALA A . n 
A 1 151 THR 151 157 157 THR THR A . n 
A 1 152 LYS 152 158 158 LYS LYS A . n 
A 1 153 ALA 153 159 159 ALA ALA A . n 
A 1 154 ASP 154 160 160 ASP ASP A . n 
A 1 155 TYR 155 161 161 TYR TYR A . n 
A 1 156 THR 156 162 162 THR THR A . n 
A 1 157 LEU 157 163 163 LEU LEU A . n 
A 1 158 ASP 158 164 164 ASP ASP A . n 
A 1 159 GLU 159 165 165 GLU GLU A . n 
A 1 160 GLU 160 166 166 GLU GLU A . n 
A 1 161 SER 161 167 167 SER SER A . n 
A 1 162 ARG 162 168 168 ARG ARG A . n 
A 1 163 ALA 163 169 169 ALA ALA A . n 
A 1 164 ARG 164 170 170 ARG ARG A . n 
A 1 165 ILE 165 171 171 ILE ILE A . n 
A 1 166 LYS 166 172 172 LYS LYS A . n 
A 1 167 THR 167 173 173 THR THR A . n 
A 1 168 ARG 168 174 174 ARG ARG A . n 
A 1 169 LEU 169 175 175 LEU LEU A . n 
A 1 170 PHE 170 176 176 PHE PHE A . n 
A 1 171 THR 171 177 177 THR THR A . n 
A 1 172 ILE 172 178 178 ILE ILE A . n 
A 1 173 ARG 173 179 179 ARG ARG A . n 
A 1 174 GLN 174 180 180 GLN GLN A . n 
A 1 175 GLU 175 181 181 GLU GLU A . n 
A 1 176 MET 176 182 182 MET MET A . n 
A 1 177 ALA 177 183 183 ALA ALA A . n 
A 1 178 SER 178 184 184 SER SER A . n 
A 1 179 ARG 179 185 185 ARG ARG A . n 
A 1 180 SER 180 186 186 SER SER A . n 
A 1 181 LEU 181 187 187 LEU LEU A . n 
A 1 182 TRP 182 188 188 TRP TRP A . n 
A 1 183 ASP 183 189 189 ASP ASP A . n 
A 1 184 SER 184 190 190 SER SER A . n 
A 1 185 PHE 185 191 191 PHE PHE A . n 
A 1 186 ARG 186 192 192 ARG ARG A . n 
A 1 187 GLN 187 193 193 GLN GLN A . n 
A 1 188 SER 188 194 194 SER SER A . n 
A 1 189 GLU 189 195 195 GLU GLU A . n 
A 1 190 ARG 190 196 ?   ?   ?   A . n 
A 1 191 GLY 191 197 ?   ?   ?   A . n 
A 1 192 GLU 192 198 ?   ?   ?   A . n 
# 
loop_
_pdbx_nonpoly_scheme.asym_id 
_pdbx_nonpoly_scheme.entity_id 
_pdbx_nonpoly_scheme.mon_id 
_pdbx_nonpoly_scheme.ndb_seq_num 
_pdbx_nonpoly_scheme.pdb_seq_num 
_pdbx_nonpoly_scheme.auth_seq_num 
_pdbx_nonpoly_scheme.pdb_mon_id 
_pdbx_nonpoly_scheme.auth_mon_id 
_pdbx_nonpoly_scheme.pdb_strand_id 
_pdbx_nonpoly_scheme.pdb_ins_code 
B 2 MN  1 901  901 MN  MN  A . 
C 2 MN  1 902  902 MN  MN  A . 
D 3 HNS 1 903  1   HNS DRG A . 
E 4 HOH 1 1001 1   HOH HOH A . 
# 
loop_
_software.citation_id 
_software.classification 
_software.compiler_name 
_software.compiler_version 
_software.contact_author 
_software.contact_author_email 
_software.date 
_software.description 
_software.dependencies 
_software.hardware 
_software.language 
_software.location 
_software.mods 
_software.name 
_software.os 
_software.os_version 
_software.type 
_software.version 
_software.pdbx_ordinal 
? refinement       ? ? ? ? ? ? ? ? ? ? ? REFMAC ? ? ? 5.8.0230 1 
? 'data reduction' ? ? ? ? ? ? ? ? ? ? ? APEX   ? ? ? APEX3    2 
? 'data scaling'   ? ? ? ? ? ? ? ? ? ? ? APEX   ? ? ? APEX3    3 
? phasing          ? ? ? ? ? ? ? ? ? ? ? PHASER ? ? ? .        4 
? 'model building' ? ? ? ? ? ? ? ? ? ? ? Coot   ? ? ? .        5 
# 
_cell.angle_alpha                  90.00 
_cell.angle_alpha_esd              ? 
_cell.angle_beta                   90.00 
_cell.angle_beta_esd               ? 
_cell.angle_gamma                  120.00 
_cell.angle_gamma_esd              ? 
_cell.entry_id                     6E3N 
_cell.details                      ? 
_cell.formula_units_Z              ? 
_cell.length_a                     74.481 
_cell.length_a_esd                 ? 
_cell.length_b                     74.481 
_cell.length_b_esd                 ? 
_cell.length_c                     119.189 
_cell.length_c_esd                 ? 
_cell.volume                       ? 
_cell.volume_esd                   ? 
_cell.Z_PDB                        12 
_cell.reciprocal_angle_alpha       ? 
_cell.reciprocal_angle_beta        ? 
_cell.reciprocal_angle_gamma       ? 
_cell.reciprocal_angle_alpha_esd   ? 
_cell.reciprocal_angle_beta_esd    ? 
_cell.reciprocal_angle_gamma_esd   ? 
_cell.reciprocal_length_a          ? 
_cell.reciprocal_length_b          ? 
_cell.reciprocal_length_c          ? 
_cell.reciprocal_length_a_esd      ? 
_cell.reciprocal_length_b_esd      ? 
_cell.reciprocal_length_c_esd      ? 
_cell.pdbx_unique_axis             ? 
# 
_symmetry.entry_id                         6E3N 
_symmetry.cell_setting                     ? 
_symmetry.Int_Tables_number                180 
_symmetry.space_group_name_Hall            ? 
_symmetry.space_group_name_H-M             'P 62 2 2' 
_symmetry.pdbx_full_space_group_name_H-M   ? 
# 
_exptl.absorpt_coefficient_mu     ? 
_exptl.absorpt_correction_T_max   ? 
_exptl.absorpt_correction_T_min   ? 
_exptl.absorpt_correction_type    ? 
_exptl.absorpt_process_details    ? 
_exptl.entry_id                   6E3N 
_exptl.crystals_number            1 
_exptl.details                    ? 
_exptl.method                     'X-RAY DIFFRACTION' 
_exptl.method_details             ? 
# 
_exptl_crystal.colour                      ? 
_exptl_crystal.density_diffrn              ? 
_exptl_crystal.density_Matthews            2.12 
_exptl_crystal.density_method              ? 
_exptl_crystal.density_percent_sol         42.08 
_exptl_crystal.description                 ? 
_exptl_crystal.F_000                       ? 
_exptl_crystal.id                          1 
_exptl_crystal.preparation                 ? 
_exptl_crystal.size_max                    ? 
_exptl_crystal.size_mid                    ? 
_exptl_crystal.size_min                    ? 
_exptl_crystal.size_rad                    ? 
_exptl_crystal.colour_lustre               ? 
_exptl_crystal.colour_modifier             ? 
_exptl_crystal.colour_primary              ? 
_exptl_crystal.density_meas                ? 
_exptl_crystal.density_meas_esd            ? 
_exptl_crystal.density_meas_gt             ? 
_exptl_crystal.density_meas_lt             ? 
_exptl_crystal.density_meas_temp           ? 
_exptl_crystal.density_meas_temp_esd       ? 
_exptl_crystal.density_meas_temp_gt        ? 
_exptl_crystal.density_meas_temp_lt        ? 
_exptl_crystal.pdbx_crystal_image_url      ? 
_exptl_crystal.pdbx_crystal_image_format   ? 
_exptl_crystal.pdbx_mosaicity              ? 
_exptl_crystal.pdbx_mosaicity_esd          ? 
# 
_exptl_crystal_grow.apparatus       ? 
_exptl_crystal_grow.atmosphere      ? 
_exptl_crystal_grow.crystal_id      1 
_exptl_crystal_grow.details         ? 
_exptl_crystal_grow.method          'VAPOR DIFFUSION, HANGING DROP' 
_exptl_crystal_grow.method_ref      ? 
_exptl_crystal_grow.pH              7.8 
_exptl_crystal_grow.pressure        ? 
_exptl_crystal_grow.pressure_esd    ? 
_exptl_crystal_grow.seeding         ? 
_exptl_crystal_grow.seeding_ref     ? 
_exptl_crystal_grow.temp            306 
_exptl_crystal_grow.temp_details    ? 
_exptl_crystal_grow.temp_esd        ? 
_exptl_crystal_grow.time            ? 
_exptl_crystal_grow.pdbx_details    '30% PEG4000, 100 mM Tris, pH 8.35, 200-220 mM sodium acetate' 
_exptl_crystal_grow.pdbx_pH_range   ? 
# 
_diffrn.ambient_environment    ? 
_diffrn.ambient_temp           100 
_diffrn.ambient_temp_details   ? 
_diffrn.ambient_temp_esd       ? 
_diffrn.crystal_id             1 
_diffrn.crystal_support        ? 
_diffrn.crystal_treatment      ? 
_diffrn.details                ? 
_diffrn.id                     1 
_diffrn.ambient_pressure       ? 
_diffrn.ambient_pressure_esd   ? 
_diffrn.ambient_pressure_gt    ? 
_diffrn.ambient_pressure_lt    ? 
_diffrn.ambient_temp_gt        ? 
_diffrn.ambient_temp_lt        ? 
# 
_diffrn_detector.details                      ? 
_diffrn_detector.detector                     CCD 
_diffrn_detector.diffrn_id                    1 
_diffrn_detector.type                         'APEX II CCD' 
_diffrn_detector.area_resol_mean              ? 
_diffrn_detector.dtime                        ? 
_diffrn_detector.pdbx_frames_total            ? 
_diffrn_detector.pdbx_collection_time_total   ? 
_diffrn_detector.pdbx_collection_date         2017-09-18 
# 
_diffrn_radiation.collimation                      ? 
_diffrn_radiation.diffrn_id                        1 
_diffrn_radiation.filter_edge                      ? 
_diffrn_radiation.inhomogeneity                    ? 
_diffrn_radiation.monochromator                    ? 
_diffrn_radiation.polarisn_norm                    ? 
_diffrn_radiation.polarisn_ratio                   ? 
_diffrn_radiation.probe                            ? 
_diffrn_radiation.type                             ? 
_diffrn_radiation.xray_symbol                      ? 
_diffrn_radiation.wavelength_id                    1 
_diffrn_radiation.pdbx_monochromatic_or_laue_m_l   M 
_diffrn_radiation.pdbx_wavelength_list             ? 
_diffrn_radiation.pdbx_wavelength                  ? 
_diffrn_radiation.pdbx_diffrn_protocol             'SINGLE WAVELENGTH' 
_diffrn_radiation.pdbx_analyzer                    ? 
_diffrn_radiation.pdbx_scattering_type             x-ray 
# 
_diffrn_radiation_wavelength.id           1 
_diffrn_radiation_wavelength.wavelength   1.54 
_diffrn_radiation_wavelength.wt           1.0 
# 
_diffrn_source.current                     ? 
_diffrn_source.details                     ? 
_diffrn_source.diffrn_id                   1 
_diffrn_source.power                       ? 
_diffrn_source.size                        ? 
_diffrn_source.source                      'ROTATING ANODE' 
_diffrn_source.target                      ? 
_diffrn_source.type                        'BRUKER AXS MICROSTAR' 
_diffrn_source.voltage                     ? 
_diffrn_source.take-off_angle              ? 
_diffrn_source.pdbx_wavelength_list        1.54 
_diffrn_source.pdbx_wavelength             ? 
_diffrn_source.pdbx_synchrotron_beamline   ? 
_diffrn_source.pdbx_synchrotron_site       ? 
# 
_reflns.B_iso_Wilson_estimate            ? 
_reflns.entry_id                         6E3N 
_reflns.data_reduction_details           ? 
_reflns.data_reduction_method            ? 
_reflns.d_resolution_high                3.19 
_reflns.d_resolution_low                 37.24 
_reflns.details                          ? 
_reflns.limit_h_max                      ? 
_reflns.limit_h_min                      ? 
_reflns.limit_k_max                      ? 
_reflns.limit_k_min                      ? 
_reflns.limit_l_max                      ? 
_reflns.limit_l_min                      ? 
_reflns.number_all                       ? 
_reflns.number_obs                       3603 
_reflns.observed_criterion               ? 
_reflns.observed_criterion_F_max         ? 
_reflns.observed_criterion_F_min         ? 
_reflns.observed_criterion_I_max         ? 
_reflns.observed_criterion_I_min         ? 
_reflns.observed_criterion_sigma_F       ? 
_reflns.observed_criterion_sigma_I       ? 
_reflns.percent_possible_obs             99.7 
_reflns.R_free_details                   ? 
_reflns.Rmerge_F_all                     ? 
_reflns.Rmerge_F_obs                     ? 
_reflns.Friedel_coverage                 ? 
_reflns.number_gt                        ? 
_reflns.threshold_expression             ? 
_reflns.pdbx_redundancy                  18.95 
_reflns.pdbx_Rmerge_I_obs                0.1828 
_reflns.pdbx_Rmerge_I_all                ? 
_reflns.pdbx_Rsym_value                  ? 
_reflns.pdbx_netI_over_av_sigmaI         ? 
_reflns.pdbx_netI_over_sigmaI            13.83 
_reflns.pdbx_res_netI_over_av_sigmaI_2   ? 
_reflns.pdbx_res_netI_over_sigmaI_2      ? 
_reflns.pdbx_chi_squared                 ? 
_reflns.pdbx_scaling_rejects             ? 
_reflns.pdbx_d_res_high_opt              ? 
_reflns.pdbx_d_res_low_opt               ? 
_reflns.pdbx_d_res_opt_method            ? 
_reflns.phase_calculation_details        ? 
_reflns.pdbx_Rrim_I_all                  ? 
_reflns.pdbx_Rpim_I_all                  ? 
_reflns.pdbx_d_opt                       ? 
_reflns.pdbx_number_measured_all         ? 
_reflns.pdbx_diffrn_id                   1 
_reflns.pdbx_ordinal                     1 
_reflns.pdbx_CC_half                     ? 
_reflns.pdbx_R_split                     ? 
# 
_reflns_shell.d_res_high                  3.19 
_reflns_shell.d_res_low                   3.29 
_reflns_shell.meanI_over_sigI_all         ? 
_reflns_shell.meanI_over_sigI_obs         3.27 
_reflns_shell.number_measured_all         ? 
_reflns_shell.number_measured_obs         ? 
_reflns_shell.number_possible             ? 
_reflns_shell.number_unique_all           ? 
_reflns_shell.number_unique_obs           286 
_reflns_shell.percent_possible_all        99.0 
_reflns_shell.percent_possible_obs        ? 
_reflns_shell.Rmerge_F_all                ? 
_reflns_shell.Rmerge_F_obs                ? 
_reflns_shell.Rmerge_I_all                ? 
_reflns_shell.Rmerge_I_obs                0.4231 
_reflns_shell.meanI_over_sigI_gt          ? 
_reflns_shell.meanI_over_uI_all           ? 
_reflns_shell.meanI_over_uI_gt            ? 
_reflns_shell.number_measured_gt          ? 
_reflns_shell.number_unique_gt            ? 
_reflns_shell.percent_possible_gt         ? 
_reflns_shell.Rmerge_F_gt                 ? 
_reflns_shell.Rmerge_I_gt                 ? 
_reflns_shell.pdbx_redundancy             12.97 
_reflns_shell.pdbx_Rsym_value             ? 
_reflns_shell.pdbx_chi_squared            ? 
_reflns_shell.pdbx_netI_over_sigmaI_all   ? 
_reflns_shell.pdbx_netI_over_sigmaI_obs   ? 
_reflns_shell.pdbx_Rrim_I_all             ? 
_reflns_shell.pdbx_Rpim_I_all             ? 
_reflns_shell.pdbx_rejects                ? 
_reflns_shell.pdbx_ordinal                1 
_reflns_shell.pdbx_diffrn_id              1 
_reflns_shell.pdbx_CC_half                ? 
_reflns_shell.pdbx_R_split                ? 
# 
_refine.aniso_B[1][1]                            -0.08 
_refine.aniso_B[1][2]                            -0.04 
_refine.aniso_B[1][3]                            -0.00 
_refine.aniso_B[2][2]                            -0.08 
_refine.aniso_B[2][3]                            0.00 
_refine.aniso_B[3][3]                            0.26 
_refine.B_iso_max                                ? 
_refine.B_iso_mean                               40.424 
_refine.B_iso_min                                ? 
_refine.correlation_coeff_Fo_to_Fc               0.928 
_refine.correlation_coeff_Fo_to_Fc_free          0.825 
_refine.details                                  'HYDROGENS HAVE BEEN ADDED IN THE RIDING POSITIONS' 
_refine.diff_density_max                         ? 
_refine.diff_density_max_esd                     ? 
_refine.diff_density_min                         ? 
_refine.diff_density_min_esd                     ? 
_refine.diff_density_rms                         ? 
_refine.diff_density_rms_esd                     ? 
_refine.entry_id                                 6E3N 
_refine.pdbx_refine_id                           'X-RAY DIFFRACTION' 
_refine.ls_abs_structure_details                 ? 
_refine.ls_abs_structure_Flack                   ? 
_refine.ls_abs_structure_Flack_esd               ? 
_refine.ls_abs_structure_Rogers                  ? 
_refine.ls_abs_structure_Rogers_esd              ? 
_refine.ls_d_res_high                            3.19 
_refine.ls_d_res_low                             37.24 
_refine.ls_extinction_coef                       ? 
_refine.ls_extinction_coef_esd                   ? 
_refine.ls_extinction_expression                 ? 
_refine.ls_extinction_method                     ? 
_refine.ls_goodness_of_fit_all                   ? 
_refine.ls_goodness_of_fit_all_esd               ? 
_refine.ls_goodness_of_fit_obs                   ? 
_refine.ls_goodness_of_fit_obs_esd               ? 
_refine.ls_hydrogen_treatment                    ? 
_refine.ls_matrix_type                           ? 
_refine.ls_number_constraints                    ? 
_refine.ls_number_parameters                     ? 
_refine.ls_number_reflns_all                     ? 
_refine.ls_number_reflns_obs                     2962 
_refine.ls_number_reflns_R_free                  615 
_refine.ls_number_reflns_R_work                  ? 
_refine.ls_number_restraints                     ? 
_refine.ls_percent_reflns_obs                    99.72 
_refine.ls_percent_reflns_R_free                 17.2 
_refine.ls_R_factor_all                          ? 
_refine.ls_R_factor_obs                          0.20973 
_refine.ls_R_factor_R_free                       0.28475 
_refine.ls_R_factor_R_free_error                 ? 
_refine.ls_R_factor_R_free_error_details         ? 
_refine.ls_R_factor_R_work                       0.19493 
_refine.ls_R_Fsqd_factor_obs                     ? 
_refine.ls_R_I_factor_obs                        ? 
_refine.ls_redundancy_reflns_all                 ? 
_refine.ls_redundancy_reflns_obs                 ? 
_refine.ls_restrained_S_all                      ? 
_refine.ls_restrained_S_obs                      ? 
_refine.ls_shift_over_esd_max                    ? 
_refine.ls_shift_over_esd_mean                   ? 
_refine.ls_structure_factor_coef                 ? 
_refine.ls_weighting_details                     ? 
_refine.ls_weighting_scheme                      ? 
_refine.ls_wR_factor_all                         ? 
_refine.ls_wR_factor_obs                         ? 
_refine.ls_wR_factor_R_free                      ? 
_refine.ls_wR_factor_R_work                      ? 
_refine.occupancy_max                            ? 
_refine.occupancy_min                            ? 
_refine.solvent_model_details                    ? 
_refine.solvent_model_param_bsol                 ? 
_refine.solvent_model_param_ksol                 ? 
_refine.ls_R_factor_gt                           ? 
_refine.ls_goodness_of_fit_gt                    ? 
_refine.ls_goodness_of_fit_ref                   ? 
_refine.ls_shift_over_su_max                     ? 
_refine.ls_shift_over_su_max_lt                  ? 
_refine.ls_shift_over_su_mean                    ? 
_refine.ls_shift_over_su_mean_lt                 ? 
_refine.pdbx_ls_sigma_I                          ? 
_refine.pdbx_ls_sigma_F                          ? 
_refine.pdbx_ls_sigma_Fsqd                       ? 
_refine.pdbx_data_cutoff_high_absF               ? 
_refine.pdbx_data_cutoff_high_rms_absF           ? 
_refine.pdbx_data_cutoff_low_absF                ? 
_refine.pdbx_isotropic_thermal_model             ? 
_refine.pdbx_ls_cross_valid_method               THROUGHOUT 
_refine.pdbx_method_to_determine_struct          ? 
_refine.pdbx_starting_model                      ? 
_refine.pdbx_stereochemistry_target_values       ? 
_refine.pdbx_R_Free_selection_details            RANDOM 
_refine.pdbx_stereochem_target_val_spec_case     ? 
_refine.pdbx_overall_ESU_R                       ? 
_refine.pdbx_overall_ESU_R_Free                  0.685 
_refine.pdbx_solvent_vdw_probe_radii             1.20 
_refine.pdbx_solvent_ion_probe_radii             0.80 
_refine.pdbx_solvent_shrinkage_radii             0.80 
_refine.pdbx_real_space_R                        ? 
_refine.pdbx_density_correlation                 ? 
_refine.pdbx_pd_number_of_powder_patterns        ? 
_refine.pdbx_pd_number_of_points                 ? 
_refine.pdbx_pd_meas_number_of_points            ? 
_refine.pdbx_pd_proc_ls_prof_R_factor            ? 
_refine.pdbx_pd_proc_ls_prof_wR_factor           ? 
_refine.pdbx_pd_Marquardt_correlation_coeff      ? 
_refine.pdbx_pd_Fsqrd_R_factor                   ? 
_refine.pdbx_pd_ls_matrix_band_width             ? 
_refine.pdbx_overall_phase_error                 ? 
_refine.pdbx_overall_SU_R_free_Cruickshank_DPI   ? 
_refine.pdbx_overall_SU_R_free_Blow_DPI          ? 
_refine.pdbx_overall_SU_R_Blow_DPI               ? 
_refine.pdbx_TLS_residual_ADP_flag               ? 
_refine.pdbx_diffrn_id                           1 
_refine.overall_SU_B                             26.269 
_refine.overall_SU_ML                            0.437 
_refine.overall_SU_R_Cruickshank_DPI             ? 
_refine.overall_SU_R_free                        ? 
_refine.overall_FOM_free_R_set                   ? 
_refine.overall_FOM_work_R_set                   ? 
_refine.pdbx_average_fsc_overall                 ? 
_refine.pdbx_average_fsc_work                    ? 
_refine.pdbx_average_fsc_free                    ? 
# 
_refine_hist.pdbx_refine_id                   'X-RAY DIFFRACTION' 
_refine_hist.cycle_id                         1 
_refine_hist.pdbx_number_atoms_protein        1457 
_refine_hist.pdbx_number_atoms_nucleic_acid   0 
_refine_hist.pdbx_number_atoms_ligand         20 
_refine_hist.number_atoms_solvent             1 
_refine_hist.number_atoms_total               1478 
_refine_hist.d_res_high                       3.19 
_refine_hist.d_res_low                        37.24 
# 
loop_
_refine_ls_restr.pdbx_refine_id 
_refine_ls_restr.criterion 
_refine_ls_restr.dev_ideal 
_refine_ls_restr.dev_ideal_target 
_refine_ls_restr.number 
_refine_ls_restr.rejects 
_refine_ls_restr.type 
_refine_ls_restr.weight 
_refine_ls_restr.pdbx_restraint_function 
'X-RAY DIFFRACTION' ? 0.008  0.014  1505 ? r_bond_refined_d             ? ? 
'X-RAY DIFFRACTION' ? 0.002  0.017  1335 ? r_bond_other_d               ? ? 
'X-RAY DIFFRACTION' ? 1.249  1.681  2020 ? r_angle_refined_deg          ? ? 
'X-RAY DIFFRACTION' ? 0.824  1.644  3129 ? r_angle_other_deg            ? ? 
'X-RAY DIFFRACTION' ? 6.768  5.000  172  ? r_dihedral_angle_1_deg       ? ? 
'X-RAY DIFFRACTION' ? 36.503 21.429 91   ? r_dihedral_angle_2_deg       ? ? 
'X-RAY DIFFRACTION' ? 20.944 15.000 281  ? r_dihedral_angle_3_deg       ? ? 
'X-RAY DIFFRACTION' ? 24.850 15.000 13   ? r_dihedral_angle_4_deg       ? ? 
'X-RAY DIFFRACTION' ? 0.054  0.200  196  ? r_chiral_restr               ? ? 
'X-RAY DIFFRACTION' ? 0.004  0.020  1667 ? r_gen_planes_refined         ? ? 
'X-RAY DIFFRACTION' ? 0.001  0.020  297  ? r_gen_planes_other           ? ? 
'X-RAY DIFFRACTION' ? ?      ?      ?    ? r_nbd_refined                ? ? 
'X-RAY DIFFRACTION' ? ?      ?      ?    ? r_nbd_other                  ? ? 
'X-RAY DIFFRACTION' ? ?      ?      ?    ? r_nbtor_refined              ? ? 
'X-RAY DIFFRACTION' ? ?      ?      ?    ? r_nbtor_other                ? ? 
'X-RAY DIFFRACTION' ? ?      ?      ?    ? r_xyhbond_nbd_refined        ? ? 
'X-RAY DIFFRACTION' ? ?      ?      ?    ? r_xyhbond_nbd_other          ? ? 
'X-RAY DIFFRACTION' ? ?      ?      ?    ? r_metal_ion_refined          ? ? 
'X-RAY DIFFRACTION' ? ?      ?      ?    ? r_metal_ion_other            ? ? 
'X-RAY DIFFRACTION' ? ?      ?      ?    ? r_symmetry_vdw_refined       ? ? 
'X-RAY DIFFRACTION' ? ?      ?      ?    ? r_symmetry_vdw_other         ? ? 
'X-RAY DIFFRACTION' ? ?      ?      ?    ? r_symmetry_hbond_refined     ? ? 
'X-RAY DIFFRACTION' ? ?      ?      ?    ? r_symmetry_hbond_other       ? ? 
'X-RAY DIFFRACTION' ? ?      ?      ?    ? r_symmetry_metal_ion_refined ? ? 
'X-RAY DIFFRACTION' ? ?      ?      ?    ? r_symmetry_metal_ion_other   ? ? 
'X-RAY DIFFRACTION' ? 2.349  4.067  697  ? r_mcbond_it                  ? ? 
'X-RAY DIFFRACTION' ? 2.346  4.067  696  ? r_mcbond_other               ? ? 
'X-RAY DIFFRACTION' ? 3.904  6.083  866  ? r_mcangle_it                 ? ? 
'X-RAY DIFFRACTION' ? 3.902  6.084  867  ? r_mcangle_other              ? ? 
'X-RAY DIFFRACTION' ? 2.504  4.278  806  ? r_scbond_it                  ? ? 
'X-RAY DIFFRACTION' ? 2.503  4.277  807  ? r_scbond_other               ? ? 
'X-RAY DIFFRACTION' ? ?      ?      ?    ? r_scangle_it                 ? ? 
'X-RAY DIFFRACTION' ? 4.147  6.306  1155 ? r_scangle_other              ? ? 
'X-RAY DIFFRACTION' ? 6.265  45.894 1751 ? r_long_range_B_refined       ? ? 
'X-RAY DIFFRACTION' ? 6.263  45.884 1752 ? r_long_range_B_other         ? ? 
'X-RAY DIFFRACTION' ? ?      ?      ?    ? r_rigid_bond_restr           ? ? 
'X-RAY DIFFRACTION' ? ?      ?      ?    ? r_sphericity_free            ? ? 
'X-RAY DIFFRACTION' ? ?      ?      ?    ? r_sphericity_bonded          ? ? 
# 
_refine_ls_shell.pdbx_refine_id                   'X-RAY DIFFRACTION' 
_refine_ls_shell.d_res_high                       3.195 
_refine_ls_shell.d_res_low                        3.278 
_refine_ls_shell.number_reflns_all                ? 
_refine_ls_shell.number_reflns_obs                ? 
_refine_ls_shell.number_reflns_R_free             43 
_refine_ls_shell.number_reflns_R_work             201 
_refine_ls_shell.percent_reflns_obs               98.79 
_refine_ls_shell.percent_reflns_R_free            ? 
_refine_ls_shell.R_factor_all                     ? 
_refine_ls_shell.R_factor_obs                     ? 
_refine_ls_shell.R_factor_R_free                  0.279 
_refine_ls_shell.R_factor_R_free_error            ? 
_refine_ls_shell.R_factor_R_work                  0.244 
_refine_ls_shell.redundancy_reflns_all            ? 
_refine_ls_shell.redundancy_reflns_obs            ? 
_refine_ls_shell.wR_factor_all                    ? 
_refine_ls_shell.wR_factor_obs                    ? 
_refine_ls_shell.wR_factor_R_free                 ? 
_refine_ls_shell.wR_factor_R_work                 ? 
_refine_ls_shell.pdbx_total_number_of_bins_used   20 
_refine_ls_shell.pdbx_phase_error                 ? 
_refine_ls_shell.pdbx_fsc_work                    ? 
_refine_ls_shell.pdbx_fsc_free                    ? 
# 
_struct.entry_id                     6E3N 
_struct.title                        
;The N-terminal domain of PA endonuclease from the influenza H1N1 virus in complex with 3-hydroxy-4-oxo-6-(o-tolyl)-1,4-dihydropyridine-2-carboxylic acid
;
_struct.pdbx_model_details           ? 
_struct.pdbx_formula_weight          ? 
_struct.pdbx_formula_weight_method   ? 
_struct.pdbx_model_type_details      ? 
_struct.pdbx_CASP_flag               N 
# 
_struct_keywords.entry_id        6E3N 
_struct_keywords.text            'PA endonuclease, inhibitor, influenza, H1N1, HYDROLASE-HYDROLASE INHIBITOR complex' 
_struct_keywords.pdbx_keywords   'HYDROLASE/HYDROLASE INHIBITOR' 
# 
loop_
_struct_asym.id 
_struct_asym.pdbx_blank_PDB_chainid_flag 
_struct_asym.pdbx_modified 
_struct_asym.entity_id 
_struct_asym.details 
A N N 1 ? 
B N N 2 ? 
C N N 2 ? 
D N N 3 ? 
E N N 4 ? 
# 
_struct_ref.id                         1 
_struct_ref.db_name                    UNP 
_struct_ref.db_code                    C3W5S0_I09A0 
_struct_ref.pdbx_db_accession          C3W5S0 
_struct_ref.pdbx_db_isoform            ? 
_struct_ref.entity_id                  1 
_struct_ref.pdbx_seq_one_letter_code   
;MEDFVRQCFNPMIVELAEKAMKEYGEDPKIETNKFAAICTHLEVCFMYSDFHFIDERGESIIVESGDPNALLKHRFEIIE
GRDRIMAWTVVNSICNTTGVEKPKFLPDLYDYKENRFIEIGVTRREVHIYYLEKANKIKSEKTHIHIFSFTGEEMATKAD
YTLDEESRARIKTRLFTIRQEMASRSLWDSFRQSERGE
;
_struct_ref.pdbx_align_begin           1 
# 
_struct_ref_seq.align_id                      1 
_struct_ref_seq.ref_id                        1 
_struct_ref_seq.pdbx_PDB_id_code              6E3N 
_struct_ref_seq.pdbx_strand_id                A 
_struct_ref_seq.seq_align_beg                 7 
_struct_ref_seq.pdbx_seq_align_beg_ins_code   ? 
_struct_ref_seq.seq_align_end                 192 
_struct_ref_seq.pdbx_seq_align_end_ins_code   ? 
_struct_ref_seq.pdbx_db_accession             C3W5S0 
_struct_ref_seq.db_align_beg                  1 
_struct_ref_seq.pdbx_db_align_beg_ins_code    ? 
_struct_ref_seq.db_align_end                  198 
_struct_ref_seq.pdbx_db_align_end_ins_code    ? 
_struct_ref_seq.pdbx_auth_seq_align_beg       1 
_struct_ref_seq.pdbx_auth_seq_align_end       198 
# 
loop_
_struct_ref_seq_dif.align_id 
_struct_ref_seq_dif.pdbx_pdb_id_code 
_struct_ref_seq_dif.mon_id 
_struct_ref_seq_dif.pdbx_pdb_strand_id 
_struct_ref_seq_dif.seq_num 
_struct_ref_seq_dif.pdbx_pdb_ins_code 
_struct_ref_seq_dif.pdbx_seq_db_name 
_struct_ref_seq_dif.pdbx_seq_db_accession_code 
_struct_ref_seq_dif.db_mon_id 
_struct_ref_seq_dif.pdbx_seq_db_seq_num 
_struct_ref_seq_dif.details 
_struct_ref_seq_dif.pdbx_auth_seq_num 
_struct_ref_seq_dif.pdbx_ordinal 
1 6E3N MET A 1  ? UNP C3W5S0 ?   ?  'expression tag' -5 1  
1 6E3N GLY A 2  ? UNP C3W5S0 ?   ?  'expression tag' -4 2  
1 6E3N SER A 3  ? UNP C3W5S0 ?   ?  'expression tag' -3 3  
1 6E3N GLY A 4  ? UNP C3W5S0 ?   ?  'expression tag' -2 4  
1 6E3N MET A 5  ? UNP C3W5S0 ?   ?  'expression tag' -1 5  
1 6E3N ALA A 6  ? UNP C3W5S0 ?   ?  'expression tag' 0  6  
1 6E3N GLY A 58 ? UNP C3W5S0 HIS 52 conflict         52 7  
1 6E3N ?   A ?  ? UNP C3W5S0 PHE 53 deletion         ?  8  
1 6E3N ?   A ?  ? UNP C3W5S0 ILE 54 deletion         ?  9  
1 6E3N ?   A ?  ? UNP C3W5S0 ASP 55 deletion         ?  10 
1 6E3N ?   A ?  ? UNP C3W5S0 GLU 56 deletion         ?  11 
1 6E3N ?   A ?  ? UNP C3W5S0 ARG 57 deletion         ?  12 
1 6E3N ?   A ?  ? UNP C3W5S0 GLY 58 deletion         ?  13 
1 6E3N ?   A ?  ? UNP C3W5S0 GLU 59 deletion         ?  14 
1 6E3N ?   A ?  ? UNP C3W5S0 SER 60 deletion         ?  15 
1 6E3N ?   A ?  ? UNP C3W5S0 ILE 61 deletion         ?  16 
1 6E3N ?   A ?  ? UNP C3W5S0 ILE 62 deletion         ?  17 
1 6E3N ?   A ?  ? UNP C3W5S0 VAL 63 deletion         ?  18 
1 6E3N ?   A ?  ? UNP C3W5S0 GLU 64 deletion         ?  19 
# 
_pdbx_struct_assembly.id                   1 
_pdbx_struct_assembly.details              author_and_software_defined_assembly 
_pdbx_struct_assembly.method_details       PISA 
_pdbx_struct_assembly.oligomeric_details   monomeric 
_pdbx_struct_assembly.oligomeric_count     1 
# 
loop_
_pdbx_struct_assembly_prop.biol_id 
_pdbx_struct_assembly_prop.type 
_pdbx_struct_assembly_prop.value 
_pdbx_struct_assembly_prop.details 
1 'ABSA (A^2)' 140  ? 
1 MORE         -7   ? 
1 'SSA (A^2)'  9580 ? 
# 
_pdbx_struct_assembly_gen.assembly_id       1 
_pdbx_struct_assembly_gen.oper_expression   1 
_pdbx_struct_assembly_gen.asym_id_list      A,B,C,D,E 
# 
_pdbx_struct_assembly_auth_evidence.id                     1 
_pdbx_struct_assembly_auth_evidence.assembly_id            1 
_pdbx_struct_assembly_auth_evidence.experimental_support   'gel filtration' 
_pdbx_struct_assembly_auth_evidence.details                ? 
# 
_pdbx_struct_oper_list.id                   1 
_pdbx_struct_oper_list.type                 'identity operation' 
_pdbx_struct_oper_list.name                 1_555 
_pdbx_struct_oper_list.symmetry_operation   x,y,z 
_pdbx_struct_oper_list.matrix[1][1]         1.0000000000 
_pdbx_struct_oper_list.matrix[1][2]         0.0000000000 
_pdbx_struct_oper_list.matrix[1][3]         0.0000000000 
_pdbx_struct_oper_list.vector[1]            0.0000000000 
_pdbx_struct_oper_list.matrix[2][1]         0.0000000000 
_pdbx_struct_oper_list.matrix[2][2]         1.0000000000 
_pdbx_struct_oper_list.matrix[2][3]         0.0000000000 
_pdbx_struct_oper_list.vector[2]            0.0000000000 
_pdbx_struct_oper_list.matrix[3][1]         0.0000000000 
_pdbx_struct_oper_list.matrix[3][2]         0.0000000000 
_pdbx_struct_oper_list.matrix[3][3]         1.0000000000 
_pdbx_struct_oper_list.vector[3]            0.0000000000 
# 
loop_
_struct_conf.conf_type_id 
_struct_conf.id 
_struct_conf.pdbx_PDB_helix_id 
_struct_conf.beg_label_comp_id 
_struct_conf.beg_label_asym_id 
_struct_conf.beg_label_seq_id 
_struct_conf.pdbx_beg_PDB_ins_code 
_struct_conf.end_label_comp_id 
_struct_conf.end_label_asym_id 
_struct_conf.end_label_seq_id 
_struct_conf.pdbx_end_PDB_ins_code 
_struct_conf.beg_auth_comp_id 
_struct_conf.beg_auth_asym_id 
_struct_conf.beg_auth_seq_id 
_struct_conf.end_auth_comp_id 
_struct_conf.end_auth_asym_id 
_struct_conf.end_auth_seq_id 
_struct_conf.pdbx_PDB_helix_class 
_struct_conf.details 
_struct_conf.pdbx_PDB_helix_length 
HELX_P HELX_P1 AA1 ALA A 6   ? PHE A 15  ? ALA A 0   PHE A 9   1 ? 10 
HELX_P HELX_P2 AA2 ASN A 16  ? TYR A 30  ? ASN A 10  TYR A 24  1 ? 15 
HELX_P HELX_P3 AA3 GLU A 37  ? ASP A 56  ? GLU A 31  ASP A 50  1 ? 20 
HELX_P HELX_P4 AA4 ASP A 77  ? GLY A 93  ? ASP A 83  GLY A 99  1 ? 17 
HELX_P HELX_P5 AA5 GLU A 120 ? ILE A 132 ? GLU A 126 ILE A 138 1 ? 13 
HELX_P HELX_P6 AA6 LYS A 152 ? ASP A 154 ? LYS A 158 ASP A 160 5 ? 3  
HELX_P HELX_P7 AA7 ASP A 158 ? ARG A 179 ? ASP A 164 ARG A 185 1 ? 22 
HELX_P HELX_P8 AA8 LEU A 181 ? GLN A 187 ? LEU A 187 GLN A 193 1 ? 7  
# 
_struct_conf_type.id          HELX_P 
_struct_conf_type.criteria    ? 
_struct_conf_type.reference   ? 
# 
loop_
_struct_conn.id 
_struct_conn.conn_type_id 
_struct_conn.pdbx_leaving_atom_flag 
_struct_conn.pdbx_PDB_id 
_struct_conn.ptnr1_label_asym_id 
_struct_conn.ptnr1_label_comp_id 
_struct_conn.ptnr1_label_seq_id 
_struct_conn.ptnr1_label_atom_id 
_struct_conn.pdbx_ptnr1_label_alt_id 
_struct_conn.pdbx_ptnr1_PDB_ins_code 
_struct_conn.pdbx_ptnr1_standard_comp_id 
_struct_conn.ptnr1_symmetry 
_struct_conn.ptnr2_label_asym_id 
_struct_conn.ptnr2_label_comp_id 
_struct_conn.ptnr2_label_seq_id 
_struct_conn.ptnr2_label_atom_id 
_struct_conn.pdbx_ptnr2_label_alt_id 
_struct_conn.pdbx_ptnr2_PDB_ins_code 
_struct_conn.ptnr1_auth_asym_id 
_struct_conn.ptnr1_auth_comp_id 
_struct_conn.ptnr1_auth_seq_id 
_struct_conn.ptnr2_auth_asym_id 
_struct_conn.ptnr2_auth_comp_id 
_struct_conn.ptnr2_auth_seq_id 
_struct_conn.ptnr2_symmetry 
_struct_conn.pdbx_ptnr3_label_atom_id 
_struct_conn.pdbx_ptnr3_label_seq_id 
_struct_conn.pdbx_ptnr3_label_comp_id 
_struct_conn.pdbx_ptnr3_label_asym_id 
_struct_conn.pdbx_ptnr3_label_alt_id 
_struct_conn.pdbx_ptnr3_PDB_ins_code 
_struct_conn.details 
_struct_conn.pdbx_dist_value 
_struct_conn.pdbx_value_order 
_struct_conn.pdbx_role 
metalc1  metalc ? ? A HIS 47  NE2 ? ? ? 1_555 B MN  . MN  ? ? A HIS 41  A MN  901 1_555 ? ? ? ? ? ? ? 2.122 ? ? 
metalc2  metalc ? ? A GLU 74  OE2 ? ? ? 1_555 C MN  . MN  ? ? A GLU 80  A MN  902 1_555 ? ? ? ? ? ? ? 1.822 ? ? 
metalc3  metalc ? ? A ASP 102 OD2 ? ? ? 1_555 B MN  . MN  ? ? A ASP 108 A MN  901 1_555 ? ? ? ? ? ? ? 2.365 ? ? 
metalc4  metalc ? ? A ASP 102 OD1 ? ? ? 1_555 C MN  . MN  ? ? A ASP 108 A MN  902 1_555 ? ? ? ? ? ? ? 1.982 ? ? 
metalc5  metalc ? ? A GLU 113 OE2 ? ? ? 1_555 B MN  . MN  ? ? A GLU 119 A MN  901 1_555 ? ? ? ? ? ? ? 2.009 ? ? 
metalc6  metalc ? ? A ILE 114 O   ? ? ? 1_555 B MN  . MN  ? ? A ILE 120 A MN  901 1_555 ? ? ? ? ? ? ? 2.023 ? ? 
metalc7  metalc ? ? B MN  .   MN  ? ? ? 1_555 D HNS . OAE ? ? A MN  901 A HNS 903 1_555 ? ? ? ? ? ? ? 2.556 ? ? 
metalc8  metalc ? ? B MN  .   MN  ? ? ? 1_555 D HNS . OAC ? ? A MN  901 A HNS 903 1_555 ? ? ? ? ? ? ? 2.136 ? ? 
metalc9  metalc ? ? C MN  .   MN  ? ? ? 1_555 D HNS . OAB ? ? A MN  902 A HNS 903 1_555 ? ? ? ? ? ? ? 2.145 ? ? 
metalc10 metalc ? ? C MN  .   MN  ? ? ? 1_555 D HNS . OAE ? ? A MN  902 A HNS 903 1_555 ? ? ? ? ? ? ? 2.202 ? ? 
# 
_struct_conn_type.id          metalc 
_struct_conn_type.criteria    ? 
_struct_conn_type.reference   ? 
# 
loop_
_pdbx_struct_conn_angle.id 
_pdbx_struct_conn_angle.ptnr1_label_atom_id 
_pdbx_struct_conn_angle.ptnr1_label_alt_id 
_pdbx_struct_conn_angle.ptnr1_label_asym_id 
_pdbx_struct_conn_angle.ptnr1_label_comp_id 
_pdbx_struct_conn_angle.ptnr1_label_seq_id 
_pdbx_struct_conn_angle.ptnr1_auth_atom_id 
_pdbx_struct_conn_angle.ptnr1_auth_asym_id 
_pdbx_struct_conn_angle.ptnr1_auth_comp_id 
_pdbx_struct_conn_angle.ptnr1_auth_seq_id 
_pdbx_struct_conn_angle.ptnr1_PDB_ins_code 
_pdbx_struct_conn_angle.ptnr1_symmetry 
_pdbx_struct_conn_angle.ptnr2_label_atom_id 
_pdbx_struct_conn_angle.ptnr2_label_alt_id 
_pdbx_struct_conn_angle.ptnr2_label_asym_id 
_pdbx_struct_conn_angle.ptnr2_label_comp_id 
_pdbx_struct_conn_angle.ptnr2_label_seq_id 
_pdbx_struct_conn_angle.ptnr2_auth_atom_id 
_pdbx_struct_conn_angle.ptnr2_auth_asym_id 
_pdbx_struct_conn_angle.ptnr2_auth_comp_id 
_pdbx_struct_conn_angle.ptnr2_auth_seq_id 
_pdbx_struct_conn_angle.ptnr2_PDB_ins_code 
_pdbx_struct_conn_angle.ptnr2_symmetry 
_pdbx_struct_conn_angle.ptnr3_label_atom_id 
_pdbx_struct_conn_angle.ptnr3_label_alt_id 
_pdbx_struct_conn_angle.ptnr3_label_asym_id 
_pdbx_struct_conn_angle.ptnr3_label_comp_id 
_pdbx_struct_conn_angle.ptnr3_label_seq_id 
_pdbx_struct_conn_angle.ptnr3_auth_atom_id 
_pdbx_struct_conn_angle.ptnr3_auth_asym_id 
_pdbx_struct_conn_angle.ptnr3_auth_comp_id 
_pdbx_struct_conn_angle.ptnr3_auth_seq_id 
_pdbx_struct_conn_angle.ptnr3_PDB_ins_code 
_pdbx_struct_conn_angle.ptnr3_symmetry 
_pdbx_struct_conn_angle.value 
_pdbx_struct_conn_angle.value_esd 
1  NE2 ? A HIS 47  ? A HIS 41  ? 1_555 MN ? B MN . ? A MN 901 ? 1_555 OD2 ? A ASP 102 ? A ASP 108 ? 1_555 108.1 ? 
2  NE2 ? A HIS 47  ? A HIS 41  ? 1_555 MN ? B MN . ? A MN 901 ? 1_555 OE2 ? A GLU 113 ? A GLU 119 ? 1_555 174.4 ? 
3  OD2 ? A ASP 102 ? A ASP 108 ? 1_555 MN ? B MN . ? A MN 901 ? 1_555 OE2 ? A GLU 113 ? A GLU 119 ? 1_555 75.1  ? 
4  NE2 ? A HIS 47  ? A HIS 41  ? 1_555 MN ? B MN . ? A MN 901 ? 1_555 O   ? A ILE 114 ? A ILE 120 ? 1_555 86.2  ? 
5  OD2 ? A ASP 102 ? A ASP 108 ? 1_555 MN ? B MN . ? A MN 901 ? 1_555 O   ? A ILE 114 ? A ILE 120 ? 1_555 88.9  ? 
6  OE2 ? A GLU 113 ? A GLU 119 ? 1_555 MN ? B MN . ? A MN 901 ? 1_555 O   ? A ILE 114 ? A ILE 120 ? 1_555 98.5  ? 
7  NE2 ? A HIS 47  ? A HIS 41  ? 1_555 MN ? B MN . ? A MN 901 ? 1_555 OAE ? D HNS .   ? A HNS 903 ? 1_555 100.9 ? 
8  OD2 ? A ASP 102 ? A ASP 108 ? 1_555 MN ? B MN . ? A MN 901 ? 1_555 OAE ? D HNS .   ? A HNS 903 ? 1_555 95.6  ? 
9  OE2 ? A GLU 113 ? A GLU 119 ? 1_555 MN ? B MN . ? A MN 901 ? 1_555 OAE ? D HNS .   ? A HNS 903 ? 1_555 74.0  ? 
10 O   ? A ILE 114 ? A ILE 120 ? 1_555 MN ? B MN . ? A MN 901 ? 1_555 OAE ? D HNS .   ? A HNS 903 ? 1_555 169.9 ? 
11 NE2 ? A HIS 47  ? A HIS 41  ? 1_555 MN ? B MN . ? A MN 901 ? 1_555 OAC ? D HNS .   ? A HNS 903 ? 1_555 77.3  ? 
12 OD2 ? A ASP 102 ? A ASP 108 ? 1_555 MN ? B MN . ? A MN 901 ? 1_555 OAC ? D HNS .   ? A HNS 903 ? 1_555 167.4 ? 
13 OE2 ? A GLU 113 ? A GLU 119 ? 1_555 MN ? B MN . ? A MN 901 ? 1_555 OAC ? D HNS .   ? A HNS 903 ? 1_555 98.6  ? 
14 O   ? A ILE 114 ? A ILE 120 ? 1_555 MN ? B MN . ? A MN 901 ? 1_555 OAC ? D HNS .   ? A HNS 903 ? 1_555 103.0 ? 
15 OAE ? D HNS .   ? A HNS 903 ? 1_555 MN ? B MN . ? A MN 901 ? 1_555 OAC ? D HNS .   ? A HNS 903 ? 1_555 72.0  ? 
16 OE2 ? A GLU 74  ? A GLU 80  ? 1_555 MN ? C MN . ? A MN 902 ? 1_555 OD1 ? A ASP 102 ? A ASP 108 ? 1_555 89.0  ? 
17 OE2 ? A GLU 74  ? A GLU 80  ? 1_555 MN ? C MN . ? A MN 902 ? 1_555 OAB ? D HNS .   ? A HNS 903 ? 1_555 73.3  ? 
18 OD1 ? A ASP 102 ? A ASP 108 ? 1_555 MN ? C MN . ? A MN 902 ? 1_555 OAB ? D HNS .   ? A HNS 903 ? 1_555 143.4 ? 
19 OE2 ? A GLU 74  ? A GLU 80  ? 1_555 MN ? C MN . ? A MN 902 ? 1_555 OAE ? D HNS .   ? A HNS 903 ? 1_555 95.3  ? 
20 OD1 ? A ASP 102 ? A ASP 108 ? 1_555 MN ? C MN . ? A MN 902 ? 1_555 OAE ? D HNS .   ? A HNS 903 ? 1_555 76.7  ? 
21 OAB ? D HNS .   ? A HNS 903 ? 1_555 MN ? C MN . ? A MN 902 ? 1_555 OAE ? D HNS .   ? A HNS 903 ? 1_555 73.4  ? 
# 
_struct_sheet.id               AA1 
_struct_sheet.type             ? 
_struct_sheet.number_strands   5 
_struct_sheet.details          ? 
# 
loop_
_struct_sheet_order.sheet_id 
_struct_sheet_order.range_id_1 
_struct_sheet_order.range_id_2 
_struct_sheet_order.offset 
_struct_sheet_order.sense 
AA1 1 2 ? anti-parallel 
AA1 2 3 ? anti-parallel 
AA1 3 4 ? parallel      
AA1 4 5 ? anti-parallel 
# 
loop_
_struct_sheet_range.sheet_id 
_struct_sheet_range.id 
_struct_sheet_range.beg_label_comp_id 
_struct_sheet_range.beg_label_asym_id 
_struct_sheet_range.beg_label_seq_id 
_struct_sheet_range.pdbx_beg_PDB_ins_code 
_struct_sheet_range.end_label_comp_id 
_struct_sheet_range.end_label_asym_id 
_struct_sheet_range.end_label_seq_id 
_struct_sheet_range.pdbx_end_PDB_ins_code 
_struct_sheet_range.beg_auth_comp_id 
_struct_sheet_range.beg_auth_asym_id 
_struct_sheet_range.beg_auth_seq_id 
_struct_sheet_range.end_auth_comp_id 
_struct_sheet_range.end_auth_asym_id 
_struct_sheet_range.end_auth_seq_id 
AA1 1 PHE A 70  ? ILE A 72  ? PHE A 76  ILE A 78  
AA1 2 LEU A 103 ? ASP A 105 ? LEU A 109 ASP A 111 
AA1 3 ARG A 110 ? THR A 117 ? ARG A 116 THR A 123 
AA1 4 HIS A 138 ? SER A 143 ? HIS A 144 SER A 149 
AA1 5 GLU A 148 ? ALA A 150 ? GLU A 154 ALA A 156 
# 
loop_
_pdbx_struct_sheet_hbond.sheet_id 
_pdbx_struct_sheet_hbond.range_id_1 
_pdbx_struct_sheet_hbond.range_id_2 
_pdbx_struct_sheet_hbond.range_1_label_atom_id 
_pdbx_struct_sheet_hbond.range_1_label_comp_id 
_pdbx_struct_sheet_hbond.range_1_label_asym_id 
_pdbx_struct_sheet_hbond.range_1_label_seq_id 
_pdbx_struct_sheet_hbond.range_1_PDB_ins_code 
_pdbx_struct_sheet_hbond.range_1_auth_atom_id 
_pdbx_struct_sheet_hbond.range_1_auth_comp_id 
_pdbx_struct_sheet_hbond.range_1_auth_asym_id 
_pdbx_struct_sheet_hbond.range_1_auth_seq_id 
_pdbx_struct_sheet_hbond.range_2_label_atom_id 
_pdbx_struct_sheet_hbond.range_2_label_comp_id 
_pdbx_struct_sheet_hbond.range_2_label_asym_id 
_pdbx_struct_sheet_hbond.range_2_label_seq_id 
_pdbx_struct_sheet_hbond.range_2_PDB_ins_code 
_pdbx_struct_sheet_hbond.range_2_auth_atom_id 
_pdbx_struct_sheet_hbond.range_2_auth_comp_id 
_pdbx_struct_sheet_hbond.range_2_auth_asym_id 
_pdbx_struct_sheet_hbond.range_2_auth_seq_id 
AA1 1 2 N GLU A 71  ? N GLU A 77  O TYR A 104 ? O TYR A 110 
AA1 2 3 N ASP A 105 ? N ASP A 111 O ARG A 110 ? O ARG A 116 
AA1 3 4 N GLY A 115 ? N GLY A 121 O HIS A 140 ? O HIS A 146 
AA1 4 5 N ILE A 141 ? N ILE A 147 O MET A 149 ? O MET A 155 
# 
loop_
_struct_site.id 
_struct_site.pdbx_evidence_code 
_struct_site.pdbx_auth_asym_id 
_struct_site.pdbx_auth_comp_id 
_struct_site.pdbx_auth_seq_id 
_struct_site.pdbx_auth_ins_code 
_struct_site.pdbx_num_residues 
_struct_site.details 
AC1 Software A MN  901 ? 5 'binding site for residue MN A 901'  
AC2 Software A MN  902 ? 4 'binding site for residue MN A 902'  
AC3 Software A HNS 903 ? 9 'binding site for residue HNS A 903' 
# 
loop_
_struct_site_gen.id 
_struct_site_gen.site_id 
_struct_site_gen.pdbx_num_res 
_struct_site_gen.label_comp_id 
_struct_site_gen.label_asym_id 
_struct_site_gen.label_seq_id 
_struct_site_gen.pdbx_auth_ins_code 
_struct_site_gen.auth_comp_id 
_struct_site_gen.auth_asym_id 
_struct_site_gen.auth_seq_id 
_struct_site_gen.label_atom_id 
_struct_site_gen.label_alt_id 
_struct_site_gen.symmetry 
_struct_site_gen.details 
1  AC1 5 HIS A 47  ? HIS A 41  . ? 1_555 ? 
2  AC1 5 ASP A 102 ? ASP A 108 . ? 1_555 ? 
3  AC1 5 GLU A 113 ? GLU A 119 . ? 1_555 ? 
4  AC1 5 ILE A 114 ? ILE A 120 . ? 1_555 ? 
5  AC1 5 HNS D .   ? HNS A 903 . ? 1_555 ? 
6  AC2 4 GLU A 74  ? GLU A 80  . ? 1_555 ? 
7  AC2 4 ASP A 102 ? ASP A 108 . ? 1_555 ? 
8  AC2 4 GLU A 113 ? GLU A 119 . ? 1_555 ? 
9  AC2 4 HNS D .   ? HNS A 903 . ? 1_555 ? 
10 AC3 9 LYS A 40  ? LYS A 34  . ? 1_555 ? 
11 AC3 9 HIS A 47  ? HIS A 41  . ? 1_555 ? 
12 AC3 9 GLU A 74  ? GLU A 80  . ? 1_555 ? 
13 AC3 9 ASP A 102 ? ASP A 108 . ? 1_555 ? 
14 AC3 9 GLU A 113 ? GLU A 119 . ? 1_555 ? 
15 AC3 9 ILE A 114 ? ILE A 120 . ? 1_555 ? 
16 AC3 9 LYS A 128 ? LYS A 134 . ? 1_555 ? 
17 AC3 9 MN  B .   ? MN  A 901 . ? 1_555 ? 
18 AC3 9 MN  C .   ? MN  A 902 . ? 1_555 ? 
# 
loop_
_pdbx_validate_torsion.id 
_pdbx_validate_torsion.PDB_model_num 
_pdbx_validate_torsion.auth_comp_id 
_pdbx_validate_torsion.auth_asym_id 
_pdbx_validate_torsion.auth_seq_id 
_pdbx_validate_torsion.PDB_ins_code 
_pdbx_validate_torsion.label_alt_id 
_pdbx_validate_torsion.phi 
_pdbx_validate_torsion.psi 
1 1 PHE A 51  ? ? -99.75  43.63  
2 1 ASN A 115 ? ? 72.35   57.90  
3 1 LYS A 158 ? ? 49.76   19.96  
4 1 THR A 162 ? ? 77.81   -22.09 
5 1 GLU A 166 ? ? -27.09  -56.35 
6 1 SER A 194 ? ? -106.95 47.93  
# 
_pdbx_validate_planes.id              1 
_pdbx_validate_planes.PDB_model_num   1 
_pdbx_validate_planes.auth_comp_id    ARG 
_pdbx_validate_planes.auth_asym_id    A 
_pdbx_validate_planes.auth_seq_id     6 
_pdbx_validate_planes.PDB_ins_code    ? 
_pdbx_validate_planes.label_alt_id    ? 
_pdbx_validate_planes.rmsd            0.090 
_pdbx_validate_planes.type            'SIDE CHAIN' 
# 
loop_
_pdbx_unobs_or_zero_occ_residues.id 
_pdbx_unobs_or_zero_occ_residues.PDB_model_num 
_pdbx_unobs_or_zero_occ_residues.polymer_flag 
_pdbx_unobs_or_zero_occ_residues.occupancy_flag 
_pdbx_unobs_or_zero_occ_residues.auth_asym_id 
_pdbx_unobs_or_zero_occ_residues.auth_comp_id 
_pdbx_unobs_or_zero_occ_residues.auth_seq_id 
_pdbx_unobs_or_zero_occ_residues.PDB_ins_code 
_pdbx_unobs_or_zero_occ_residues.label_asym_id 
_pdbx_unobs_or_zero_occ_residues.label_comp_id 
_pdbx_unobs_or_zero_occ_residues.label_seq_id 
1  1 Y 1 A MET -5  ? A MET 1   
2  1 Y 1 A GLY -4  ? A GLY 2   
3  1 Y 1 A SER -3  ? A SER 3   
4  1 Y 1 A GLY -2  ? A GLY 4   
5  1 Y 1 A MET -1  ? A MET 5   
6  1 Y 1 A SER 65  ? A SER 59  
7  1 Y 1 A GLY 66  ? A GLY 60  
8  1 Y 1 A ASP 67  ? A ASP 61  
9  1 Y 1 A PRO 68  ? A PRO 62  
10 1 Y 1 A ASN 69  ? A ASN 63  
11 1 Y 1 A ALA 70  ? A ALA 64  
12 1 Y 1 A LEU 71  ? A LEU 65  
13 1 Y 1 A LYS 139 ? A LYS 133 
14 1 Y 1 A SER 140 ? A SER 134 
15 1 Y 1 A ARG 196 ? A ARG 190 
16 1 Y 1 A GLY 197 ? A GLY 191 
17 1 Y 1 A GLU 198 ? A GLU 192 
# 
loop_
_chem_comp_atom.comp_id 
_chem_comp_atom.atom_id 
_chem_comp_atom.type_symbol 
_chem_comp_atom.pdbx_aromatic_flag 
_chem_comp_atom.pdbx_stereo_config 
_chem_comp_atom.pdbx_ordinal 
ALA N    N  N N 1   
ALA CA   C  N S 2   
ALA C    C  N N 3   
ALA O    O  N N 4   
ALA CB   C  N N 5   
ALA OXT  O  N N 6   
ALA H    H  N N 7   
ALA H2   H  N N 8   
ALA HA   H  N N 9   
ALA HB1  H  N N 10  
ALA HB2  H  N N 11  
ALA HB3  H  N N 12  
ALA HXT  H  N N 13  
ARG N    N  N N 14  
ARG CA   C  N S 15  
ARG C    C  N N 16  
ARG O    O  N N 17  
ARG CB   C  N N 18  
ARG CG   C  N N 19  
ARG CD   C  N N 20  
ARG NE   N  N N 21  
ARG CZ   C  N N 22  
ARG NH1  N  N N 23  
ARG NH2  N  N N 24  
ARG OXT  O  N N 25  
ARG H    H  N N 26  
ARG H2   H  N N 27  
ARG HA   H  N N 28  
ARG HB2  H  N N 29  
ARG HB3  H  N N 30  
ARG HG2  H  N N 31  
ARG HG3  H  N N 32  
ARG HD2  H  N N 33  
ARG HD3  H  N N 34  
ARG HE   H  N N 35  
ARG HH11 H  N N 36  
ARG HH12 H  N N 37  
ARG HH21 H  N N 38  
ARG HH22 H  N N 39  
ARG HXT  H  N N 40  
ASN N    N  N N 41  
ASN CA   C  N S 42  
ASN C    C  N N 43  
ASN O    O  N N 44  
ASN CB   C  N N 45  
ASN CG   C  N N 46  
ASN OD1  O  N N 47  
ASN ND2  N  N N 48  
ASN OXT  O  N N 49  
ASN H    H  N N 50  
ASN H2   H  N N 51  
ASN HA   H  N N 52  
ASN HB2  H  N N 53  
ASN HB3  H  N N 54  
ASN HD21 H  N N 55  
ASN HD22 H  N N 56  
ASN HXT  H  N N 57  
ASP N    N  N N 58  
ASP CA   C  N S 59  
ASP C    C  N N 60  
ASP O    O  N N 61  
ASP CB   C  N N 62  
ASP CG   C  N N 63  
ASP OD1  O  N N 64  
ASP OD2  O  N N 65  
ASP OXT  O  N N 66  
ASP H    H  N N 67  
ASP H2   H  N N 68  
ASP HA   H  N N 69  
ASP HB2  H  N N 70  
ASP HB3  H  N N 71  
ASP HD2  H  N N 72  
ASP HXT  H  N N 73  
CYS N    N  N N 74  
CYS CA   C  N R 75  
CYS C    C  N N 76  
CYS O    O  N N 77  
CYS CB   C  N N 78  
CYS SG   S  N N 79  
CYS OXT  O  N N 80  
CYS H    H  N N 81  
CYS H2   H  N N 82  
CYS HA   H  N N 83  
CYS HB2  H  N N 84  
CYS HB3  H  N N 85  
CYS HG   H  N N 86  
CYS HXT  H  N N 87  
GLN N    N  N N 88  
GLN CA   C  N S 89  
GLN C    C  N N 90  
GLN O    O  N N 91  
GLN CB   C  N N 92  
GLN CG   C  N N 93  
GLN CD   C  N N 94  
GLN OE1  O  N N 95  
GLN NE2  N  N N 96  
GLN OXT  O  N N 97  
GLN H    H  N N 98  
GLN H2   H  N N 99  
GLN HA   H  N N 100 
GLN HB2  H  N N 101 
GLN HB3  H  N N 102 
GLN HG2  H  N N 103 
GLN HG3  H  N N 104 
GLN HE21 H  N N 105 
GLN HE22 H  N N 106 
GLN HXT  H  N N 107 
GLU N    N  N N 108 
GLU CA   C  N S 109 
GLU C    C  N N 110 
GLU O    O  N N 111 
GLU CB   C  N N 112 
GLU CG   C  N N 113 
GLU CD   C  N N 114 
GLU OE1  O  N N 115 
GLU OE2  O  N N 116 
GLU OXT  O  N N 117 
GLU H    H  N N 118 
GLU H2   H  N N 119 
GLU HA   H  N N 120 
GLU HB2  H  N N 121 
GLU HB3  H  N N 122 
GLU HG2  H  N N 123 
GLU HG3  H  N N 124 
GLU HE2  H  N N 125 
GLU HXT  H  N N 126 
GLY N    N  N N 127 
GLY CA   C  N N 128 
GLY C    C  N N 129 
GLY O    O  N N 130 
GLY OXT  O  N N 131 
GLY H    H  N N 132 
GLY H2   H  N N 133 
GLY HA2  H  N N 134 
GLY HA3  H  N N 135 
GLY HXT  H  N N 136 
HIS N    N  N N 137 
HIS CA   C  N S 138 
HIS C    C  N N 139 
HIS O    O  N N 140 
HIS CB   C  N N 141 
HIS CG   C  Y N 142 
HIS ND1  N  Y N 143 
HIS CD2  C  Y N 144 
HIS CE1  C  Y N 145 
HIS NE2  N  Y N 146 
HIS OXT  O  N N 147 
HIS H    H  N N 148 
HIS H2   H  N N 149 
HIS HA   H  N N 150 
HIS HB2  H  N N 151 
HIS HB3  H  N N 152 
HIS HD1  H  N N 153 
HIS HD2  H  N N 154 
HIS HE1  H  N N 155 
HIS HE2  H  N N 156 
HIS HXT  H  N N 157 
HNS OAB  O  N N 158 
HNS CAL  C  N N 159 
HNS OAD  O  N N 160 
HNS CAQ  C  N N 161 
HNS NAK  N  N N 162 
HNS CAO  C  N N 163 
HNS OAE  O  N N 164 
HNS CAR  C  N N 165 
HNS OAC  O  N N 166 
HNS CAJ  C  N N 167 
HNS CAN  C  N N 168 
HNS CAP  C  Y N 169 
HNS CAI  C  Y N 170 
HNS CAG  C  Y N 171 
HNS CAF  C  Y N 172 
HNS CAH  C  Y N 173 
HNS CAM  C  Y N 174 
HNS CAA  C  N N 175 
HNS H1   H  N N 176 
HNS H2   H  N N 177 
HNS H3   H  N N 178 
HNS H4   H  N N 179 
HNS H5   H  N N 180 
HNS H6   H  N N 181 
HNS H7   H  N N 182 
HNS H8   H  N N 183 
HNS H9   H  N N 184 
HNS H10  H  N N 185 
HNS H11  H  N N 186 
HOH O    O  N N 187 
HOH H1   H  N N 188 
HOH H2   H  N N 189 
ILE N    N  N N 190 
ILE CA   C  N S 191 
ILE C    C  N N 192 
ILE O    O  N N 193 
ILE CB   C  N S 194 
ILE CG1  C  N N 195 
ILE CG2  C  N N 196 
ILE CD1  C  N N 197 
ILE OXT  O  N N 198 
ILE H    H  N N 199 
ILE H2   H  N N 200 
ILE HA   H  N N 201 
ILE HB   H  N N 202 
ILE HG12 H  N N 203 
ILE HG13 H  N N 204 
ILE HG21 H  N N 205 
ILE HG22 H  N N 206 
ILE HG23 H  N N 207 
ILE HD11 H  N N 208 
ILE HD12 H  N N 209 
ILE HD13 H  N N 210 
ILE HXT  H  N N 211 
LEU N    N  N N 212 
LEU CA   C  N S 213 
LEU C    C  N N 214 
LEU O    O  N N 215 
LEU CB   C  N N 216 
LEU CG   C  N N 217 
LEU CD1  C  N N 218 
LEU CD2  C  N N 219 
LEU OXT  O  N N 220 
LEU H    H  N N 221 
LEU H2   H  N N 222 
LEU HA   H  N N 223 
LEU HB2  H  N N 224 
LEU HB3  H  N N 225 
LEU HG   H  N N 226 
LEU HD11 H  N N 227 
LEU HD12 H  N N 228 
LEU HD13 H  N N 229 
LEU HD21 H  N N 230 
LEU HD22 H  N N 231 
LEU HD23 H  N N 232 
LEU HXT  H  N N 233 
LYS N    N  N N 234 
LYS CA   C  N S 235 
LYS C    C  N N 236 
LYS O    O  N N 237 
LYS CB   C  N N 238 
LYS CG   C  N N 239 
LYS CD   C  N N 240 
LYS CE   C  N N 241 
LYS NZ   N  N N 242 
LYS OXT  O  N N 243 
LYS H    H  N N 244 
LYS H2   H  N N 245 
LYS HA   H  N N 246 
LYS HB2  H  N N 247 
LYS HB3  H  N N 248 
LYS HG2  H  N N 249 
LYS HG3  H  N N 250 
LYS HD2  H  N N 251 
LYS HD3  H  N N 252 
LYS HE2  H  N N 253 
LYS HE3  H  N N 254 
LYS HZ1  H  N N 255 
LYS HZ2  H  N N 256 
LYS HZ3  H  N N 257 
LYS HXT  H  N N 258 
MET N    N  N N 259 
MET CA   C  N S 260 
MET C    C  N N 261 
MET O    O  N N 262 
MET CB   C  N N 263 
MET CG   C  N N 264 
MET SD   S  N N 265 
MET CE   C  N N 266 
MET OXT  O  N N 267 
MET H    H  N N 268 
MET H2   H  N N 269 
MET HA   H  N N 270 
MET HB2  H  N N 271 
MET HB3  H  N N 272 
MET HG2  H  N N 273 
MET HG3  H  N N 274 
MET HE1  H  N N 275 
MET HE2  H  N N 276 
MET HE3  H  N N 277 
MET HXT  H  N N 278 
MN  MN   MN N N 279 
PHE N    N  N N 280 
PHE CA   C  N S 281 
PHE C    C  N N 282 
PHE O    O  N N 283 
PHE CB   C  N N 284 
PHE CG   C  Y N 285 
PHE CD1  C  Y N 286 
PHE CD2  C  Y N 287 
PHE CE1  C  Y N 288 
PHE CE2  C  Y N 289 
PHE CZ   C  Y N 290 
PHE OXT  O  N N 291 
PHE H    H  N N 292 
PHE H2   H  N N 293 
PHE HA   H  N N 294 
PHE HB2  H  N N 295 
PHE HB3  H  N N 296 
PHE HD1  H  N N 297 
PHE HD2  H  N N 298 
PHE HE1  H  N N 299 
PHE HE2  H  N N 300 
PHE HZ   H  N N 301 
PHE HXT  H  N N 302 
PRO N    N  N N 303 
PRO CA   C  N S 304 
PRO C    C  N N 305 
PRO O    O  N N 306 
PRO CB   C  N N 307 
PRO CG   C  N N 308 
PRO CD   C  N N 309 
PRO OXT  O  N N 310 
PRO H    H  N N 311 
PRO HA   H  N N 312 
PRO HB2  H  N N 313 
PRO HB3  H  N N 314 
PRO HG2  H  N N 315 
PRO HG3  H  N N 316 
PRO HD2  H  N N 317 
PRO HD3  H  N N 318 
PRO HXT  H  N N 319 
SER N    N  N N 320 
SER CA   C  N S 321 
SER C    C  N N 322 
SER O    O  N N 323 
SER CB   C  N N 324 
SER OG   O  N N 325 
SER OXT  O  N N 326 
SER H    H  N N 327 
SER H2   H  N N 328 
SER HA   H  N N 329 
SER HB2  H  N N 330 
SER HB3  H  N N 331 
SER HG   H  N N 332 
SER HXT  H  N N 333 
THR N    N  N N 334 
THR CA   C  N S 335 
THR C    C  N N 336 
THR O    O  N N 337 
THR CB   C  N R 338 
THR OG1  O  N N 339 
THR CG2  C  N N 340 
THR OXT  O  N N 341 
THR H    H  N N 342 
THR H2   H  N N 343 
THR HA   H  N N 344 
THR HB   H  N N 345 
THR HG1  H  N N 346 
THR HG21 H  N N 347 
THR HG22 H  N N 348 
THR HG23 H  N N 349 
THR HXT  H  N N 350 
TRP N    N  N N 351 
TRP CA   C  N S 352 
TRP C    C  N N 353 
TRP O    O  N N 354 
TRP CB   C  N N 355 
TRP CG   C  Y N 356 
TRP CD1  C  Y N 357 
TRP CD2  C  Y N 358 
TRP NE1  N  Y N 359 
TRP CE2  C  Y N 360 
TRP CE3  C  Y N 361 
TRP CZ2  C  Y N 362 
TRP CZ3  C  Y N 363 
TRP CH2  C  Y N 364 
TRP OXT  O  N N 365 
TRP H    H  N N 366 
TRP H2   H  N N 367 
TRP HA   H  N N 368 
TRP HB2  H  N N 369 
TRP HB3  H  N N 370 
TRP HD1  H  N N 371 
TRP HE1  H  N N 372 
TRP HE3  H  N N 373 
TRP HZ2  H  N N 374 
TRP HZ3  H  N N 375 
TRP HH2  H  N N 376 
TRP HXT  H  N N 377 
TYR N    N  N N 378 
TYR CA   C  N S 379 
TYR C    C  N N 380 
TYR O    O  N N 381 
TYR CB   C  N N 382 
TYR CG   C  Y N 383 
TYR CD1  C  Y N 384 
TYR CD2  C  Y N 385 
TYR CE1  C  Y N 386 
TYR CE2  C  Y N 387 
TYR CZ   C  Y N 388 
TYR OH   O  N N 389 
TYR OXT  O  N N 390 
TYR H    H  N N 391 
TYR H2   H  N N 392 
TYR HA   H  N N 393 
TYR HB2  H  N N 394 
TYR HB3  H  N N 395 
TYR HD1  H  N N 396 
TYR HD2  H  N N 397 
TYR HE1  H  N N 398 
TYR HE2  H  N N 399 
TYR HH   H  N N 400 
TYR HXT  H  N N 401 
VAL N    N  N N 402 
VAL CA   C  N S 403 
VAL C    C  N N 404 
VAL O    O  N N 405 
VAL CB   C  N N 406 
VAL CG1  C  N N 407 
VAL CG2  C  N N 408 
VAL OXT  O  N N 409 
VAL H    H  N N 410 
VAL H2   H  N N 411 
VAL HA   H  N N 412 
VAL HB   H  N N 413 
VAL HG11 H  N N 414 
VAL HG12 H  N N 415 
VAL HG13 H  N N 416 
VAL HG21 H  N N 417 
VAL HG22 H  N N 418 
VAL HG23 H  N N 419 
VAL HXT  H  N N 420 
# 
loop_
_chem_comp_bond.comp_id 
_chem_comp_bond.atom_id_1 
_chem_comp_bond.atom_id_2 
_chem_comp_bond.value_order 
_chem_comp_bond.pdbx_aromatic_flag 
_chem_comp_bond.pdbx_stereo_config 
_chem_comp_bond.pdbx_ordinal 
ALA N   CA   sing N N 1   
ALA N   H    sing N N 2   
ALA N   H2   sing N N 3   
ALA CA  C    sing N N 4   
ALA CA  CB   sing N N 5   
ALA CA  HA   sing N N 6   
ALA C   O    doub N N 7   
ALA C   OXT  sing N N 8   
ALA CB  HB1  sing N N 9   
ALA CB  HB2  sing N N 10  
ALA CB  HB3  sing N N 11  
ALA OXT HXT  sing N N 12  
ARG N   CA   sing N N 13  
ARG N   H    sing N N 14  
ARG N   H2   sing N N 15  
ARG CA  C    sing N N 16  
ARG CA  CB   sing N N 17  
ARG CA  HA   sing N N 18  
ARG C   O    doub N N 19  
ARG C   OXT  sing N N 20  
ARG CB  CG   sing N N 21  
ARG CB  HB2  sing N N 22  
ARG CB  HB3  sing N N 23  
ARG CG  CD   sing N N 24  
ARG CG  HG2  sing N N 25  
ARG CG  HG3  sing N N 26  
ARG CD  NE   sing N N 27  
ARG CD  HD2  sing N N 28  
ARG CD  HD3  sing N N 29  
ARG NE  CZ   sing N N 30  
ARG NE  HE   sing N N 31  
ARG CZ  NH1  sing N N 32  
ARG CZ  NH2  doub N N 33  
ARG NH1 HH11 sing N N 34  
ARG NH1 HH12 sing N N 35  
ARG NH2 HH21 sing N N 36  
ARG NH2 HH22 sing N N 37  
ARG OXT HXT  sing N N 38  
ASN N   CA   sing N N 39  
ASN N   H    sing N N 40  
ASN N   H2   sing N N 41  
ASN CA  C    sing N N 42  
ASN CA  CB   sing N N 43  
ASN CA  HA   sing N N 44  
ASN C   O    doub N N 45  
ASN C   OXT  sing N N 46  
ASN CB  CG   sing N N 47  
ASN CB  HB2  sing N N 48  
ASN CB  HB3  sing N N 49  
ASN CG  OD1  doub N N 50  
ASN CG  ND2  sing N N 51  
ASN ND2 HD21 sing N N 52  
ASN ND2 HD22 sing N N 53  
ASN OXT HXT  sing N N 54  
ASP N   CA   sing N N 55  
ASP N   H    sing N N 56  
ASP N   H2   sing N N 57  
ASP CA  C    sing N N 58  
ASP CA  CB   sing N N 59  
ASP CA  HA   sing N N 60  
ASP C   O    doub N N 61  
ASP C   OXT  sing N N 62  
ASP CB  CG   sing N N 63  
ASP CB  HB2  sing N N 64  
ASP CB  HB3  sing N N 65  
ASP CG  OD1  doub N N 66  
ASP CG  OD2  sing N N 67  
ASP OD2 HD2  sing N N 68  
ASP OXT HXT  sing N N 69  
CYS N   CA   sing N N 70  
CYS N   H    sing N N 71  
CYS N   H2   sing N N 72  
CYS CA  C    sing N N 73  
CYS CA  CB   sing N N 74  
CYS CA  HA   sing N N 75  
CYS C   O    doub N N 76  
CYS C   OXT  sing N N 77  
CYS CB  SG   sing N N 78  
CYS CB  HB2  sing N N 79  
CYS CB  HB3  sing N N 80  
CYS SG  HG   sing N N 81  
CYS OXT HXT  sing N N 82  
GLN N   CA   sing N N 83  
GLN N   H    sing N N 84  
GLN N   H2   sing N N 85  
GLN CA  C    sing N N 86  
GLN CA  CB   sing N N 87  
GLN CA  HA   sing N N 88  
GLN C   O    doub N N 89  
GLN C   OXT  sing N N 90  
GLN CB  CG   sing N N 91  
GLN CB  HB2  sing N N 92  
GLN CB  HB3  sing N N 93  
GLN CG  CD   sing N N 94  
GLN CG  HG2  sing N N 95  
GLN CG  HG3  sing N N 96  
GLN CD  OE1  doub N N 97  
GLN CD  NE2  sing N N 98  
GLN NE2 HE21 sing N N 99  
GLN NE2 HE22 sing N N 100 
GLN OXT HXT  sing N N 101 
GLU N   CA   sing N N 102 
GLU N   H    sing N N 103 
GLU N   H2   sing N N 104 
GLU CA  C    sing N N 105 
GLU CA  CB   sing N N 106 
GLU CA  HA   sing N N 107 
GLU C   O    doub N N 108 
GLU C   OXT  sing N N 109 
GLU CB  CG   sing N N 110 
GLU CB  HB2  sing N N 111 
GLU CB  HB3  sing N N 112 
GLU CG  CD   sing N N 113 
GLU CG  HG2  sing N N 114 
GLU CG  HG3  sing N N 115 
GLU CD  OE1  doub N N 116 
GLU CD  OE2  sing N N 117 
GLU OE2 HE2  sing N N 118 
GLU OXT HXT  sing N N 119 
GLY N   CA   sing N N 120 
GLY N   H    sing N N 121 
GLY N   H2   sing N N 122 
GLY CA  C    sing N N 123 
GLY CA  HA2  sing N N 124 
GLY CA  HA3  sing N N 125 
GLY C   O    doub N N 126 
GLY C   OXT  sing N N 127 
GLY OXT HXT  sing N N 128 
HIS N   CA   sing N N 129 
HIS N   H    sing N N 130 
HIS N   H2   sing N N 131 
HIS CA  C    sing N N 132 
HIS CA  CB   sing N N 133 
HIS CA  HA   sing N N 134 
HIS C   O    doub N N 135 
HIS C   OXT  sing N N 136 
HIS CB  CG   sing N N 137 
HIS CB  HB2  sing N N 138 
HIS CB  HB3  sing N N 139 
HIS CG  ND1  sing Y N 140 
HIS CG  CD2  doub Y N 141 
HIS ND1 CE1  doub Y N 142 
HIS ND1 HD1  sing N N 143 
HIS CD2 NE2  sing Y N 144 
HIS CD2 HD2  sing N N 145 
HIS CE1 NE2  sing Y N 146 
HIS CE1 HE1  sing N N 147 
HIS NE2 HE2  sing N N 148 
HIS OXT HXT  sing N N 149 
HNS OAC CAR  doub N N 150 
HNS OAE CAO  sing N N 151 
HNS CAR CAO  sing N N 152 
HNS CAR CAJ  sing N N 153 
HNS CAO CAQ  doub N N 154 
HNS CAJ CAN  doub N N 155 
HNS OAB CAL  doub N N 156 
HNS CAQ CAL  sing N N 157 
HNS CAQ NAK  sing N N 158 
HNS CAL OAD  sing N N 159 
HNS CAA CAM  sing N N 160 
HNS CAN NAK  sing N N 161 
HNS CAN CAP  sing N N 162 
HNS CAM CAP  doub Y N 163 
HNS CAM CAH  sing Y N 164 
HNS CAP CAI  sing Y N 165 
HNS CAH CAF  doub Y N 166 
HNS CAI CAG  doub Y N 167 
HNS CAF CAG  sing Y N 168 
HNS OAD H1   sing N N 169 
HNS NAK H2   sing N N 170 
HNS OAE H3   sing N N 171 
HNS CAJ H4   sing N N 172 
HNS CAI H5   sing N N 173 
HNS CAG H6   sing N N 174 
HNS CAF H7   sing N N 175 
HNS CAH H8   sing N N 176 
HNS CAA H9   sing N N 177 
HNS CAA H10  sing N N 178 
HNS CAA H11  sing N N 179 
HOH O   H1   sing N N 180 
HOH O   H2   sing N N 181 
ILE N   CA   sing N N 182 
ILE N   H    sing N N 183 
ILE N   H2   sing N N 184 
ILE CA  C    sing N N 185 
ILE CA  CB   sing N N 186 
ILE CA  HA   sing N N 187 
ILE C   O    doub N N 188 
ILE C   OXT  sing N N 189 
ILE CB  CG1  sing N N 190 
ILE CB  CG2  sing N N 191 
ILE CB  HB   sing N N 192 
ILE CG1 CD1  sing N N 193 
ILE CG1 HG12 sing N N 194 
ILE CG1 HG13 sing N N 195 
ILE CG2 HG21 sing N N 196 
ILE CG2 HG22 sing N N 197 
ILE CG2 HG23 sing N N 198 
ILE CD1 HD11 sing N N 199 
ILE CD1 HD12 sing N N 200 
ILE CD1 HD13 sing N N 201 
ILE OXT HXT  sing N N 202 
LEU N   CA   sing N N 203 
LEU N   H    sing N N 204 
LEU N   H2   sing N N 205 
LEU CA  C    sing N N 206 
LEU CA  CB   sing N N 207 
LEU CA  HA   sing N N 208 
LEU C   O    doub N N 209 
LEU C   OXT  sing N N 210 
LEU CB  CG   sing N N 211 
LEU CB  HB2  sing N N 212 
LEU CB  HB3  sing N N 213 
LEU CG  CD1  sing N N 214 
LEU CG  CD2  sing N N 215 
LEU CG  HG   sing N N 216 
LEU CD1 HD11 sing N N 217 
LEU CD1 HD12 sing N N 218 
LEU CD1 HD13 sing N N 219 
LEU CD2 HD21 sing N N 220 
LEU CD2 HD22 sing N N 221 
LEU CD2 HD23 sing N N 222 
LEU OXT HXT  sing N N 223 
LYS N   CA   sing N N 224 
LYS N   H    sing N N 225 
LYS N   H2   sing N N 226 
LYS CA  C    sing N N 227 
LYS CA  CB   sing N N 228 
LYS CA  HA   sing N N 229 
LYS C   O    doub N N 230 
LYS C   OXT  sing N N 231 
LYS CB  CG   sing N N 232 
LYS CB  HB2  sing N N 233 
LYS CB  HB3  sing N N 234 
LYS CG  CD   sing N N 235 
LYS CG  HG2  sing N N 236 
LYS CG  HG3  sing N N 237 
LYS CD  CE   sing N N 238 
LYS CD  HD2  sing N N 239 
LYS CD  HD3  sing N N 240 
LYS CE  NZ   sing N N 241 
LYS CE  HE2  sing N N 242 
LYS CE  HE3  sing N N 243 
LYS NZ  HZ1  sing N N 244 
LYS NZ  HZ2  sing N N 245 
LYS NZ  HZ3  sing N N 246 
LYS OXT HXT  sing N N 247 
MET N   CA   sing N N 248 
MET N   H    sing N N 249 
MET N   H2   sing N N 250 
MET CA  C    sing N N 251 
MET CA  CB   sing N N 252 
MET CA  HA   sing N N 253 
MET C   O    doub N N 254 
MET C   OXT  sing N N 255 
MET CB  CG   sing N N 256 
MET CB  HB2  sing N N 257 
MET CB  HB3  sing N N 258 
MET CG  SD   sing N N 259 
MET CG  HG2  sing N N 260 
MET CG  HG3  sing N N 261 
MET SD  CE   sing N N 262 
MET CE  HE1  sing N N 263 
MET CE  HE2  sing N N 264 
MET CE  HE3  sing N N 265 
MET OXT HXT  sing N N 266 
PHE N   CA   sing N N 267 
PHE N   H    sing N N 268 
PHE N   H2   sing N N 269 
PHE CA  C    sing N N 270 
PHE CA  CB   sing N N 271 
PHE CA  HA   sing N N 272 
PHE C   O    doub N N 273 
PHE C   OXT  sing N N 274 
PHE CB  CG   sing N N 275 
PHE CB  HB2  sing N N 276 
PHE CB  HB3  sing N N 277 
PHE CG  CD1  doub Y N 278 
PHE CG  CD2  sing Y N 279 
PHE CD1 CE1  sing Y N 280 
PHE CD1 HD1  sing N N 281 
PHE CD2 CE2  doub Y N 282 
PHE CD2 HD2  sing N N 283 
PHE CE1 CZ   doub Y N 284 
PHE CE1 HE1  sing N N 285 
PHE CE2 CZ   sing Y N 286 
PHE CE2 HE2  sing N N 287 
PHE CZ  HZ   sing N N 288 
PHE OXT HXT  sing N N 289 
PRO N   CA   sing N N 290 
PRO N   CD   sing N N 291 
PRO N   H    sing N N 292 
PRO CA  C    sing N N 293 
PRO CA  CB   sing N N 294 
PRO CA  HA   sing N N 295 
PRO C   O    doub N N 296 
PRO C   OXT  sing N N 297 
PRO CB  CG   sing N N 298 
PRO CB  HB2  sing N N 299 
PRO CB  HB3  sing N N 300 
PRO CG  CD   sing N N 301 
PRO CG  HG2  sing N N 302 
PRO CG  HG3  sing N N 303 
PRO CD  HD2  sing N N 304 
PRO CD  HD3  sing N N 305 
PRO OXT HXT  sing N N 306 
SER N   CA   sing N N 307 
SER N   H    sing N N 308 
SER N   H2   sing N N 309 
SER CA  C    sing N N 310 
SER CA  CB   sing N N 311 
SER CA  HA   sing N N 312 
SER C   O    doub N N 313 
SER C   OXT  sing N N 314 
SER CB  OG   sing N N 315 
SER CB  HB2  sing N N 316 
SER CB  HB3  sing N N 317 
SER OG  HG   sing N N 318 
SER OXT HXT  sing N N 319 
THR N   CA   sing N N 320 
THR N   H    sing N N 321 
THR N   H2   sing N N 322 
THR CA  C    sing N N 323 
THR CA  CB   sing N N 324 
THR CA  HA   sing N N 325 
THR C   O    doub N N 326 
THR C   OXT  sing N N 327 
THR CB  OG1  sing N N 328 
THR CB  CG2  sing N N 329 
THR CB  HB   sing N N 330 
THR OG1 HG1  sing N N 331 
THR CG2 HG21 sing N N 332 
THR CG2 HG22 sing N N 333 
THR CG2 HG23 sing N N 334 
THR OXT HXT  sing N N 335 
TRP N   CA   sing N N 336 
TRP N   H    sing N N 337 
TRP N   H2   sing N N 338 
TRP CA  C    sing N N 339 
TRP CA  CB   sing N N 340 
TRP CA  HA   sing N N 341 
TRP C   O    doub N N 342 
TRP C   OXT  sing N N 343 
TRP CB  CG   sing N N 344 
TRP CB  HB2  sing N N 345 
TRP CB  HB3  sing N N 346 
TRP CG  CD1  doub Y N 347 
TRP CG  CD2  sing Y N 348 
TRP CD1 NE1  sing Y N 349 
TRP CD1 HD1  sing N N 350 
TRP CD2 CE2  doub Y N 351 
TRP CD2 CE3  sing Y N 352 
TRP NE1 CE2  sing Y N 353 
TRP NE1 HE1  sing N N 354 
TRP CE2 CZ2  sing Y N 355 
TRP CE3 CZ3  doub Y N 356 
TRP CE3 HE3  sing N N 357 
TRP CZ2 CH2  doub Y N 358 
TRP CZ2 HZ2  sing N N 359 
TRP CZ3 CH2  sing Y N 360 
TRP CZ3 HZ3  sing N N 361 
TRP CH2 HH2  sing N N 362 
TRP OXT HXT  sing N N 363 
TYR N   CA   sing N N 364 
TYR N   H    sing N N 365 
TYR N   H2   sing N N 366 
TYR CA  C    sing N N 367 
TYR CA  CB   sing N N 368 
TYR CA  HA   sing N N 369 
TYR C   O    doub N N 370 
TYR C   OXT  sing N N 371 
TYR CB  CG   sing N N 372 
TYR CB  HB2  sing N N 373 
TYR CB  HB3  sing N N 374 
TYR CG  CD1  doub Y N 375 
TYR CG  CD2  sing Y N 376 
TYR CD1 CE1  sing Y N 377 
TYR CD1 HD1  sing N N 378 
TYR CD2 CE2  doub Y N 379 
TYR CD2 HD2  sing N N 380 
TYR CE1 CZ   doub Y N 381 
TYR CE1 HE1  sing N N 382 
TYR CE2 CZ   sing Y N 383 
TYR CE2 HE2  sing N N 384 
TYR CZ  OH   sing N N 385 
TYR OH  HH   sing N N 386 
TYR OXT HXT  sing N N 387 
VAL N   CA   sing N N 388 
VAL N   H    sing N N 389 
VAL N   H2   sing N N 390 
VAL CA  C    sing N N 391 
VAL CA  CB   sing N N 392 
VAL CA  HA   sing N N 393 
VAL C   O    doub N N 394 
VAL C   OXT  sing N N 395 
VAL CB  CG1  sing N N 396 
VAL CB  CG2  sing N N 397 
VAL CB  HB   sing N N 398 
VAL CG1 HG11 sing N N 399 
VAL CG1 HG12 sing N N 400 
VAL CG1 HG13 sing N N 401 
VAL CG2 HG21 sing N N 402 
VAL CG2 HG22 sing N N 403 
VAL CG2 HG23 sing N N 404 
VAL OXT HXT  sing N N 405 
# 
_pdbx_audit_support.funding_organization   
'National Institutes of Health/National Institute of General Medical Sciences (NIH/NIGMS)' 
_pdbx_audit_support.country                'United States' 
_pdbx_audit_support.grant_number           'R01 GM098435' 
_pdbx_audit_support.ordinal                1 
# 
_atom_sites.entry_id                    6E3N 
_atom_sites.fract_transf_matrix[1][1]   -0.00480232 
_atom_sites.fract_transf_matrix[1][2]   -0.01114578 
_atom_sites.fract_transf_matrix[1][3]   -0.00964678 
_atom_sites.fract_transf_matrix[2][1]   0.00913053 
_atom_sites.fract_transf_matrix[2][2]   -0.01218200 
_atom_sites.fract_transf_matrix[2][3]   -0.00292834 
_atom_sites.fract_transf_matrix[3][1]   -0.00342135 
_atom_sites.fract_transf_matrix[3][2]   -0.00411726 
_atom_sites.fract_transf_matrix[3][3]   0.00646024 
_atom_sites.fract_transf_vector[1]      -0.191429 
_atom_sites.fract_transf_vector[2]      0.213794 
_atom_sites.fract_transf_vector[3]      1.077562 
# 
loop_
_atom_type.symbol 
C  
MN 
N  
O  
S  
# 
loop_
_atom_site.group_PDB 
_atom_site.id 
_atom_site.type_symbol 
_atom_site.label_atom_id 
_atom_site.label_alt_id 
_atom_site.label_comp_id 
_atom_site.label_asym_id 
_atom_site.label_entity_id 
_atom_site.label_seq_id 
_atom_site.pdbx_PDB_ins_code 
_atom_site.Cartn_x 
_atom_site.Cartn_y 
_atom_site.Cartn_z 
_atom_site.occupancy 
_atom_site.B_iso_or_equiv 
_atom_site.pdbx_formal_charge 
_atom_site.auth_seq_id 
_atom_site.auth_comp_id 
_atom_site.auth_asym_id 
_atom_site.auth_atom_id 
_atom_site.pdbx_PDB_model_num 
ATOM   1    N  N   . ALA A 1 6   ? 5.764   5.904   22.399  1.00 57.10 ? 0    ALA A N   1 
ATOM   2    C  CA  . ALA A 1 6   ? 5.308   4.579   21.894  1.00 57.75 ? 0    ALA A CA  1 
ATOM   3    C  C   . ALA A 1 6   ? 5.148   4.683   20.377  1.00 58.44 ? 0    ALA A C   1 
ATOM   4    O  O   . ALA A 1 6   ? 5.021   5.786   19.856  1.00 60.09 ? 0    ALA A O   1 
ATOM   5    C  CB  . ALA A 1 6   ? 4.024   4.149   22.576  1.00 53.75 ? 0    ALA A CB  1 
ATOM   6    N  N   . MET A 1 7   ? 5.198   3.533   19.694  1.00 58.18 ? 1    MET A N   1 
ATOM   7    C  CA  . MET A 1 7   ? 4.927   3.449   18.260  1.00 53.86 ? 1    MET A CA  1 
ATOM   8    C  C   . MET A 1 7   ? 3.552   4.066   17.970  1.00 52.86 ? 1    MET A C   1 
ATOM   9    O  O   . MET A 1 7   ? 3.425   4.919   17.097  1.00 49.08 ? 1    MET A O   1 
ATOM   10   C  CB  . MET A 1 7   ? 4.944   1.991   17.790  1.00 52.33 ? 1    MET A CB  1 
ATOM   11   C  CG  . MET A 1 7   ? 4.509   1.809   16.351  1.00 51.31 ? 1    MET A CG  1 
ATOM   12   S  SD  . MET A 1 7   ? 5.473   2.846   15.218  1.00 52.34 ? 1    MET A SD  1 
ATOM   13   C  CE  . MET A 1 7   ? 7.082   2.068   15.342  1.00 50.06 ? 1    MET A CE  1 
ATOM   14   N  N   . GLU A 1 8   ? 2.553   3.643   18.753  1.00 53.73 ? 2    GLU A N   1 
ATOM   15   C  CA  . GLU A 1 8   ? 1.155   4.027   18.590  1.00 53.22 ? 2    GLU A CA  1 
ATOM   16   C  C   . GLU A 1 8   ? 0.967   5.553   18.635  1.00 50.01 ? 2    GLU A C   1 
ATOM   17   O  O   . GLU A 1 8   ? 0.137   6.114   17.900  1.00 46.95 ? 2    GLU A O   1 
ATOM   18   C  CB  . GLU A 1 8   ? 0.326   3.390   19.699  1.00 55.94 ? 2    GLU A CB  1 
ATOM   19   C  CG  . GLU A 1 8   ? -1.129  3.820   19.662  1.00 59.05 ? 2    GLU A CG  1 
ATOM   20   C  CD  . GLU A 1 8   ? -1.918  3.409   20.885  1.00 60.36 ? 2    GLU A CD  1 
ATOM   21   O  OE1 . GLU A 1 8   ? -1.291  2.868   21.819  1.00 62.86 ? 2    GLU A OE1 1 
ATOM   22   O  OE2 . GLU A 1 8   ? -3.147  3.634   20.891  1.00 59.49 ? 2    GLU A OE2 1 
ATOM   23   N  N   . ASP A 1 9   ? 1.696   6.214   19.537  1.00 46.63 ? 3    ASP A N   1 
ATOM   24   C  CA  . ASP A 1 9   ? 1.680   7.658   19.610  1.00 43.60 ? 3    ASP A CA  1 
ATOM   25   C  C   . ASP A 1 9   ? 2.072   8.194   18.240  1.00 38.17 ? 3    ASP A C   1 
ATOM   26   O  O   . ASP A 1 9   ? 1.339   8.972   17.644  1.00 35.84 ? 3    ASP A O   1 
ATOM   27   C  CB  . ASP A 1 9   ? 2.622   8.201   20.687  1.00 45.98 ? 3    ASP A CB  1 
ATOM   28   C  CG  . ASP A 1 9   ? 2.160   7.871   22.095  1.00 48.11 ? 3    ASP A CG  1 
ATOM   29   O  OD1 . ASP A 1 9   ? 2.348   6.710   22.509  1.00 51.33 ? 3    ASP A OD1 1 
ATOM   30   O  OD2 . ASP A 1 9   ? 1.582   8.762   22.750  1.00 45.65 ? 3    ASP A OD2 1 
ATOM   31   N  N   . PHE A 1 10  ? 3.217   7.718   17.755  1.00 36.64 ? 4    PHE A N   1 
ATOM   32   C  CA  . PHE A 1 10  ? 3.771   8.178   16.494  1.00 37.72 ? 4    PHE A CA  1 
ATOM   33   C  C   . PHE A 1 10  ? 2.712   8.055   15.388  1.00 36.33 ? 4    PHE A C   1 
ATOM   34   O  O   . PHE A 1 10  ? 2.541   8.980   14.620  1.00 37.88 ? 4    PHE A O   1 
ATOM   35   C  CB  . PHE A 1 10  ? 5.076   7.447   16.154  1.00 38.02 ? 4    PHE A CB  1 
ATOM   36   C  CG  . PHE A 1 10  ? 5.438   7.498   14.692  1.00 38.05 ? 4    PHE A CG  1 
ATOM   37   C  CD1 . PHE A 1 10  ? 5.875   8.677   14.110  1.00 39.36 ? 4    PHE A CD1 1 
ATOM   38   C  CD2 . PHE A 1 10  ? 5.295   6.384   13.887  1.00 37.63 ? 4    PHE A CD2 1 
ATOM   39   C  CE1 . PHE A 1 10  ? 6.168   8.741   12.754  1.00 38.69 ? 4    PHE A CE1 1 
ATOM   40   C  CE2 . PHE A 1 10  ? 5.596   6.450   12.535  1.00 38.71 ? 4    PHE A CE2 1 
ATOM   41   C  CZ  . PHE A 1 10  ? 6.026   7.629   11.969  1.00 37.56 ? 4    PHE A CZ  1 
ATOM   42   N  N   . VAL A 1 11  ? 1.979   6.936   15.349  1.00 35.03 ? 5    VAL A N   1 
ATOM   43   C  CA  . VAL A 1 11  ? 0.989   6.669   14.296  1.00 33.73 ? 5    VAL A CA  1 
ATOM   44   C  C   . VAL A 1 11  ? -0.085  7.761   14.318  1.00 35.38 ? 5    VAL A C   1 
ATOM   45   O  O   . VAL A 1 11  ? -0.397  8.358   13.294  1.00 34.67 ? 5    VAL A O   1 
ATOM   46   C  CB  . VAL A 1 11  ? 0.347   5.276   14.437  1.00 32.42 ? 5    VAL A CB  1 
ATOM   47   C  CG1 . VAL A 1 11  ? -0.779  5.071   13.438  1.00 31.91 ? 5    VAL A CG1 1 
ATOM   48   C  CG2 . VAL A 1 11  ? 1.373   4.165   14.306  1.00 32.42 ? 5    VAL A CG2 1 
ATOM   49   N  N   . ARG A 1 12  ? -0.667  8.015   15.489  1.00 39.68 ? 6    ARG A N   1 
ATOM   50   C  CA  . ARG A 1 12  ? -1.714  9.032   15.575  1.00 42.14 ? 6    ARG A CA  1 
ATOM   51   C  C   . ARG A 1 12  ? -1.076  10.408  15.324  1.00 42.81 ? 6    ARG A C   1 
ATOM   52   O  O   . ARG A 1 12  ? -1.702  11.281  14.764  1.00 45.76 ? 6    ARG A O   1 
ATOM   53   C  CB  . ARG A 1 12  ? -2.476  8.906   16.899  1.00 43.46 ? 6    ARG A CB  1 
ATOM   54   C  CG  . ARG A 1 12  ? -2.913  7.479   17.216  1.00 47.92 ? 6    ARG A CG  1 
ATOM   55   C  CD  . ARG A 1 12  ? -4.301  7.338   17.842  1.00 53.57 ? 6    ARG A CD  1 
ATOM   56   N  NE  . ARG A 1 12  ? -5.407  7.745   16.958  1.00 58.66 ? 6    ARG A NE  1 
ATOM   57   C  CZ  . ARG A 1 12  ? -6.258  8.770   17.164  1.00 58.46 ? 6    ARG A CZ  1 
ATOM   58   N  NH1 . ARG A 1 12  ? -6.963  9.270   16.157  1.00 57.62 ? 6    ARG A NH1 1 
ATOM   59   N  NH2 . ARG A 1 12  ? -6.424  9.287   18.368  1.00 56.89 ? 6    ARG A NH2 1 
ATOM   60   N  N   . GLN A 1 13  ? 0.202   10.562  15.672  1.00 42.71 ? 7    GLN A N   1 
ATOM   61   C  CA  . GLN A 1 13  ? 0.887   11.832  15.539  1.00 43.42 ? 7    GLN A CA  1 
ATOM   62   C  C   . GLN A 1 13  ? 1.298   12.122  14.082  1.00 42.07 ? 7    GLN A C   1 
ATOM   63   O  O   . GLN A 1 13  ? 1.395   13.273  13.721  1.00 43.31 ? 7    GLN A O   1 
ATOM   64   C  CB  . GLN A 1 13  ? 2.055   11.880  16.530  1.00 45.92 ? 7    GLN A CB  1 
ATOM   65   C  CG  . GLN A 1 13  ? 1.674   12.549  17.848  1.00 48.00 ? 7    GLN A CG  1 
ATOM   66   C  CD  . GLN A 1 13  ? 2.105   11.824  19.103  1.00 50.04 ? 7    GLN A CD  1 
ATOM   67   O  OE1 . GLN A 1 13  ? 3.271   11.466  19.270  1.00 53.67 ? 7    GLN A OE1 1 
ATOM   68   N  NE2 . GLN A 1 13  ? 1.168   11.639  20.022  1.00 48.90 ? 7    GLN A NE2 1 
ATOM   69   N  N   . CYS A 1 14  ? 1.516   11.113  13.229  1.00 42.09 ? 8    CYS A N   1 
ATOM   70   C  CA  . CYS A 1 14  ? 2.153   11.362  11.892  1.00 42.62 ? 8    CYS A CA  1 
ATOM   71   C  C   . CYS A 1 14  ? 1.257   10.952  10.705  1.00 40.78 ? 8    CYS A C   1 
ATOM   72   O  O   . CYS A 1 14  ? 1.739   10.990  9.578   1.00 41.78 ? 8    CYS A O   1 
ATOM   73   C  CB  . CYS A 1 14  ? 3.508   10.655  11.777  1.00 42.93 ? 8    CYS A CB  1 
ATOM   74   S  SG  . CYS A 1 14  ? 4.695   11.422  10.633  1.00 36.03 ? 8    CYS A SG  1 
ATOM   75   N  N   . PHE A 1 15  ? -0.021  10.602  10.931  1.00 40.04 ? 9    PHE A N   1 
ATOM   76   C  CA  . PHE A 1 15  ? -0.944  10.115  9.852   1.00 39.44 ? 9    PHE A CA  1 
ATOM   77   C  C   . PHE A 1 15  ? -2.340  10.744  9.954   1.00 40.27 ? 9    PHE A C   1 
ATOM   78   O  O   . PHE A 1 15  ? -2.918  10.759  11.033  1.00 43.47 ? 9    PHE A O   1 
ATOM   79   C  CB  . PHE A 1 15  ? -1.138  8.601   9.957   1.00 38.59 ? 9    PHE A CB  1 
ATOM   80   C  CG  . PHE A 1 15  ? 0.008   7.784   9.426   1.00 36.61 ? 9    PHE A CG  1 
ATOM   81   C  CD1 . PHE A 1 15  ? 0.211   7.669   8.063   1.00 36.71 ? 9    PHE A CD1 1 
ATOM   82   C  CD2 . PHE A 1 15  ? 0.875   7.133   10.284  1.00 35.95 ? 9    PHE A CD2 1 
ATOM   83   C  CE1 . PHE A 1 15  ? 1.273   6.931   7.570   1.00 37.40 ? 9    PHE A CE1 1 
ATOM   84   C  CE2 . PHE A 1 15  ? 1.932   6.389   9.793   1.00 36.59 ? 9    PHE A CE2 1 
ATOM   85   C  CZ  . PHE A 1 15  ? 2.129   6.292   8.437   1.00 38.34 ? 9    PHE A CZ  1 
ATOM   86   N  N   . ASN A 1 16  ? -2.911  11.179  8.823   1.00 40.99 ? 10   ASN A N   1 
ATOM   87   C  CA  . ASN A 1 16  ? -4.236  11.838  8.830   1.00 44.87 ? 10   ASN A CA  1 
ATOM   88   C  C   . ASN A 1 16  ? -5.283  10.837  9.327   1.00 44.94 ? 10   ASN A C   1 
ATOM   89   O  O   . ASN A 1 16  ? -5.252  9.673   8.933   1.00 40.19 ? 10   ASN A O   1 
ATOM   90   C  CB  . ASN A 1 16  ? -4.601  12.470  7.478   1.00 48.33 ? 10   ASN A CB  1 
ATOM   91   C  CG  . ASN A 1 16  ? -5.837  11.874  6.826   1.00 53.59 ? 10   ASN A CG  1 
ATOM   92   O  OD1 . ASN A 1 16  ? -5.736  11.091  5.883   1.00 65.55 ? 10   ASN A OD1 1 
ATOM   93   N  ND2 . ASN A 1 16  ? -7.015  12.242  7.304   1.00 50.17 ? 10   ASN A ND2 1 
ATOM   94   N  N   . PRO A 1 17  ? -6.253  11.272  10.176  1.00 46.92 ? 11   PRO A N   1 
ATOM   95   C  CA  . PRO A 1 17  ? -7.047  10.372  11.024  1.00 48.33 ? 11   PRO A CA  1 
ATOM   96   C  C   . PRO A 1 17  ? -7.868  9.315   10.265  1.00 52.70 ? 11   PRO A C   1 
ATOM   97   O  O   . PRO A 1 17  ? -7.988  8.172   10.719  1.00 49.96 ? 11   PRO A O   1 
ATOM   98   C  CB  . PRO A 1 17  ? -8.031  11.306  11.745  1.00 46.07 ? 11   PRO A CB  1 
ATOM   99   C  CG  . PRO A 1 17  ? -7.395  12.668  11.662  1.00 45.67 ? 11   PRO A CG  1 
ATOM   100  C  CD  . PRO A 1 17  ? -6.672  12.675  10.337  1.00 45.90 ? 11   PRO A CD  1 
ATOM   101  N  N   . MET A 1 18  ? -8.444  9.736   9.133   1.00 56.91 ? 12   MET A N   1 
ATOM   102  C  CA  . MET A 1 18  ? -9.106  8.872   8.170   1.00 58.01 ? 12   MET A CA  1 
ATOM   103  C  C   . MET A 1 18  ? -8.320  7.565   8.035   1.00 56.30 ? 12   MET A C   1 
ATOM   104  O  O   . MET A 1 18  ? -8.911  6.504   8.067   1.00 62.40 ? 12   MET A O   1 
ATOM   105  C  CB  . MET A 1 18  ? -9.183  9.571   6.810   1.00 64.72 ? 12   MET A CB  1 
ATOM   106  C  CG  . MET A 1 18  ? -9.532  8.658   5.649   1.00 72.38 ? 12   MET A CG  1 
ATOM   107  S  SD  . MET A 1 18  ? -9.665  9.560   4.066   1.00 88.59 ? 12   MET A SD  1 
ATOM   108  C  CE  . MET A 1 18  ? -8.120  10.472  4.023   1.00 80.12 ? 12   MET A CE  1 
ATOM   109  N  N   . ILE A 1 19  ? -6.992  7.675   7.886   1.00 52.11 ? 13   ILE A N   1 
ATOM   110  C  CA  . ILE A 1 19  ? -6.075  6.526   7.735   1.00 46.36 ? 13   ILE A CA  1 
ATOM   111  C  C   . ILE A 1 19  ? -5.973  5.749   9.057   1.00 41.98 ? 13   ILE A C   1 
ATOM   112  O  O   . ILE A 1 19  ? -5.975  4.516   9.050   1.00 39.85 ? 13   ILE A O   1 
ATOM   113  C  CB  . ILE A 1 19  ? -4.688  6.992   7.240   1.00 44.81 ? 13   ILE A CB  1 
ATOM   114  C  CG1 . ILE A 1 19  ? -4.711  7.303   5.746   1.00 44.37 ? 13   ILE A CG1 1 
ATOM   115  C  CG2 . ILE A 1 19  ? -3.599  5.980   7.573   1.00 45.39 ? 13   ILE A CG2 1 
ATOM   116  C  CD1 . ILE A 1 19  ? -3.428  7.905   5.245   1.00 46.66 ? 13   ILE A CD1 1 
ATOM   117  N  N   . VAL A 1 20  ? -5.847  6.472   10.175  1.00 38.89 ? 14   VAL A N   1 
ATOM   118  C  CA  . VAL A 1 20  ? -5.640  5.853   11.476  1.00 37.88 ? 14   VAL A CA  1 
ATOM   119  C  C   . VAL A 1 20  ? -6.931  5.140   11.886  1.00 38.30 ? 14   VAL A C   1 
ATOM   120  O  O   . VAL A 1 20  ? -6.896  4.008   12.381  1.00 36.49 ? 14   VAL A O   1 
ATOM   121  C  CB  . VAL A 1 20  ? -5.204  6.874   12.543  1.00 36.36 ? 14   VAL A CB  1 
ATOM   122  C  CG1 . VAL A 1 20  ? -4.786  6.162   13.824  1.00 35.37 ? 14   VAL A CG1 1 
ATOM   123  C  CG2 . VAL A 1 20  ? -4.091  7.790   12.047  1.00 36.21 ? 14   VAL A CG2 1 
ATOM   124  N  N   . GLU A 1 21  ? -8.053  5.844   11.683  1.00 40.12 ? 15   GLU A N   1 
ATOM   125  C  CA  . GLU A 1 21  ? -9.421  5.327   11.786  1.00 41.89 ? 15   GLU A CA  1 
ATOM   126  C  C   . GLU A 1 21  ? -9.541  3.988   11.035  1.00 42.07 ? 15   GLU A C   1 
ATOM   127  O  O   . GLU A 1 21  ? -10.021 2.980   11.590  1.00 41.21 ? 15   GLU A O   1 
ATOM   128  C  CB  . GLU A 1 21  ? -10.359 6.406   11.242  1.00 45.44 ? 15   GLU A CB  1 
ATOM   129  C  CG  . GLU A 1 21  ? -11.758 5.930   10.891  1.00 50.76 ? 15   GLU A CG  1 
ATOM   130  C  CD  . GLU A 1 21  ? -12.781 6.121   11.993  1.00 53.41 ? 15   GLU A CD  1 
ATOM   131  O  OE1 . GLU A 1 21  ? -12.389 5.982   13.167  1.00 54.06 ? 15   GLU A OE1 1 
ATOM   132  O  OE2 . GLU A 1 21  ? -13.961 6.415   11.670  1.00 56.20 ? 15   GLU A OE2 1 
ATOM   133  N  N   . LEU A 1 22  ? -9.094  3.983   9.772   1.00 41.02 ? 16   LEU A N   1 
ATOM   134  C  CA  . LEU A 1 22  ? -9.214  2.830   8.889   1.00 41.39 ? 16   LEU A CA  1 
ATOM   135  C  C   . LEU A 1 22  ? -8.306  1.693   9.376   1.00 41.91 ? 16   LEU A C   1 
ATOM   136  O  O   . LEU A 1 22  ? -8.736  0.538   9.433   1.00 45.71 ? 16   LEU A O   1 
ATOM   137  C  CB  . LEU A 1 22  ? -8.863  3.237   7.451   1.00 41.79 ? 16   LEU A CB  1 
ATOM   138  C  CG  . LEU A 1 22  ? -9.942  3.984   6.658   1.00 42.99 ? 16   LEU A CG  1 
ATOM   139  C  CD1 . LEU A 1 22  ? -9.470  4.265   5.239   1.00 41.89 ? 16   LEU A CD1 1 
ATOM   140  C  CD2 . LEU A 1 22  ? -11.258 3.222   6.620   1.00 44.44 ? 16   LEU A CD2 1 
ATOM   141  N  N   . ALA A 1 23  ? -7.048  2.011   9.699   1.00 40.62 ? 17   ALA A N   1 
ATOM   142  C  CA  . ALA A 1 23  ? -6.104  1.011   10.178  1.00 40.57 ? 17   ALA A CA  1 
ATOM   143  C  C   . ALA A 1 23  ? -6.678  0.344   11.434  1.00 41.35 ? 17   ALA A C   1 
ATOM   144  O  O   . ALA A 1 23  ? -6.653  -0.886  11.564  1.00 38.47 ? 17   ALA A O   1 
ATOM   145  C  CB  . ALA A 1 23  ? -4.758  1.643   10.436  1.00 41.15 ? 17   ALA A CB  1 
ATOM   146  N  N   . GLU A 1 24  ? -7.244  1.168   12.330  1.00 43.86 ? 18   GLU A N   1 
ATOM   147  C  CA  . GLU A 1 24  ? -7.803  0.700   13.611  1.00 43.69 ? 18   GLU A CA  1 
ATOM   148  C  C   . GLU A 1 24  ? -9.013  -0.210  13.375  1.00 44.27 ? 18   GLU A C   1 
ATOM   149  O  O   . GLU A 1 24  ? -9.124  -1.252  14.022  1.00 42.93 ? 18   GLU A O   1 
ATOM   150  C  CB  . GLU A 1 24  ? -8.168  1.861   14.537  1.00 41.61 ? 18   GLU A CB  1 
ATOM   151  C  CG  . GLU A 1 24  ? -7.078  2.154   15.549  1.00 43.44 ? 18   GLU A CG  1 
ATOM   152  C  CD  . GLU A 1 24  ? -7.445  3.039   16.734  1.00 46.89 ? 18   GLU A CD  1 
ATOM   153  O  OE1 . GLU A 1 24  ? -7.856  4.196   16.502  1.00 52.16 ? 18   GLU A OE1 1 
ATOM   154  O  OE2 . GLU A 1 24  ? -7.288  2.584   17.893  1.00 42.94 ? 18   GLU A OE2 1 
ATOM   155  N  N   . LYS A 1 25  ? -9.909  0.194   12.468  1.00 45.78 ? 19   LYS A N   1 
ATOM   156  C  CA  . LYS A 1 25  ? -11.058 -0.642  12.079  1.00 47.92 ? 19   LYS A CA  1 
ATOM   157  C  C   . LYS A 1 25  ? -10.563 -2.012  11.570  1.00 44.11 ? 19   LYS A C   1 
ATOM   158  O  O   . LYS A 1 25  ? -11.047 -3.048  12.030  1.00 40.75 ? 19   LYS A O   1 
ATOM   159  C  CB  . LYS A 1 25  ? -11.923 0.075   11.034  1.00 51.00 ? 19   LYS A CB  1 
ATOM   160  C  CG  . LYS A 1 25  ? -13.353 -0.443  10.897  1.00 52.17 ? 19   LYS A CG  1 
ATOM   161  C  CD  . LYS A 1 25  ? -13.860 -0.437  9.466   1.00 53.54 ? 19   LYS A CD  1 
ATOM   162  C  CE  . LYS A 1 25  ? -15.371 -0.471  9.357   1.00 52.89 ? 19   LYS A CE  1 
ATOM   163  N  NZ  . LYS A 1 25  ? -15.822 -0.088  8.000   1.00 53.72 ? 19   LYS A NZ  1 
ATOM   164  N  N   . ALA A 1 26  ? -9.594  -2.010  10.643  1.00 40.39 ? 20   ALA A N   1 
ATOM   165  C  CA  . ALA A 1 26  ? -9.172  -3.222  9.950   1.00 41.24 ? 20   ALA A CA  1 
ATOM   166  C  C   . ALA A 1 26  ? -8.593  -4.228  10.954  1.00 41.51 ? 20   ALA A C   1 
ATOM   167  O  O   . ALA A 1 26  ? -8.827  -5.435  10.842  1.00 40.97 ? 20   ALA A O   1 
ATOM   168  C  CB  . ALA A 1 26  ? -8.181  -2.886  8.863   1.00 41.53 ? 20   ALA A CB  1 
ATOM   169  N  N   . MET A 1 27  ? -7.846  -3.719  11.938  1.00 42.05 ? 21   MET A N   1 
ATOM   170  C  CA  . MET A 1 27  ? -7.122  -4.567  12.890  1.00 44.36 ? 21   MET A CA  1 
ATOM   171  C  C   . MET A 1 27  ? -8.098  -5.155  13.908  1.00 47.91 ? 21   MET A C   1 
ATOM   172  O  O   . MET A 1 27  ? -8.093  -6.352  14.150  1.00 50.75 ? 21   MET A O   1 
ATOM   173  C  CB  . MET A 1 27  ? -6.053  -3.768  13.644  1.00 41.97 ? 21   MET A CB  1 
ATOM   174  C  CG  . MET A 1 27  ? -4.935  -3.292  12.750  1.00 39.89 ? 21   MET A CG  1 
ATOM   175  S  SD  . MET A 1 27  ? -3.591  -2.524  13.653  1.00 36.64 ? 21   MET A SD  1 
ATOM   176  C  CE  . MET A 1 27  ? -2.868  -3.972  14.414  1.00 36.98 ? 21   MET A CE  1 
ATOM   177  N  N   . LYS A 1 28  ? -8.920  -4.272  14.484  1.00 52.84 ? 22   LYS A N   1 
ATOM   178  C  CA  . LYS A 1 28  ? -9.788  -4.561  15.616  1.00 53.33 ? 22   LYS A CA  1 
ATOM   179  C  C   . LYS A 1 28  ? -10.972 -5.439  15.190  1.00 52.46 ? 22   LYS A C   1 
ATOM   180  O  O   . LYS A 1 28  ? -11.522 -6.152  16.001  1.00 53.08 ? 22   LYS A O   1 
ATOM   181  C  CB  . LYS A 1 28  ? -10.301 -3.251  16.219  1.00 55.88 ? 22   LYS A CB  1 
ATOM   182  C  CG  . LYS A 1 28  ? -9.248  -2.366  16.876  1.00 57.68 ? 22   LYS A CG  1 
ATOM   183  C  CD  . LYS A 1 28  ? -9.814  -1.013  17.290  1.00 59.10 ? 22   LYS A CD  1 
ATOM   184  C  CE  . LYS A 1 28  ? -9.416  -0.571  18.685  1.00 59.70 ? 22   LYS A CE  1 
ATOM   185  N  NZ  . LYS A 1 28  ? -10.438 0.331   19.269  1.00 60.96 ? 22   LYS A NZ  1 
ATOM   186  N  N   . GLU A 1 29  ? -11.370 -5.366  13.917  1.00 53.65 ? 23   GLU A N   1 
ATOM   187  C  CA  . GLU A 1 29  ? -12.426 -6.234  13.397  1.00 52.98 ? 23   GLU A CA  1 
ATOM   188  C  C   . GLU A 1 29  ? -11.927 -7.681  13.308  1.00 52.02 ? 23   GLU A C   1 
ATOM   189  O  O   . GLU A 1 29  ? -12.739 -8.600  13.374  1.00 47.84 ? 23   GLU A O   1 
ATOM   190  C  CB  . GLU A 1 29  ? -12.899 -5.776  12.015  1.00 54.21 ? 23   GLU A CB  1 
ATOM   191  C  CG  . GLU A 1 29  ? -13.839 -4.582  12.043  1.00 54.79 ? 23   GLU A CG  1 
ATOM   192  C  CD  . GLU A 1 29  ? -14.780 -4.472  10.852  1.00 54.52 ? 23   GLU A CD  1 
ATOM   193  O  OE1 . GLU A 1 29  ? -15.422 -3.413  10.718  1.00 57.74 ? 23   GLU A OE1 1 
ATOM   194  O  OE2 . GLU A 1 29  ? -14.880 -5.442  10.064  1.00 50.03 ? 23   GLU A OE2 1 
ATOM   195  N  N   . TYR A 1 30  ? -10.610 -7.866  13.112  1.00 54.04 ? 24   TYR A N   1 
ATOM   196  C  CA  . TYR A 1 30  ? -9.993  -9.191  12.915  1.00 57.49 ? 24   TYR A CA  1 
ATOM   197  C  C   . TYR A 1 30  ? -9.313  -9.656  14.215  1.00 57.65 ? 24   TYR A C   1 
ATOM   198  O  O   . TYR A 1 30  ? -8.548  -10.624 14.201  1.00 58.03 ? 24   TYR A O   1 
ATOM   199  C  CB  . TYR A 1 30  ? -9.023  -9.165  11.727  1.00 60.14 ? 24   TYR A CB  1 
ATOM   200  C  CG  . TYR A 1 30  ? -9.642  -8.819  10.393  1.00 68.12 ? 24   TYR A CG  1 
ATOM   201  C  CD1 . TYR A 1 30  ? -10.934 -8.325  10.302  1.00 72.65 ? 24   TYR A CD1 1 
ATOM   202  C  CD2 . TYR A 1 30  ? -8.926  -8.932  9.209   1.00 75.80 ? 24   TYR A CD2 1 
ATOM   203  C  CE1 . TYR A 1 30  ? -11.509 -7.981  9.089   1.00 74.32 ? 24   TYR A CE1 1 
ATOM   204  C  CE2 . TYR A 1 30  ? -9.487  -8.590  7.983   1.00 77.24 ? 24   TYR A CE2 1 
ATOM   205  C  CZ  . TYR A 1 30  ? -10.787 -8.113  7.922   1.00 73.84 ? 24   TYR A CZ  1 
ATOM   206  O  OH  . TYR A 1 30  ? -11.395 -7.767  6.749   1.00 68.29 ? 24   TYR A OH  1 
ATOM   207  N  N   . GLY A 1 31  ? -9.603  -8.968  15.330  1.00 54.03 ? 25   GLY A N   1 
ATOM   208  C  CA  . GLY A 1 31  ? -9.179  -9.376  16.670  1.00 54.97 ? 25   GLY A CA  1 
ATOM   209  C  C   . GLY A 1 31  ? -7.717  -9.062  16.975  1.00 56.78 ? 25   GLY A C   1 
ATOM   210  O  O   . GLY A 1 31  ? -7.077  -9.814  17.716  1.00 58.20 ? 25   GLY A O   1 
ATOM   211  N  N   . GLU A 1 32  ? -7.205  -7.947  16.430  1.00 55.64 ? 26   GLU A N   1 
ATOM   212  C  CA  . GLU A 1 32  ? -5.828  -7.463  16.651  1.00 52.98 ? 26   GLU A CA  1 
ATOM   213  C  C   . GLU A 1 32  ? -5.885  -6.093  17.344  1.00 52.91 ? 26   GLU A C   1 
ATOM   214  O  O   . GLU A 1 32  ? -6.660  -5.218  16.934  1.00 55.37 ? 26   GLU A O   1 
ATOM   215  C  CB  . GLU A 1 32  ? -5.052  -7.332  15.333  1.00 51.69 ? 26   GLU A CB  1 
ATOM   216  C  CG  . GLU A 1 32  ? -5.233  -8.494  14.364  1.00 51.25 ? 26   GLU A CG  1 
ATOM   217  C  CD  . GLU A 1 32  ? -4.125  -8.721  13.335  1.00 49.43 ? 26   GLU A CD  1 
ATOM   218  O  OE1 . GLU A 1 32  ? -4.370  -9.472  12.360  1.00 44.94 ? 26   GLU A OE1 1 
ATOM   219  O  OE2 . GLU A 1 32  ? -3.008  -8.185  13.522  1.00 45.40 ? 26   GLU A OE2 1 
ATOM   220  N  N   . ASP A 1 33  ? -5.042  -5.912  18.369  1.00 49.39 ? 27   ASP A N   1 
ATOM   221  C  CA  . ASP A 1 33  ? -4.975  -4.688  19.172  1.00 47.62 ? 27   ASP A CA  1 
ATOM   222  C  C   . ASP A 1 33  ? -3.851  -3.807  18.637  1.00 46.78 ? 27   ASP A C   1 
ATOM   223  O  O   . ASP A 1 33  ? -2.696  -4.225  18.627  1.00 47.80 ? 27   ASP A O   1 
ATOM   224  C  CB  . ASP A 1 33  ? -4.743  -5.024  20.647  1.00 49.77 ? 27   ASP A CB  1 
ATOM   225  C  CG  . ASP A 1 33  ? -5.034  -3.905  21.632  1.00 52.21 ? 27   ASP A CG  1 
ATOM   226  O  OD1 . ASP A 1 33  ? -5.205  -2.750  21.186  1.00 53.27 ? 27   ASP A OD1 1 
ATOM   227  O  OD2 . ASP A 1 33  ? -5.086  -4.203  22.850  1.00 56.10 ? 27   ASP A OD2 1 
ATOM   228  N  N   . PRO A 1 34  ? -4.133  -2.574  18.156  1.00 45.54 ? 28   PRO A N   1 
ATOM   229  C  CA  . PRO A 1 34  ? -3.069  -1.673  17.711  1.00 44.22 ? 28   PRO A CA  1 
ATOM   230  C  C   . PRO A 1 34  ? -2.220  -1.123  18.872  1.00 45.28 ? 28   PRO A C   1 
ATOM   231  O  O   . PRO A 1 34  ? -1.109  -0.619  18.650  1.00 45.06 ? 28   PRO A O   1 
ATOM   232  C  CB  . PRO A 1 34  ? -3.780  -0.543  16.952  1.00 42.72 ? 28   PRO A CB  1 
ATOM   233  C  CG  . PRO A 1 34  ? -5.268  -0.749  17.160  1.00 43.24 ? 28   PRO A CG  1 
ATOM   234  C  CD  . PRO A 1 34  ? -5.478  -2.024  17.944  1.00 43.86 ? 28   PRO A CD  1 
ATOM   235  N  N   . LYS A 1 35  ? -2.746  -1.237  20.097  1.00 45.60 ? 29   LYS A N   1 
ATOM   236  C  CA  . LYS A 1 35  ? -2.024  -0.881  21.316  1.00 44.21 ? 29   LYS A CA  1 
ATOM   237  C  C   . LYS A 1 35  ? -0.968  -1.944  21.629  1.00 40.90 ? 29   LYS A C   1 
ATOM   238  O  O   . LYS A 1 35  ? -0.115  -1.711  22.469  1.00 44.30 ? 29   LYS A O   1 
ATOM   239  C  CB  . LYS A 1 35  ? -2.987  -0.734  22.501  1.00 46.40 ? 29   LYS A CB  1 
ATOM   240  C  CG  . LYS A 1 35  ? -3.926  0.470   22.441  1.00 48.72 ? 29   LYS A CG  1 
ATOM   241  C  CD  . LYS A 1 35  ? -3.707  1.469   23.567  1.00 49.48 ? 29   LYS A CD  1 
ATOM   242  C  CE  . LYS A 1 35  ? -4.906  2.348   23.855  1.00 49.56 ? 29   LYS A CE  1 
ATOM   243  N  NZ  . LYS A 1 35  ? -4.949  2.731   25.289  1.00 49.81 ? 29   LYS A NZ  1 
ATOM   244  N  N   . ILE A 1 36  ? -1.049  -3.102  20.966  1.00 37.88 ? 30   ILE A N   1 
ATOM   245  C  CA  . ILE A 1 36  ? -0.110  -4.205  21.176  1.00 38.01 ? 30   ILE A CA  1 
ATOM   246  C  C   . ILE A 1 36  ? 0.696   -4.404  19.884  1.00 38.17 ? 30   ILE A C   1 
ATOM   247  O  O   . ILE A 1 36  ? 1.920   -4.271  19.868  1.00 37.33 ? 30   ILE A O   1 
ATOM   248  C  CB  . ILE A 1 36  ? -0.856  -5.481  21.639  1.00 36.20 ? 30   ILE A CB  1 
ATOM   249  C  CG1 . ILE A 1 36  ? -1.609  -5.261  22.959  1.00 35.29 ? 30   ILE A CG1 1 
ATOM   250  C  CG2 . ILE A 1 36  ? 0.104   -6.655  21.741  1.00 35.46 ? 30   ILE A CG2 1 
ATOM   251  C  CD1 . ILE A 1 36  ? -2.685  -6.288  23.260  1.00 34.39 ? 30   ILE A CD1 1 
ATOM   252  N  N   . GLU A 1 37  ? -0.017  -4.693  18.795  1.00 40.96 ? 31   GLU A N   1 
ATOM   253  C  CA  . GLU A 1 37  ? 0.574   -4.894  17.476  1.00 43.29 ? 31   GLU A CA  1 
ATOM   254  C  C   . GLU A 1 37  ? 0.870   -3.520  16.862  1.00 40.00 ? 31   GLU A C   1 
ATOM   255  O  O   . GLU A 1 37  ? 0.230   -3.088  15.910  1.00 36.26 ? 31   GLU A O   1 
ATOM   256  C  CB  . GLU A 1 37  ? -0.377  -5.743  16.624  1.00 49.37 ? 31   GLU A CB  1 
ATOM   257  C  CG  . GLU A 1 37  ? -0.455  -7.203  17.059  1.00 51.29 ? 31   GLU A CG  1 
ATOM   258  C  CD  . GLU A 1 37  ? 0.890   -7.910  16.996  1.00 55.51 ? 31   GLU A CD  1 
ATOM   259  O  OE1 . GLU A 1 37  ? 1.546   -8.030  18.063  1.00 53.77 ? 31   GLU A OE1 1 
ATOM   260  O  OE2 . GLU A 1 37  ? 1.302   -8.305  15.873  1.00 59.93 ? 31   GLU A OE2 1 
ATOM   261  N  N   . THR A 1 38  ? 1.841   -2.827  17.455  1.00 38.46 ? 32   THR A N   1 
ATOM   262  C  CA  . THR A 1 38  ? 2.032   -1.416  17.199  1.00 35.89 ? 32   THR A CA  1 
ATOM   263  C  C   . THR A 1 38  ? 2.713   -1.261  15.837  1.00 35.59 ? 32   THR A C   1 
ATOM   264  O  O   . THR A 1 38  ? 2.272   -0.464  15.027  1.00 36.33 ? 32   THR A O   1 
ATOM   265  C  CB  . THR A 1 38  ? 2.786   -0.743  18.351  1.00 34.23 ? 32   THR A CB  1 
ATOM   266  O  OG1 . THR A 1 38  ? 4.047   -1.393  18.505  1.00 33.07 ? 32   THR A OG1 1 
ATOM   267  C  CG2 . THR A 1 38  ? 2.030   -0.784  19.661  1.00 33.03 ? 32   THR A CG2 1 
ATOM   268  N  N   . ASN A 1 39  ? 3.753   -2.069  15.589  1.00 35.21 ? 33   ASN A N   1 
ATOM   269  C  CA  . ASN A 1 39  ? 4.512   -2.032  14.339  1.00 34.03 ? 33   ASN A CA  1 
ATOM   270  C  C   . ASN A 1 39  ? 3.608   -2.425  13.161  1.00 32.73 ? 33   ASN A C   1 
ATOM   271  O  O   . ASN A 1 39  ? 3.868   -2.045  12.054  1.00 33.30 ? 33   ASN A O   1 
ATOM   272  C  CB  . ASN A 1 39  ? 5.751   -2.933  14.371  1.00 34.90 ? 33   ASN A CB  1 
ATOM   273  C  CG  . ASN A 1 39  ? 6.816   -2.513  15.364  1.00 36.52 ? 33   ASN A CG  1 
ATOM   274  O  OD1 . ASN A 1 39  ? 6.630   -1.586  16.158  1.00 38.80 ? 33   ASN A OD1 1 
ATOM   275  N  ND2 . ASN A 1 39  ? 7.945   -3.201  15.327  1.00 35.40 ? 33   ASN A ND2 1 
ATOM   276  N  N   . LYS A 1 40  ? 2.562   -3.213  13.403  1.00 32.79 ? 34   LYS A N   1 
ATOM   277  C  CA  . LYS A 1 40  ? 1.637   -3.623  12.350  1.00 33.52 ? 34   LYS A CA  1 
ATOM   278  C  C   . LYS A 1 40  ? 0.657   -2.488  12.057  1.00 32.09 ? 34   LYS A C   1 
ATOM   279  O  O   . LYS A 1 40  ? 0.325   -2.211  10.929  1.00 31.70 ? 34   LYS A O   1 
ATOM   280  C  CB  . LYS A 1 40  ? 0.862   -4.867  12.786  1.00 36.99 ? 34   LYS A CB  1 
ATOM   281  C  CG  . LYS A 1 40  ? -0.139  -5.402  11.771  1.00 38.83 ? 34   LYS A CG  1 
ATOM   282  C  CD  . LYS A 1 40  ? -0.617  -6.802  12.103  1.00 41.59 ? 34   LYS A CD  1 
ATOM   283  C  CE  . LYS A 1 40  ? -1.486  -7.412  11.016  1.00 45.33 ? 34   LYS A CE  1 
ATOM   284  N  NZ  . LYS A 1 40  ? -0.813  -8.526  10.298  1.00 45.86 ? 34   LYS A NZ  1 
ATOM   285  N  N   . PHE A 1 41  ? 0.172   -1.869  13.128  1.00 34.04 ? 35   PHE A N   1 
ATOM   286  C  CA  . PHE A 1 41  ? -0.609  -0.640  13.090  1.00 32.53 ? 35   PHE A CA  1 
ATOM   287  C  C   . PHE A 1 41  ? 0.091   0.378   12.183  1.00 31.04 ? 35   PHE A C   1 
ATOM   288  O  O   . PHE A 1 41  ? -0.528  0.952   11.285  1.00 31.27 ? 35   PHE A O   1 
ATOM   289  C  CB  . PHE A 1 41  ? -0.769  -0.141  14.528  1.00 32.33 ? 35   PHE A CB  1 
ATOM   290  C  CG  . PHE A 1 41  ? -1.702  1.018   14.755  1.00 33.41 ? 35   PHE A CG  1 
ATOM   291  C  CD1 . PHE A 1 41  ? -2.776  1.266   13.916  1.00 35.32 ? 35   PHE A CD1 1 
ATOM   292  C  CD2 . PHE A 1 41  ? -1.544  1.820   15.875  1.00 32.91 ? 35   PHE A CD2 1 
ATOM   293  C  CE1 . PHE A 1 41  ? -3.635  2.326   14.167  1.00 35.14 ? 35   PHE A CE1 1 
ATOM   294  C  CE2 . PHE A 1 41  ? -2.408  2.872   16.124  1.00 32.53 ? 35   PHE A CE2 1 
ATOM   295  C  CZ  . PHE A 1 41  ? -3.445  3.131   15.265  1.00 33.41 ? 35   PHE A CZ  1 
ATOM   296  N  N   . ALA A 1 42  ? 1.398   0.553   12.404  1.00 28.42 ? 36   ALA A N   1 
ATOM   297  C  CA  . ALA A 1 42  ? 2.183   1.567   11.725  1.00 28.01 ? 36   ALA A CA  1 
ATOM   298  C  C   . ALA A 1 42  ? 2.498   1.140   10.292  1.00 27.78 ? 36   ALA A C   1 
ATOM   299  O  O   . ALA A 1 42  ? 2.734   1.991   9.448   1.00 30.79 ? 36   ALA A O   1 
ATOM   300  C  CB  . ALA A 1 42  ? 3.453   1.852   12.484  1.00 27.83 ? 36   ALA A CB  1 
ATOM   301  N  N   . ALA A 1 43  ? 2.538   -0.170  10.042  1.00 26.53 ? 37   ALA A N   1 
ATOM   302  C  CA  . ALA A 1 43  ? 2.774   -0.697  8.709   1.00 25.48 ? 37   ALA A CA  1 
ATOM   303  C  C   . ALA A 1 43  ? 1.507   -0.545  7.865   1.00 25.35 ? 37   ALA A C   1 
ATOM   304  O  O   . ALA A 1 43  ? 1.597   -0.192  6.688   1.00 25.07 ? 37   ALA A O   1 
ATOM   305  C  CB  . ALA A 1 43  ? 3.206   -2.136  8.784   1.00 25.63 ? 37   ALA A CB  1 
ATOM   306  N  N   . ILE A 1 44  ? 0.341   -0.794  8.476   1.00 25.87 ? 38   ILE A N   1 
ATOM   307  C  CA  . ILE A 1 44  ? -0.951  -0.755  7.754   1.00 27.32 ? 38   ILE A CA  1 
ATOM   308  C  C   . ILE A 1 44  ? -1.234  0.678   7.301   1.00 28.28 ? 38   ILE A C   1 
ATOM   309  O  O   . ILE A 1 44  ? -1.669  0.909   6.167   1.00 27.55 ? 38   ILE A O   1 
ATOM   310  C  CB  . ILE A 1 44  ? -2.118  -1.305  8.597   1.00 26.71 ? 38   ILE A CB  1 
ATOM   311  C  CG1 . ILE A 1 44  ? -2.094  -2.835  8.635   1.00 27.07 ? 38   ILE A CG1 1 
ATOM   312  C  CG2 . ILE A 1 44  ? -3.450  -0.779  8.079   1.00 26.73 ? 38   ILE A CG2 1 
ATOM   313  C  CD1 . ILE A 1 44  ? -3.134  -3.456  9.543   1.00 27.48 ? 38   ILE A CD1 1 
ATOM   314  N  N   . CYS A 1 45  ? -1.020  1.621   8.219   1.00 29.69 ? 39   CYS A N   1 
ATOM   315  C  CA  . CYS A 1 45  ? -1.162  3.014   7.917   1.00 30.24 ? 39   CYS A CA  1 
ATOM   316  C  C   . CYS A 1 45  ? -0.326  3.315   6.674   1.00 30.13 ? 39   CYS A C   1 
ATOM   317  O  O   . CYS A 1 45  ? -0.871  3.771   5.656   1.00 29.62 ? 39   CYS A O   1 
ATOM   318  C  CB  . CYS A 1 45  ? -0.777  3.873   9.119   1.00 31.26 ? 39   CYS A CB  1 
ATOM   319  S  SG  . CYS A 1 45  ? -1.937  3.705   10.507  1.00 32.27 ? 39   CYS A SG  1 
ATOM   320  N  N   . THR A 1 46  ? 0.966   2.965   6.737   1.00 31.29 ? 40   THR A N   1 
ATOM   321  C  CA  . THR A 1 46  ? 1.943   3.396   5.730   1.00 33.20 ? 40   THR A CA  1 
ATOM   322  C  C   . THR A 1 46  ? 1.561   2.865   4.348   1.00 33.11 ? 40   THR A C   1 
ATOM   323  O  O   . THR A 1 46  ? 1.656   3.593   3.365   1.00 33.48 ? 40   THR A O   1 
ATOM   324  C  CB  . THR A 1 46  ? 3.367   2.962   6.072   1.00 34.83 ? 40   THR A CB  1 
ATOM   325  O  OG1 . THR A 1 46  ? 3.616   3.333   7.430   1.00 35.39 ? 40   THR A OG1 1 
ATOM   326  C  CG2 . THR A 1 46  ? 4.387   3.589   5.144   1.00 35.78 ? 40   THR A CG2 1 
ATOM   327  N  N   . HIS A 1 47  ? 1.129   1.602   4.298   1.00 32.60 ? 41   HIS A N   1 
ATOM   328  C  CA  . HIS A 1 47  ? 0.568   1.002   3.081   1.00 32.70 ? 41   HIS A CA  1 
ATOM   329  C  C   . HIS A 1 47  ? -0.621  1.835   2.578   1.00 31.93 ? 41   HIS A C   1 
ATOM   330  O  O   . HIS A 1 47  ? -0.609  2.296   1.446   1.00 33.09 ? 41   HIS A O   1 
ATOM   331  C  CB  . HIS A 1 47  ? 0.206   -0.468  3.339   1.00 33.25 ? 41   HIS A CB  1 
ATOM   332  C  CG  . HIS A 1 47  ? -0.173  -1.234  2.120   1.00 33.27 ? 41   HIS A CG  1 
ATOM   333  N  ND1 . HIS A 1 47  ? -1.486  -1.556  1.849   1.00 34.65 ? 41   HIS A ND1 1 
ATOM   334  C  CD2 . HIS A 1 47  ? 0.572   -1.757  1.118   1.00 33.31 ? 41   HIS A CD2 1 
ATOM   335  C  CE1 . HIS A 1 47  ? -1.540  -2.237  0.721   1.00 35.60 ? 41   HIS A CE1 1 
ATOM   336  N  NE2 . HIS A 1 47  ? -0.284  -2.375  0.249   1.00 34.62 ? 41   HIS A NE2 1 
ATOM   337  N  N   . LEU A 1 48  ? -1.632  2.045   3.426   1.00 30.71 ? 42   LEU A N   1 
ATOM   338  C  CA  . LEU A 1 48  ? -2.814  2.790   3.017   1.00 30.63 ? 42   LEU A CA  1 
ATOM   339  C  C   . LEU A 1 48  ? -2.398  4.105   2.362   1.00 30.29 ? 42   LEU A C   1 
ATOM   340  O  O   . LEU A 1 48  ? -2.878  4.420   1.263   1.00 30.87 ? 42   LEU A O   1 
ATOM   341  C  CB  . LEU A 1 48  ? -3.735  3.059   4.212   1.00 31.85 ? 42   LEU A CB  1 
ATOM   342  C  CG  . LEU A 1 48  ? -5.069  2.310   4.190   1.00 32.64 ? 42   LEU A CG  1 
ATOM   343  C  CD1 . LEU A 1 48  ? -5.796  2.455   5.516   1.00 32.40 ? 42   LEU A CD1 1 
ATOM   344  C  CD2 . LEU A 1 48  ? -5.953  2.792   3.049   1.00 32.25 ? 42   LEU A CD2 1 
ATOM   345  N  N   . GLU A 1 49  ? -1.513  4.857   3.032   1.00 29.34 ? 43   GLU A N   1 
ATOM   346  C  CA  . GLU A 1 49  ? -1.122  6.196   2.552   1.00 29.65 ? 43   GLU A CA  1 
ATOM   347  C  C   . GLU A 1 49  ? -0.455  6.090   1.164   1.00 28.86 ? 43   GLU A C   1 
ATOM   348  O  O   . GLU A 1 49  ? -0.784  6.846   0.225   1.00 27.60 ? 43   GLU A O   1 
ATOM   349  C  CB  . GLU A 1 49  ? -0.213  6.897   3.563   1.00 29.36 ? 43   GLU A CB  1 
ATOM   350  C  CG  . GLU A 1 49  ? -0.240  8.406   3.412   1.00 30.01 ? 43   GLU A CG  1 
ATOM   351  C  CD  . GLU A 1 49  ? 0.383   9.161   4.567   1.00 31.19 ? 43   GLU A CD  1 
ATOM   352  O  OE1 . GLU A 1 49  ? 1.623   9.218   4.604   1.00 30.72 ? 43   GLU A OE1 1 
ATOM   353  O  OE2 . GLU A 1 49  ? -0.375  9.684   5.429   1.00 32.41 ? 43   GLU A OE2 1 
ATOM   354  N  N   . VAL A 1 50  ? 0.469   5.136   1.019   1.00 26.85 ? 44   VAL A N   1 
ATOM   355  C  CA  . VAL A 1 50  ? 1.014   4.818   -0.281  1.00 26.32 ? 44   VAL A CA  1 
ATOM   356  C  C   . VAL A 1 50  ? -0.157  4.703   -1.263  1.00 27.14 ? 44   VAL A C   1 
ATOM   357  O  O   . VAL A 1 50  ? -0.198  5.378   -2.292  1.00 27.81 ? 44   VAL A O   1 
ATOM   358  C  CB  . VAL A 1 50  ? 1.870   3.534   -0.257  1.00 25.20 ? 44   VAL A CB  1 
ATOM   359  C  CG1 . VAL A 1 50  ? 2.008   2.931   -1.635  1.00 25.04 ? 44   VAL A CG1 1 
ATOM   360  C  CG2 . VAL A 1 50  ? 3.255   3.776   0.321   1.00 25.51 ? 44   VAL A CG2 1 
ATOM   361  N  N   . CYS A 1 51  ? -1.118  3.843   -0.920  1.00 27.78 ? 45   CYS A N   1 
ATOM   362  C  CA  . CYS A 1 51  ? -2.149  3.435   -1.856  1.00 27.86 ? 45   CYS A CA  1 
ATOM   363  C  C   . CYS A 1 51  ? -2.998  4.642   -2.247  1.00 28.10 ? 45   CYS A C   1 
ATOM   364  O  O   . CYS A 1 51  ? -3.298  4.823   -3.429  1.00 28.91 ? 45   CYS A O   1 
ATOM   365  C  CB  . CYS A 1 51  ? -2.998  2.306   -1.284  1.00 27.67 ? 45   CYS A CB  1 
ATOM   366  S  SG  . CYS A 1 51  ? -2.064  0.760   -1.178  1.00 26.62 ? 45   CYS A SG  1 
ATOM   367  N  N   . PHE A 1 52  ? -3.353  5.449   -1.245  1.00 27.87 ? 46   PHE A N   1 
ATOM   368  C  CA  . PHE A 1 52  ? -4.118  6.653   -1.448  1.00 28.40 ? 46   PHE A CA  1 
ATOM   369  C  C   . PHE A 1 52  ? -3.332  7.659   -2.278  1.00 28.74 ? 46   PHE A C   1 
ATOM   370  O  O   . PHE A 1 52  ? -3.870  8.206   -3.234  1.00 29.31 ? 46   PHE A O   1 
ATOM   371  C  CB  . PHE A 1 52  ? -4.466  7.292   -0.110  1.00 29.48 ? 46   PHE A CB  1 
ATOM   372  C  CG  . PHE A 1 52  ? -5.524  6.544   0.641   1.00 30.19 ? 46   PHE A CG  1 
ATOM   373  C  CD1 . PHE A 1 52  ? -6.307  5.598   0.003   1.00 30.88 ? 46   PHE A CD1 1 
ATOM   374  C  CD2 . PHE A 1 52  ? -5.760  6.815   1.973   1.00 31.66 ? 46   PHE A CD2 1 
ATOM   375  C  CE1 . PHE A 1 52  ? -7.290  4.908   0.689   1.00 31.64 ? 46   PHE A CE1 1 
ATOM   376  C  CE2 . PHE A 1 52  ? -6.751  6.134   2.659   1.00 33.21 ? 46   PHE A CE2 1 
ATOM   377  C  CZ  . PHE A 1 52  ? -7.515  5.186   2.015   1.00 33.23 ? 46   PHE A CZ  1 
ATOM   378  N  N   . MET A 1 53  ? -2.084  7.917   -1.875  1.00 27.64 ? 47   MET A N   1 
ATOM   379  C  CA  . MET A 1 53  ? -1.219  8.771   -2.643  1.00 28.37 ? 47   MET A CA  1 
ATOM   380  C  C   . MET A 1 53  ? -1.231  8.299   -4.106  1.00 30.04 ? 47   MET A C   1 
ATOM   381  O  O   . MET A 1 53  ? -1.637  9.053   -4.990  1.00 32.98 ? 47   MET A O   1 
ATOM   382  C  CB  . MET A 1 53  ? 0.212   8.755   -2.098  1.00 28.40 ? 47   MET A CB  1 
ATOM   383  C  CG  . MET A 1 53  ? 0.408   9.640   -0.883  1.00 28.56 ? 47   MET A CG  1 
ATOM   384  S  SD  . MET A 1 53  ? 2.108   9.601   -0.279  1.00 27.64 ? 47   MET A SD  1 
ATOM   385  C  CE  . MET A 1 53  ? 2.920   10.626  -1.503  1.00 27.45 ? 47   MET A CE  1 
ATOM   386  N  N   . TYR A 1 54  ? -0.839  7.039   -4.334  1.00 29.94 ? 48   TYR A N   1 
ATOM   387  C  CA  . TYR A 1 54  ? -0.704  6.422   -5.667  1.00 30.71 ? 48   TYR A CA  1 
ATOM   388  C  C   . TYR A 1 54  ? -1.958  6.645   -6.532  1.00 33.62 ? 48   TYR A C   1 
ATOM   389  O  O   . TYR A 1 54  ? -1.856  6.969   -7.723  1.00 31.55 ? 48   TYR A O   1 
ATOM   390  C  CB  . TYR A 1 54  ? -0.444  4.926   -5.494  1.00 29.64 ? 48   TYR A CB  1 
ATOM   391  C  CG  . TYR A 1 54  ? 0.213   4.229   -6.658  1.00 28.77 ? 48   TYR A CG  1 
ATOM   392  C  CD1 . TYR A 1 54  ? -0.460  4.021   -7.852  1.00 28.73 ? 48   TYR A CD1 1 
ATOM   393  C  CD2 . TYR A 1 54  ? 1.498   3.723   -6.543  1.00 28.73 ? 48   TYR A CD2 1 
ATOM   394  C  CE1 . TYR A 1 54  ? 0.134   3.348   -8.909  1.00 29.55 ? 48   TYR A CE1 1 
ATOM   395  C  CE2 . TYR A 1 54  ? 2.109   3.049   -7.588  1.00 29.78 ? 48   TYR A CE2 1 
ATOM   396  C  CZ  . TYR A 1 54  ? 1.424   2.854   -8.779  1.00 29.93 ? 48   TYR A CZ  1 
ATOM   397  O  OH  . TYR A 1 54  ? 2.029   2.175   -9.802  1.00 28.01 ? 48   TYR A OH  1 
ATOM   398  N  N   . SER A 1 55  ? -3.131  6.420   -5.924  1.00 38.38 ? 49   SER A N   1 
ATOM   399  C  CA  . SER A 1 55  ? -4.458  6.617   -6.520  1.00 41.47 ? 49   SER A CA  1 
ATOM   400  C  C   . SER A 1 55  ? -4.648  8.059   -7.028  1.00 45.81 ? 49   SER A C   1 
ATOM   401  O  O   . SER A 1 55  ? -5.125  8.284   -8.140  1.00 47.50 ? 49   SER A O   1 
ATOM   402  C  CB  . SER A 1 55  ? -5.516  6.244   -5.507  1.00 42.35 ? 49   SER A CB  1 
ATOM   403  O  OG  . SER A 1 55  ? -6.784  6.763   -5.873  1.00 44.05 ? 49   SER A OG  1 
ATOM   404  N  N   . ASP A 1 56  ? -4.264  9.042   -6.210  1.00 50.93 ? 50   ASP A N   1 
ATOM   405  C  CA  . ASP A 1 56  ? -4.625  10.437  -6.432  1.00 56.55 ? 50   ASP A CA  1 
ATOM   406  C  C   . ASP A 1 56  ? -3.556  11.174  -7.254  1.00 60.20 ? 50   ASP A C   1 
ATOM   407  O  O   . ASP A 1 56  ? -3.611  12.400  -7.343  1.00 65.67 ? 50   ASP A O   1 
ATOM   408  C  CB  . ASP A 1 56  ? -4.890  11.142  -5.092  1.00 59.71 ? 50   ASP A CB  1 
ATOM   409  C  CG  . ASP A 1 56  ? -6.186  10.722  -4.403  1.00 63.03 ? 50   ASP A CG  1 
ATOM   410  O  OD1 . ASP A 1 56  ? -7.216  10.549  -5.103  1.00 61.69 ? 50   ASP A OD1 1 
ATOM   411  O  OD2 . ASP A 1 56  ? -6.167  10.567  -3.164  1.00 66.71 ? 50   ASP A OD2 1 
ATOM   412  N  N   . PHE A 1 57  ? -2.596  10.450  -7.853  1.00 65.00 ? 51   PHE A N   1 
ATOM   413  C  CA  . PHE A 1 57  ? -1.604  11.043  -8.792  1.00 68.43 ? 51   PHE A CA  1 
ATOM   414  C  C   . PHE A 1 57  ? -2.040  10.765  -10.238 1.00 69.45 ? 51   PHE A C   1 
ATOM   415  O  O   . PHE A 1 57  ? -1.224  10.420  -11.096 1.00 64.03 ? 51   PHE A O   1 
ATOM   416  C  CB  . PHE A 1 57  ? -0.186  10.518  -8.532  1.00 69.35 ? 51   PHE A CB  1 
ATOM   417  C  CG  . PHE A 1 57  ? 0.498   10.999  -7.270  1.00 74.04 ? 51   PHE A CG  1 
ATOM   418  C  CD1 . PHE A 1 57  ? 0.106   12.163  -6.613  1.00 76.55 ? 51   PHE A CD1 1 
ATOM   419  C  CD2 . PHE A 1 57  ? 1.579   10.297  -6.756  1.00 74.30 ? 51   PHE A CD2 1 
ATOM   420  C  CE1 . PHE A 1 57  ? 0.756   12.592  -5.463  1.00 73.01 ? 51   PHE A CE1 1 
ATOM   421  C  CE2 . PHE A 1 57  ? 2.234   10.734  -5.613  1.00 75.53 ? 51   PHE A CE2 1 
ATOM   422  C  CZ  . PHE A 1 57  ? 1.821   11.877  -4.965  1.00 72.98 ? 51   PHE A CZ  1 
ATOM   423  N  N   . GLY A 1 58  ? -3.340  10.949  -10.491 1.00 73.84 ? 52   GLY A N   1 
ATOM   424  C  CA  . GLY A 1 58  ? -3.968  10.685  -11.773 1.00 74.38 ? 52   GLY A CA  1 
ATOM   425  C  C   . GLY A 1 58  ? -5.475  10.866  -11.692 1.00 74.21 ? 52   GLY A C   1 
ATOM   426  O  O   . GLY A 1 58  ? -6.058  10.882  -10.605 1.00 70.31 ? 52   GLY A O   1 
ATOM   427  N  N   . LEU A 1 66  ? -7.554  11.902  -19.329 1.00 75.54 ? 72   LEU A N   1 
ATOM   428  C  CA  . LEU A 1 66  ? -7.800  10.910  -18.276 1.00 74.12 ? 72   LEU A CA  1 
ATOM   429  C  C   . LEU A 1 66  ? -7.493  11.530  -16.903 1.00 72.23 ? 72   LEU A C   1 
ATOM   430  O  O   . LEU A 1 66  ? -6.402  11.356  -16.347 1.00 64.91 ? 72   LEU A O   1 
ATOM   431  C  CB  . LEU A 1 66  ? -6.948  9.664   -18.556 1.00 73.88 ? 72   LEU A CB  1 
ATOM   432  C  CG  . LEU A 1 66  ? -7.672  8.313   -18.592 1.00 72.25 ? 72   LEU A CG  1 
ATOM   433  C  CD1 . LEU A 1 66  ? -7.328  7.475   -17.372 1.00 71.75 ? 72   LEU A CD1 1 
ATOM   434  C  CD2 . LEU A 1 66  ? -9.185  8.452   -18.738 1.00 69.70 ? 72   LEU A CD2 1 
ATOM   435  N  N   . LYS A 1 67  ? -8.485  12.275  -16.394 1.00 74.35 ? 73   LYS A N   1 
ATOM   436  C  CA  . LYS A 1 67  ? -8.502  12.865  -15.041 1.00 74.60 ? 73   LYS A CA  1 
ATOM   437  C  C   . LYS A 1 67  ? -8.468  11.758  -13.971 1.00 75.89 ? 73   LYS A C   1 
ATOM   438  O  O   . LYS A 1 67  ? -7.488  11.669  -13.218 1.00 71.00 ? 73   LYS A O   1 
ATOM   439  C  CB  . LYS A 1 67  ? -9.705  13.808  -14.875 1.00 76.93 ? 73   LYS A CB  1 
ATOM   440  C  CG  . LYS A 1 67  ? -11.029 13.379  -15.516 1.00 79.29 ? 73   LYS A CG  1 
ATOM   441  C  CD  . LYS A 1 67  ? -11.678 14.475  -16.371 1.00 75.75 ? 73   LYS A CD  1 
ATOM   442  C  CE  . LYS A 1 67  ? -13.188 14.379  -16.465 1.00 68.83 ? 73   LYS A CE  1 
ATOM   443  N  NZ  . LYS A 1 67  ? -13.642 14.091  -17.844 1.00 67.84 ? 73   LYS A NZ  1 
ATOM   444  N  N   . HIS A 1 68  ? -9.522  10.921  -13.913 1.00 72.99 ? 74   HIS A N   1 
ATOM   445  C  CA  . HIS A 1 68  ? -9.658  9.829   -12.921 1.00 70.79 ? 74   HIS A CA  1 
ATOM   446  C  C   . HIS A 1 68  ? -9.013  8.537   -13.447 1.00 64.73 ? 74   HIS A C   1 
ATOM   447  O  O   . HIS A 1 68  ? -9.683  7.747   -14.132 1.00 61.30 ? 74   HIS A O   1 
ATOM   448  C  CB  . HIS A 1 68  ? -11.135 9.592   -12.567 1.00 76.17 ? 74   HIS A CB  1 
ATOM   449  C  CG  . HIS A 1 68  ? -11.338 8.658   -11.417 1.00 83.25 ? 74   HIS A CG  1 
ATOM   450  N  ND1 . HIS A 1 68  ? -11.801 7.358   -11.580 1.00 83.52 ? 74   HIS A ND1 1 
ATOM   451  C  CD2 . HIS A 1 68  ? -11.136 8.825   -10.089 1.00 82.70 ? 74   HIS A CD2 1 
ATOM   452  C  CE1 . HIS A 1 68  ? -11.878 6.773   -10.403 1.00 82.31 ? 74   HIS A CE1 1 
ATOM   453  N  NE2 . HIS A 1 68  ? -11.472 7.651   -9.472  1.00 82.54 ? 74   HIS A NE2 1 
ATOM   454  N  N   . ARG A 1 69  ? -7.736  8.311   -13.089 1.00 58.05 ? 75   ARG A N   1 
ATOM   455  C  CA  . ARG A 1 69  ? -6.915  7.247   -13.707 1.00 53.57 ? 75   ARG A CA  1 
ATOM   456  C  C   . ARG A 1 69  ? -7.046  5.923   -12.944 1.00 50.62 ? 75   ARG A C   1 
ATOM   457  O  O   . ARG A 1 69  ? -7.117  4.868   -13.576 1.00 51.02 ? 75   ARG A O   1 
ATOM   458  C  CB  . ARG A 1 69  ? -5.426  7.606   -13.793 1.00 50.47 ? 75   ARG A CB  1 
ATOM   459  C  CG  . ARG A 1 69  ? -4.577  6.453   -14.312 1.00 47.92 ? 75   ARG A CG  1 
ATOM   460  C  CD  . ARG A 1 69  ? -3.141  6.776   -14.674 1.00 46.22 ? 75   ARG A CD  1 
ATOM   461  N  NE  . ARG A 1 69  ? -2.412  5.538   -14.944 1.00 44.43 ? 75   ARG A NE  1 
ATOM   462  C  CZ  . ARG A 1 69  ? -1.228  5.469   -15.534 1.00 41.86 ? 75   ARG A CZ  1 
ATOM   463  N  NH1 . ARG A 1 69  ? -0.591  6.580   -15.862 1.00 40.96 ? 75   ARG A NH1 1 
ATOM   464  N  NH2 . ARG A 1 69  ? -0.700  4.288   -15.803 1.00 39.97 ? 75   ARG A NH2 1 
ATOM   465  N  N   . PHE A 1 70  ? -7.017  5.977   -11.608 1.00 46.83 ? 76   PHE A N   1 
ATOM   466  C  CA  . PHE A 1 70  ? -6.968  4.772   -10.787 1.00 41.99 ? 76   PHE A CA  1 
ATOM   467  C  C   . PHE A 1 70  ? -8.248  4.612   -9.961  1.00 42.03 ? 76   PHE A C   1 
ATOM   468  O  O   . PHE A 1 70  ? -8.942  5.583   -9.623  1.00 39.99 ? 76   PHE A O   1 
ATOM   469  C  CB  . PHE A 1 70  ? -5.766  4.795   -9.844  1.00 37.71 ? 76   PHE A CB  1 
ATOM   470  C  CG  . PHE A 1 70  ? -4.432  4.973   -10.516 1.00 35.05 ? 76   PHE A CG  1 
ATOM   471  C  CD1 . PHE A 1 70  ? -3.709  3.878   -10.960 1.00 35.05 ? 76   PHE A CD1 1 
ATOM   472  C  CD2 . PHE A 1 70  ? -3.881  6.232   -10.667 1.00 35.37 ? 76   PHE A CD2 1 
ATOM   473  C  CE1 . PHE A 1 70  ? -2.463  4.042   -11.548 1.00 35.51 ? 76   PHE A CE1 1 
ATOM   474  C  CE2 . PHE A 1 70  ? -2.636  6.395   -11.256 1.00 35.84 ? 76   PHE A CE2 1 
ATOM   475  C  CZ  . PHE A 1 70  ? -1.925  5.300   -11.693 1.00 35.17 ? 76   PHE A CZ  1 
ATOM   476  N  N   . GLU A 1 71  ? -8.517  3.355   -9.620  1.00 42.47 ? 77   GLU A N   1 
ATOM   477  C  CA  . GLU A 1 71  ? -9.578  2.981   -8.727  1.00 43.92 ? 77   GLU A CA  1 
ATOM   478  C  C   . GLU A 1 71  ? -8.954  2.429   -7.437  1.00 44.22 ? 77   GLU A C   1 
ATOM   479  O  O   . GLU A 1 71  ? -8.328  1.372   -7.449  1.00 46.11 ? 77   GLU A O   1 
ATOM   480  C  CB  . GLU A 1 71  ? -10.479 1.957   -9.417  1.00 44.19 ? 77   GLU A CB  1 
ATOM   481  C  CG  . GLU A 1 71  ? -11.782 1.716   -8.686  1.00 43.10 ? 77   GLU A CG  1 
ATOM   482  C  CD  . GLU A 1 71  ? -12.612 2.972   -8.593  1.00 42.30 ? 77   GLU A CD  1 
ATOM   483  O  OE1 . GLU A 1 71  ? -12.991 3.477   -9.668  1.00 43.25 ? 77   GLU A OE1 1 
ATOM   484  O  OE2 . GLU A 1 71  ? -12.816 3.469   -7.461  1.00 42.13 ? 77   GLU A OE2 1 
ATOM   485  N  N   . ILE A 1 72  ? -9.105  3.185   -6.344  1.00 42.42 ? 78   ILE A N   1 
ATOM   486  C  CA  . ILE A 1 72  ? -8.741  2.761   -5.003  1.00 40.79 ? 78   ILE A CA  1 
ATOM   487  C  C   . ILE A 1 72  ? -9.598  1.551   -4.605  1.00 41.83 ? 78   ILE A C   1 
ATOM   488  O  O   . ILE A 1 72  ? -10.820 1.583   -4.731  1.00 43.88 ? 78   ILE A O   1 
ATOM   489  C  CB  . ILE A 1 72  ? -8.918  3.928   -4.011  1.00 41.29 ? 78   ILE A CB  1 
ATOM   490  C  CG1 . ILE A 1 72  ? -8.306  3.612   -2.646  1.00 41.87 ? 78   ILE A CG1 1 
ATOM   491  C  CG2 . ILE A 1 72  ? -10.383 4.328   -3.878  1.00 42.44 ? 78   ILE A CG2 1 
ATOM   492  C  CD1 . ILE A 1 72  ? -6.803  3.584   -2.648  1.00 43.90 ? 78   ILE A CD1 1 
ATOM   493  N  N   . ILE A 1 73  ? -8.945  0.486   -4.124  1.00 41.41 ? 79   ILE A N   1 
ATOM   494  C  CA  . ILE A 1 73  ? -9.639  -0.698  -3.616  1.00 40.13 ? 79   ILE A CA  1 
ATOM   495  C  C   . ILE A 1 73  ? -9.250  -0.913  -2.146  1.00 38.66 ? 79   ILE A C   1 
ATOM   496  O  O   . ILE A 1 73  ? -10.111 -1.095  -1.276  1.00 39.50 ? 79   ILE A O   1 
ATOM   497  C  CB  . ILE A 1 73  ? -9.352  -1.929  -4.498  1.00 40.79 ? 79   ILE A CB  1 
ATOM   498  C  CG1 . ILE A 1 73  ? -9.559  -1.624  -5.982  1.00 41.96 ? 79   ILE A CG1 1 
ATOM   499  C  CG2 . ILE A 1 73  ? -10.193 -3.121  -4.062  1.00 41.13 ? 79   ILE A CG2 1 
ATOM   500  C  CD1 . ILE A 1 73  ? -8.862  -2.602  -6.902  1.00 43.50 ? 79   ILE A CD1 1 
ATOM   501  N  N   . GLU A 1 74  ? -7.952  -0.878  -1.845  1.00 37.14 ? 80   GLU A N   1 
ATOM   502  C  CA  . GLU A 1 74  ? -7.543  -0.885  -0.445  1.00 38.05 ? 80   GLU A CA  1 
ATOM   503  C  C   . GLU A 1 74  ? -8.148  0.348   0.238   1.00 35.37 ? 80   GLU A C   1 
ATOM   504  O  O   . GLU A 1 74  ? -8.131  1.450   -0.315  1.00 37.14 ? 80   GLU A O   1 
ATOM   505  C  CB  . GLU A 1 74  ? -6.018  -0.915  -0.281  1.00 39.72 ? 80   GLU A CB  1 
ATOM   506  C  CG  . GLU A 1 74  ? -5.575  -1.453  1.079   1.00 38.50 ? 80   GLU A CG  1 
ATOM   507  C  CD  . GLU A 1 74  ? -5.683  -2.964  1.218   1.00 37.34 ? 80   GLU A CD  1 
ATOM   508  O  OE1 . GLU A 1 74  ? -6.472  -3.433  2.080   1.00 34.91 ? 80   GLU A OE1 1 
ATOM   509  O  OE2 . GLU A 1 74  ? -4.979  -3.666  0.455   1.00 36.43 ? 80   GLU A OE2 1 
ATOM   510  N  N   . GLY A 1 75  ? -8.666  0.144   1.447   1.00 32.26 ? 81   GLY A N   1 
ATOM   511  C  CA  . GLY A 1 75  ? -9.427  1.143   2.145   1.00 32.88 ? 81   GLY A CA  1 
ATOM   512  C  C   . GLY A 1 75  ? -10.857 0.690   2.338   1.00 33.02 ? 81   GLY A C   1 
ATOM   513  O  O   . GLY A 1 75  ? -11.374 0.813   3.429   1.00 33.08 ? 81   GLY A O   1 
ATOM   514  N  N   . ARG A 1 76  ? -11.451 0.114   1.286   1.00 34.53 ? 82   ARG A N   1 
ATOM   515  C  CA  . ARG A 1 76  ? -12.875 -0.268  1.256   1.00 38.25 ? 82   ARG A CA  1 
ATOM   516  C  C   . ARG A 1 76  ? -13.150 -1.530  2.097   1.00 38.13 ? 82   ARG A C   1 
ATOM   517  O  O   . ARG A 1 76  ? -12.304 -2.395  2.209   1.00 39.20 ? 82   ARG A O   1 
ATOM   518  C  CB  . ARG A 1 76  ? -13.306 -0.499  -0.195  1.00 40.92 ? 82   ARG A CB  1 
ATOM   519  C  CG  . ARG A 1 76  ? -13.240 0.737   -1.078  1.00 41.74 ? 82   ARG A CG  1 
ATOM   520  C  CD  . ARG A 1 76  ? -13.382 0.378   -2.540  1.00 44.72 ? 82   ARG A CD  1 
ATOM   521  N  NE  . ARG A 1 76  ? -13.277 1.553   -3.391  1.00 47.55 ? 82   ARG A NE  1 
ATOM   522  C  CZ  . ARG A 1 76  ? -14.263 2.418   -3.600  1.00 47.47 ? 82   ARG A CZ  1 
ATOM   523  N  NH1 . ARG A 1 76  ? -15.440 2.233   -3.016  1.00 48.76 ? 82   ARG A NH1 1 
ATOM   524  N  NH2 . ARG A 1 76  ? -14.059 3.461   -4.386  1.00 43.58 ? 82   ARG A NH2 1 
ATOM   525  N  N   . ASP A 1 77  ? -14.362 -1.638  2.660   1.00 39.12 ? 83   ASP A N   1 
ATOM   526  C  CA  . ASP A 1 77  ? -14.833 -2.891  3.284   1.00 42.64 ? 83   ASP A CA  1 
ATOM   527  C  C   . ASP A 1 77  ? -14.929 -3.957  2.185   1.00 43.86 ? 83   ASP A C   1 
ATOM   528  O  O   . ASP A 1 77  ? -14.933 -3.633  0.997   1.00 46.03 ? 83   ASP A O   1 
ATOM   529  C  CB  . ASP A 1 77  ? -16.178 -2.713  3.998   1.00 43.09 ? 83   ASP A CB  1 
ATOM   530  C  CG  . ASP A 1 77  ? -17.376 -2.990  3.106   1.00 42.31 ? 83   ASP A CG  1 
ATOM   531  O  OD1 . ASP A 1 77  ? -17.669 -4.185  2.865   1.00 43.82 ? 83   ASP A OD1 1 
ATOM   532  O  OD2 . ASP A 1 77  ? -17.980 -2.018  2.637   1.00 38.31 ? 83   ASP A OD2 1 
ATOM   533  N  N   . ARG A 1 78  ? -15.044 -5.225  2.577   1.00 43.82 ? 84   ARG A N   1 
ATOM   534  C  CA  . ARG A 1 78  ? -14.864 -6.306  1.601   1.00 46.65 ? 84   ARG A CA  1 
ATOM   535  C  C   . ARG A 1 78  ? -16.064 -6.393  0.644   1.00 47.47 ? 84   ARG A C   1 
ATOM   536  O  O   . ARG A 1 78  ? -15.890 -6.806  -0.509  1.00 43.92 ? 84   ARG A O   1 
ATOM   537  C  CB  . ARG A 1 78  ? -14.552 -7.630  2.307   1.00 45.08 ? 84   ARG A CB  1 
ATOM   538  C  CG  . ARG A 1 78  ? -13.059 -7.902  2.401   1.00 42.66 ? 84   ARG A CG  1 
ATOM   539  C  CD  . ARG A 1 78  ? -12.609 -8.552  3.690   1.00 43.88 ? 84   ARG A CD  1 
ATOM   540  N  NE  . ARG A 1 78  ? -11.278 -9.125  3.508   1.00 47.20 ? 84   ARG A NE  1 
ATOM   541  C  CZ  . ARG A 1 78  ? -10.646 -9.897  4.390   1.00 47.83 ? 84   ARG A CZ  1 
ATOM   542  N  NH1 . ARG A 1 78  ? -11.101 -9.998  5.629   1.00 48.75 ? 84   ARG A NH1 1 
ATOM   543  N  NH2 . ARG A 1 78  ? -9.566  -10.568 4.024   1.00 43.47 ? 84   ARG A NH2 1 
ATOM   544  N  N   . ILE A 1 79  ? -17.255 -5.988  1.097   1.00 49.14 ? 85   ILE A N   1 
ATOM   545  C  CA  . ILE A 1 79  ? -18.407 -5.913  0.191   1.00 51.96 ? 85   ILE A CA  1 
ATOM   546  C  C   . ILE A 1 79  ? -18.062 -4.938  -0.938  1.00 52.97 ? 85   ILE A C   1 
ATOM   547  O  O   . ILE A 1 79  ? -18.162 -5.281  -2.109  1.00 58.56 ? 85   ILE A O   1 
ATOM   548  C  CB  . ILE A 1 79  ? -19.713 -5.496  0.900   1.00 51.23 ? 85   ILE A CB  1 
ATOM   549  C  CG1 . ILE A 1 79  ? -20.163 -6.525  1.940   1.00 49.85 ? 85   ILE A CG1 1 
ATOM   550  C  CG2 . ILE A 1 79  ? -20.814 -5.226  -0.115  1.00 49.80 ? 85   ILE A CG2 1 
ATOM   551  C  CD1 . ILE A 1 79  ? -21.043 -5.942  3.013   1.00 49.60 ? 85   ILE A CD1 1 
ATOM   552  N  N   . MET A 1 80  ? -17.663 -3.722  -0.571  1.00 50.72 ? 86   MET A N   1 
ATOM   553  C  CA  . MET A 1 80  ? -17.443 -2.689  -1.561  1.00 52.41 ? 86   MET A CA  1 
ATOM   554  C  C   . MET A 1 80  ? -16.306 -3.100  -2.505  1.00 48.38 ? 86   MET A C   1 
ATOM   555  O  O   . MET A 1 80  ? -16.441 -3.005  -3.723  1.00 47.05 ? 86   MET A O   1 
ATOM   556  C  CB  . MET A 1 80  ? -17.131 -1.345  -0.893  1.00 57.65 ? 86   MET A CB  1 
ATOM   557  C  CG  . MET A 1 80  ? -18.383 -0.594  -0.479  1.00 58.05 ? 86   MET A CG  1 
ATOM   558  S  SD  . MET A 1 80  ? -19.583 -0.559  -1.833  1.00 56.99 ? 86   MET A SD  1 
ATOM   559  C  CE  . MET A 1 80  ? -18.715 0.474   -3.015  1.00 54.53 ? 86   MET A CE  1 
ATOM   560  N  N   . ALA A 1 81  ? -15.206 -3.589  -1.929  1.00 46.52 ? 87   ALA A N   1 
ATOM   561  C  CA  . ALA A 1 81  ? -13.984 -3.923  -2.675  1.00 44.65 ? 87   ALA A CA  1 
ATOM   562  C  C   . ALA A 1 81  ? -14.289 -4.900  -3.824  1.00 40.30 ? 87   ALA A C   1 
ATOM   563  O  O   . ALA A 1 81  ? -13.876 -4.695  -4.955  1.00 35.25 ? 87   ALA A O   1 
ATOM   564  C  CB  . ALA A 1 81  ? -12.965 -4.492  -1.721  1.00 44.86 ? 87   ALA A CB  1 
ATOM   565  N  N   . TRP A 1 82  ? -15.013 -5.973  -3.512  1.00 38.90 ? 88   TRP A N   1 
ATOM   566  C  CA  . TRP A 1 82  ? -15.332 -6.997  -4.491  1.00 38.61 ? 88   TRP A CA  1 
ATOM   567  C  C   . TRP A 1 82  ? -16.426 -6.498  -5.447  1.00 37.70 ? 88   TRP A C   1 
ATOM   568  O  O   . TRP A 1 82  ? -16.481 -6.963  -6.587  1.00 38.05 ? 88   TRP A O   1 
ATOM   569  C  CB  . TRP A 1 82  ? -15.707 -8.313  -3.790  1.00 39.28 ? 88   TRP A CB  1 
ATOM   570  C  CG  . TRP A 1 82  ? -14.540 -9.028  -3.171  1.00 38.50 ? 88   TRP A CG  1 
ATOM   571  C  CD1 . TRP A 1 82  ? -14.243 -9.159  -1.843  1.00 36.50 ? 88   TRP A CD1 1 
ATOM   572  C  CD2 . TRP A 1 82  ? -13.493 -9.713  -3.880  1.00 38.08 ? 88   TRP A CD2 1 
ATOM   573  N  NE1 . TRP A 1 82  ? -13.095 -9.887  -1.677  1.00 35.96 ? 88   TRP A NE1 1 
ATOM   574  C  CE2 . TRP A 1 82  ? -12.613 -10.240 -2.911  1.00 37.23 ? 88   TRP A CE2 1 
ATOM   575  C  CE3 . TRP A 1 82  ? -13.210 -9.923  -5.236  1.00 38.04 ? 88   TRP A CE3 1 
ATOM   576  C  CZ2 . TRP A 1 82  ? -11.479 -10.974 -3.266  1.00 37.21 ? 88   TRP A CZ2 1 
ATOM   577  C  CZ3 . TRP A 1 82  ? -12.089 -10.646 -5.581  1.00 37.11 ? 88   TRP A CZ3 1 
ATOM   578  C  CH2 . TRP A 1 82  ? -11.239 -11.166 -4.608  1.00 35.84 ? 88   TRP A CH2 1 
ATOM   579  N  N   . THR A 1 83  ? -17.281 -5.564  -4.994  1.00 36.46 ? 89   THR A N   1 
ATOM   580  C  CA  . THR A 1 83  ? -18.258 -4.897  -5.879  1.00 36.38 ? 89   THR A CA  1 
ATOM   581  C  C   . THR A 1 83  ? -17.489 -4.200  -7.004  1.00 37.07 ? 89   THR A C   1 
ATOM   582  O  O   . THR A 1 83  ? -17.749 -4.448  -8.183  1.00 38.51 ? 89   THR A O   1 
ATOM   583  C  CB  . THR A 1 83  ? -19.170 -3.900  -5.143  1.00 35.95 ? 89   THR A CB  1 
ATOM   584  O  OG1 . THR A 1 83  ? -20.102 -4.621  -4.338  1.00 38.02 ? 89   THR A OG1 1 
ATOM   585  C  CG2 . THR A 1 83  ? -19.958 -3.004  -6.076  1.00 34.51 ? 89   THR A CG2 1 
ATOM   586  N  N   . VAL A 1 84  ? -16.529 -3.354  -6.611  1.00 36.08 ? 90   VAL A N   1 
ATOM   587  C  CA  . VAL A 1 84  ? -15.772 -2.506  -7.522  1.00 34.91 ? 90   VAL A CA  1 
ATOM   588  C  C   . VAL A 1 84  ? -14.980 -3.395  -8.484  1.00 34.77 ? 90   VAL A C   1 
ATOM   589  O  O   . VAL A 1 84  ? -14.900 -3.111  -9.661  1.00 37.24 ? 90   VAL A O   1 
ATOM   590  C  CB  . VAL A 1 84  ? -14.856 -1.544  -6.742  1.00 36.07 ? 90   VAL A CB  1 
ATOM   591  C  CG1 . VAL A 1 84  ? -13.915 -0.768  -7.654  1.00 36.32 ? 90   VAL A CG1 1 
ATOM   592  C  CG2 . VAL A 1 84  ? -15.654 -0.589  -5.863  1.00 35.48 ? 90   VAL A CG2 1 
ATOM   593  N  N   . VAL A 1 85  ? -14.398 -4.469  -7.954  1.00 35.30 ? 91   VAL A N   1 
ATOM   594  C  CA  . VAL A 1 85  ? -13.664 -5.452  -8.731  1.00 35.74 ? 91   VAL A CA  1 
ATOM   595  C  C   . VAL A 1 85  ? -14.612 -6.102  -9.750  1.00 37.66 ? 91   VAL A C   1 
ATOM   596  O  O   . VAL A 1 85  ? -14.289 -6.165  -10.936 1.00 39.73 ? 91   VAL A O   1 
ATOM   597  C  CB  . VAL A 1 85  ? -13.007 -6.489  -7.799  1.00 36.79 ? 91   VAL A CB  1 
ATOM   598  C  CG1 . VAL A 1 85  ? -12.593 -7.754  -8.532  1.00 37.00 ? 91   VAL A CG1 1 
ATOM   599  C  CG2 . VAL A 1 85  ? -11.825 -5.896  -7.041  1.00 36.84 ? 91   VAL A CG2 1 
ATOM   600  N  N   . ASN A 1 86  ? -15.778 -6.574  -9.287  1.00 38.94 ? 92   ASN A N   1 
ATOM   601  C  CA  . ASN A 1 86  ? -16.756 -7.251  -10.151 1.00 40.74 ? 92   ASN A CA  1 
ATOM   602  C  C   . ASN A 1 86  ? -17.334 -6.273  -11.186 1.00 40.80 ? 92   ASN A C   1 
ATOM   603  O  O   . ASN A 1 86  ? -17.689 -6.671  -12.304 1.00 40.72 ? 92   ASN A O   1 
ATOM   604  C  CB  . ASN A 1 86  ? -17.879 -7.900  -9.343  1.00 44.25 ? 92   ASN A CB  1 
ATOM   605  C  CG  . ASN A 1 86  ? -17.494 -9.259  -8.797  1.00 51.88 ? 92   ASN A CG  1 
ATOM   606  O  OD1 . ASN A 1 86  ? -16.670 -9.953  -9.391  1.00 56.96 ? 92   ASN A OD1 1 
ATOM   607  N  ND2 . ASN A 1 86  ? -18.086 -9.668  -7.682  1.00 58.61 ? 92   ASN A ND2 1 
ATOM   608  N  N   . SER A 1 87  ? -17.446 -4.997  -10.801 1.00 38.10 ? 93   SER A N   1 
ATOM   609  C  CA  . SER A 1 87  ? -17.874 -3.953  -11.696 1.00 35.82 ? 93   SER A CA  1 
ATOM   610  C  C   . SER A 1 87  ? -16.834 -3.760  -12.807 1.00 37.79 ? 93   SER A C   1 
ATOM   611  O  O   . SER A 1 87  ? -17.177 -3.750  -13.984 1.00 39.58 ? 93   SER A O   1 
ATOM   612  C  CB  . SER A 1 87  ? -18.106 -2.690  -10.941 1.00 33.83 ? 93   SER A CB  1 
ATOM   613  O  OG  . SER A 1 87  ? -18.486 -1.656  -11.824 1.00 33.43 ? 93   SER A OG  1 
ATOM   614  N  N   . ILE A 1 88  ? -15.562 -3.632  -12.414 1.00 39.30 ? 94   ILE A N   1 
ATOM   615  C  CA  . ILE A 1 88  ? -14.449 -3.376  -13.339 1.00 41.96 ? 94   ILE A CA  1 
ATOM   616  C  C   . ILE A 1 88  ? -14.355 -4.506  -14.379 1.00 45.38 ? 94   ILE A C   1 
ATOM   617  O  O   . ILE A 1 88  ? -14.284 -4.249  -15.586 1.00 44.90 ? 94   ILE A O   1 
ATOM   618  C  CB  . ILE A 1 88  ? -13.125 -3.177  -12.563 1.00 41.53 ? 94   ILE A CB  1 
ATOM   619  C  CG1 . ILE A 1 88  ? -13.094 -1.817  -11.862 1.00 40.17 ? 94   ILE A CG1 1 
ATOM   620  C  CG2 . ILE A 1 88  ? -11.907 -3.369  -13.467 1.00 41.14 ? 94   ILE A CG2 1 
ATOM   621  C  CD1 . ILE A 1 88  ? -11.907 -1.627  -10.946 1.00 40.39 ? 94   ILE A CD1 1 
ATOM   622  N  N   . CYS A 1 89  ? -14.324 -5.757  -13.911 1.00 48.82 ? 95   CYS A N   1 
ATOM   623  C  CA  . CYS A 1 89  ? -14.206 -6.917  -14.796 1.00 51.65 ? 95   CYS A CA  1 
ATOM   624  C  C   . CYS A 1 89  ? -15.376 -6.959  -15.794 1.00 55.44 ? 95   CYS A C   1 
ATOM   625  O  O   . CYS A 1 89  ? -15.176 -7.108  -17.001 1.00 53.10 ? 95   CYS A O   1 
ATOM   626  C  CB  . CYS A 1 89  ? -14.161 -8.199  -13.979 1.00 51.89 ? 95   CYS A CB  1 
ATOM   627  S  SG  . CYS A 1 89  ? -12.744 -8.264  -12.855 1.00 50.04 ? 95   CYS A SG  1 
ATOM   628  N  N   . ASN A 1 90  ? -16.598 -6.786  -15.277 1.00 58.17 ? 96   ASN A N   1 
ATOM   629  C  CA  . ASN A 1 90  ? -17.818 -6.930  -16.048 1.00 59.02 ? 96   ASN A CA  1 
ATOM   630  C  C   . ASN A 1 90  ? -17.871 -5.940  -17.219 1.00 61.95 ? 96   ASN A C   1 
ATOM   631  O  O   . ASN A 1 90  ? -18.630 -6.184  -18.162 1.00 69.34 ? 96   ASN A O   1 
ATOM   632  C  CB  . ASN A 1 90  ? -19.054 -6.783  -15.161 1.00 59.76 ? 96   ASN A CB  1 
ATOM   633  C  CG  . ASN A 1 90  ? -19.277 -8.006  -14.302 1.00 63.37 ? 96   ASN A CG  1 
ATOM   634  O  OD1 . ASN A 1 90  ? -18.464 -8.929  -14.321 1.00 66.91 ? 96   ASN A OD1 1 
ATOM   635  N  ND2 . ASN A 1 90  ? -20.368 -8.028  -13.551 1.00 65.59 ? 96   ASN A ND2 1 
ATOM   636  N  N   . THR A 1 91  ? -17.098 -4.841  -17.166 1.00 58.10 ? 97   THR A N   1 
ATOM   637  C  CA  . THR A 1 91  ? -17.191 -3.778  -18.190 1.00 53.37 ? 97   THR A CA  1 
ATOM   638  C  C   . THR A 1 91  ? -15.897 -3.662  -19.015 1.00 53.63 ? 97   THR A C   1 
ATOM   639  O  O   . THR A 1 91  ? -15.982 -3.313  -20.200 1.00 58.77 ? 97   THR A O   1 
ATOM   640  C  CB  . THR A 1 91  ? -17.630 -2.448  -17.565 1.00 49.01 ? 97   THR A CB  1 
ATOM   641  O  OG1 . THR A 1 91  ? -16.587 -1.995  -16.705 1.00 44.72 ? 97   THR A OG1 1 
ATOM   642  C  CG2 . THR A 1 91  ? -18.931 -2.566  -16.798 1.00 49.36 ? 97   THR A CG2 1 
ATOM   643  N  N   . THR A 1 92  ? -14.730 -3.967  -18.423 1.00 52.24 ? 98   THR A N   1 
ATOM   644  C  CA  . THR A 1 92  ? -13.413 -3.940  -19.139 1.00 50.94 ? 98   THR A CA  1 
ATOM   645  C  C   . THR A 1 92  ? -13.029 -5.326  -19.694 1.00 53.00 ? 98   THR A C   1 
ATOM   646  O  O   . THR A 1 92  ? -12.315 -5.427  -20.694 1.00 52.24 ? 98   THR A O   1 
ATOM   647  C  CB  . THR A 1 92  ? -12.285 -3.410  -18.244 1.00 46.11 ? 98   THR A CB  1 
ATOM   648  O  OG1 . THR A 1 92  ? -12.013 -4.376  -17.228 1.00 42.16 ? 98   THR A OG1 1 
ATOM   649  C  CG2 . THR A 1 92  ? -12.623 -2.074  -17.623 1.00 46.81 ? 98   THR A CG2 1 
ATOM   650  N  N   . GLY A 1 93  ? -13.477 -6.392  -19.027 1.00 55.31 ? 99   GLY A N   1 
ATOM   651  C  CA  . GLY A 1 93  ? -13.248 -7.759  -19.476 1.00 53.93 ? 99   GLY A CA  1 
ATOM   652  C  C   . GLY A 1 93  ? -12.016 -8.385  -18.839 1.00 54.86 ? 99   GLY A C   1 
ATOM   653  O  O   . GLY A 1 93  ? -11.781 -9.587  -19.051 1.00 52.83 ? 99   GLY A O   1 
ATOM   654  N  N   . VAL A 1 94  ? -11.257 -7.593  -18.054 1.00 54.12 ? 100  VAL A N   1 
ATOM   655  C  CA  . VAL A 1 94  ? -10.006 -8.047  -17.400 1.00 53.45 ? 100  VAL A CA  1 
ATOM   656  C  C   . VAL A 1 94  ? -10.362 -9.082  -16.321 1.00 51.00 ? 100  VAL A C   1 
ATOM   657  O  O   . VAL A 1 94  ? -11.340 -8.927  -15.588 1.00 49.79 ? 100  VAL A O   1 
ATOM   658  C  CB  . VAL A 1 94  ? -9.160  -6.892  -16.813 1.00 55.08 ? 100  VAL A CB  1 
ATOM   659  C  CG1 . VAL A 1 94  ? -8.931  -5.764  -17.810 1.00 55.12 ? 100  VAL A CG1 1 
ATOM   660  C  CG2 . VAL A 1 94  ? -9.724  -6.338  -15.513 1.00 55.63 ? 100  VAL A CG2 1 
ATOM   661  N  N   . GLU A 1 95  ? -9.535  -10.126 -16.235 1.00 48.85 ? 101  GLU A N   1 
ATOM   662  C  CA  . GLU A 1 95  ? -9.789  -11.305 -15.409 1.00 51.43 ? 101  GLU A CA  1 
ATOM   663  C  C   . GLU A 1 95  ? -9.834  -10.896 -13.928 1.00 52.71 ? 101  GLU A C   1 
ATOM   664  O  O   . GLU A 1 95  ? -9.152  -9.964  -13.513 1.00 53.75 ? 101  GLU A O   1 
ATOM   665  C  CB  . GLU A 1 95  ? -8.719  -12.352 -15.741 1.00 53.29 ? 101  GLU A CB  1 
ATOM   666  C  CG  . GLU A 1 95  ? -8.549  -13.484 -14.735 1.00 53.08 ? 101  GLU A CG  1 
ATOM   667  C  CD  . GLU A 1 95  ? -7.252  -14.257 -14.931 1.00 52.59 ? 101  GLU A CD  1 
ATOM   668  O  OE1 . GLU A 1 95  ? -6.458  -14.342 -13.973 1.00 51.11 ? 101  GLU A OE1 1 
ATOM   669  O  OE2 . GLU A 1 95  ? -7.024  -14.753 -16.054 1.00 52.22 ? 101  GLU A OE2 1 
ATOM   670  N  N   . LYS A 1 96  ? -10.651 -11.616 -13.149 1.00 54.65 ? 102  LYS A N   1 
ATOM   671  C  CA  . LYS A 1 96  ? -10.873 -11.390 -11.706 1.00 54.42 ? 102  LYS A CA  1 
ATOM   672  C  C   . LYS A 1 96  ? -9.670  -11.914 -10.924 1.00 51.27 ? 102  LYS A C   1 
ATOM   673  O  O   . LYS A 1 96  ? -9.222  -13.026 -11.165 1.00 53.00 ? 102  LYS A O   1 
ATOM   674  C  CB  . LYS A 1 96  ? -12.156 -12.116 -11.275 1.00 54.81 ? 102  LYS A CB  1 
ATOM   675  C  CG  . LYS A 1 96  ? -12.879 -11.572 -10.050 1.00 55.74 ? 102  LYS A CG  1 
ATOM   676  C  CD  . LYS A 1 96  ? -14.319 -12.082 -9.922  1.00 58.71 ? 102  LYS A CD  1 
ATOM   677  C  CE  . LYS A 1 96  ? -14.808 -12.220 -8.486  1.00 58.55 ? 102  LYS A CE  1 
ATOM   678  N  NZ  . LYS A 1 96  ? -16.289 -12.283 -8.374  1.00 54.81 ? 102  LYS A NZ  1 
ATOM   679  N  N   . PRO A 1 97  ? -9.100  -11.155 -9.966  1.00 50.52 ? 103  PRO A N   1 
ATOM   680  C  CA  . PRO A 1 97  ? -8.014  -11.661 -9.133  1.00 51.79 ? 103  PRO A CA  1 
ATOM   681  C  C   . PRO A 1 97  ? -8.569  -12.580 -8.038  1.00 51.04 ? 103  PRO A C   1 
ATOM   682  O  O   . PRO A 1 97  ? -9.742  -12.457 -7.691  1.00 50.80 ? 103  PRO A O   1 
ATOM   683  C  CB  . PRO A 1 97  ? -7.429  -10.376 -8.533  1.00 54.63 ? 103  PRO A CB  1 
ATOM   684  C  CG  . PRO A 1 97  ? -8.644  -9.487  -8.370  1.00 52.91 ? 103  PRO A CG  1 
ATOM   685  C  CD  . PRO A 1 97  ? -9.473  -9.778  -9.605  1.00 54.01 ? 103  PRO A CD  1 
ATOM   686  N  N   . LYS A 1 98  ? -7.721  -13.489 -7.533  1.00 49.87 ? 104  LYS A N   1 
ATOM   687  C  CA  . LYS A 1 98  ? -8.078  -14.441 -6.477  1.00 47.96 ? 104  LYS A CA  1 
ATOM   688  C  C   . LYS A 1 98  ? -8.007  -13.715 -5.135  1.00 45.05 ? 104  LYS A C   1 
ATOM   689  O  O   . LYS A 1 98  ? -8.737  -14.047 -4.209  1.00 45.15 ? 104  LYS A O   1 
ATOM   690  C  CB  . LYS A 1 98  ? -7.170  -15.679 -6.507  1.00 51.44 ? 104  LYS A CB  1 
ATOM   691  C  CG  . LYS A 1 98  ? -7.561  -16.758 -7.518  1.00 55.53 ? 104  LYS A CG  1 
ATOM   692  C  CD  . LYS A 1 98  ? -6.481  -17.807 -7.795  1.00 58.83 ? 104  LYS A CD  1 
ATOM   693  C  CE  . LYS A 1 98  ? -6.351  -18.182 -9.262  1.00 62.79 ? 104  LYS A CE  1 
ATOM   694  N  NZ  . LYS A 1 98  ? -4.930  -18.286 -9.691  1.00 62.98 ? 104  LYS A NZ  1 
ATOM   695  N  N   . PHE A 1 99  ? -7.122  -12.715 -5.065  1.00 44.10 ? 105  PHE A N   1 
ATOM   696  C  CA  . PHE A 1 99  ? -6.961  -11.857 -3.907  1.00 43.64 ? 105  PHE A CA  1 
ATOM   697  C  C   . PHE A 1 99  ? -7.193  -10.396 -4.331  1.00 36.78 ? 105  PHE A C   1 
ATOM   698  O  O   . PHE A 1 99  ? -6.757  -9.965  -5.381  1.00 36.14 ? 105  PHE A O   1 
ATOM   699  C  CB  . PHE A 1 99  ? -5.590  -12.109 -3.266  1.00 50.20 ? 105  PHE A CB  1 
ATOM   700  C  CG  . PHE A 1 99  ? -5.358  -13.520 -2.772  1.00 61.62 ? 105  PHE A CG  1 
ATOM   701  C  CD1 . PHE A 1 99  ? -6.075  -14.030 -1.689  1.00 71.42 ? 105  PHE A CD1 1 
ATOM   702  C  CD2 . PHE A 1 99  ? -4.417  -14.340 -3.380  1.00 64.45 ? 105  PHE A CD2 1 
ATOM   703  C  CE1 . PHE A 1 99  ? -5.862  -15.324 -1.232  1.00 72.20 ? 105  PHE A CE1 1 
ATOM   704  C  CE2 . PHE A 1 99  ? -4.203  -15.634 -2.922  1.00 70.28 ? 105  PHE A CE2 1 
ATOM   705  C  CZ  . PHE A 1 99  ? -4.922  -16.122 -1.849  1.00 74.69 ? 105  PHE A CZ  1 
ATOM   706  N  N   . LEU A 1 100 ? -7.918  -9.656  -3.491  1.00 32.21 ? 106  LEU A N   1 
ATOM   707  C  CA  . LEU A 1 100 ? -8.181  -8.237  -3.640  1.00 31.40 ? 106  LEU A CA  1 
ATOM   708  C  C   . LEU A 1 100 ? -6.900  -7.435  -3.868  1.00 31.45 ? 106  LEU A C   1 
ATOM   709  O  O   . LEU A 1 100 ? -6.025  -7.377  -3.005  1.00 31.45 ? 106  LEU A O   1 
ATOM   710  C  CB  . LEU A 1 100 ? -8.829  -7.746  -2.345  1.00 32.31 ? 106  LEU A CB  1 
ATOM   711  C  CG  . LEU A 1 100 ? -10.341 -7.849  -2.242  1.00 33.68 ? 106  LEU A CG  1 
ATOM   712  C  CD1 . LEU A 1 100 ? -10.819 -7.019  -1.063  1.00 34.73 ? 106  LEU A CD1 1 
ATOM   713  C  CD2 . LEU A 1 100 ? -11.021 -7.389  -3.526  1.00 35.05 ? 106  LEU A CD2 1 
ATOM   714  N  N   . PRO A 1 101 ? -6.760  -6.691  -4.983  1.00 31.21 ? 107  PRO A N   1 
ATOM   715  C  CA  . PRO A 1 101 ? -5.579  -5.864  -5.195  1.00 31.83 ? 107  PRO A CA  1 
ATOM   716  C  C   . PRO A 1 101 ? -5.845  -4.466  -4.626  1.00 30.19 ? 107  PRO A C   1 
ATOM   717  O  O   . PRO A 1 101 ? -6.932  -4.232  -4.148  1.00 28.86 ? 107  PRO A O   1 
ATOM   718  C  CB  . PRO A 1 101 ? -5.421  -5.913  -6.727  1.00 32.80 ? 107  PRO A CB  1 
ATOM   719  C  CG  . PRO A 1 101 ? -6.618  -6.715  -7.238  1.00 31.97 ? 107  PRO A CG  1 
ATOM   720  C  CD  . PRO A 1 101 ? -7.655  -6.639  -6.138  1.00 31.79 ? 107  PRO A CD  1 
ATOM   721  N  N   . ASP A 1 102 ? -4.852  -3.570  -4.689  1.00 30.53 ? 108  ASP A N   1 
ATOM   722  C  CA  . ASP A 1 102 ? -4.949  -2.242  -4.059  1.00 32.65 ? 108  ASP A CA  1 
ATOM   723  C  C   . ASP A 1 102 ? -5.507  -1.211  -5.056  1.00 33.31 ? 108  ASP A C   1 
ATOM   724  O  O   . ASP A 1 102 ? -6.160  -0.238  -4.652  1.00 31.97 ? 108  ASP A O   1 
ATOM   725  C  CB  . ASP A 1 102 ? -3.605  -1.750  -3.507  1.00 32.84 ? 108  ASP A CB  1 
ATOM   726  C  CG  . ASP A 1 102 ? -2.828  -2.745  -2.652  1.00 33.98 ? 108  ASP A CG  1 
ATOM   727  O  OD1 . ASP A 1 102 ? -3.344  -3.177  -1.596  1.00 34.56 ? 108  ASP A OD1 1 
ATOM   728  O  OD2 . ASP A 1 102 ? -1.690  -3.062  -3.033  1.00 35.06 ? 108  ASP A OD2 1 
ATOM   729  N  N   . LEU A 1 103 ? -5.218  -1.400  -6.348  1.00 33.92 ? 109  LEU A N   1 
ATOM   730  C  CA  . LEU A 1 103 ? -5.598  -0.442  -7.371  1.00 35.14 ? 109  LEU A CA  1 
ATOM   731  C  C   . LEU A 1 103 ? -6.001  -1.181  -8.644  1.00 35.58 ? 109  LEU A C   1 
ATOM   732  O  O   . LEU A 1 103 ? -5.674  -2.363  -8.831  1.00 33.42 ? 109  LEU A O   1 
ATOM   733  C  CB  . LEU A 1 103 ? -4.431  0.505   -7.674  1.00 37.35 ? 109  LEU A CB  1 
ATOM   734  C  CG  . LEU A 1 103 ? -3.899  1.364   -6.520  1.00 39.51 ? 109  LEU A CG  1 
ATOM   735  C  CD1 . LEU A 1 103 ? -2.567  1.997   -6.892  1.00 38.06 ? 109  LEU A CD1 1 
ATOM   736  C  CD2 . LEU A 1 103 ? -4.888  2.452   -6.120  1.00 41.05 ? 109  LEU A CD2 1 
ATOM   737  N  N   . TYR A 1 104 ? -6.729  -0.449  -9.496  1.00 38.48 ? 110  TYR A N   1 
ATOM   738  C  CA  . TYR A 1 104 ? -6.872  -0.736  -10.935 1.00 40.33 ? 110  TYR A CA  1 
ATOM   739  C  C   . TYR A 1 104 ? -6.450  0.528   -11.699 1.00 38.36 ? 110  TYR A C   1 
ATOM   740  O  O   . TYR A 1 104 ? -6.641  1.647   -11.223 1.00 35.92 ? 110  TYR A O   1 
ATOM   741  C  CB  . TYR A 1 104 ? -8.288  -1.213  -11.297 1.00 41.70 ? 110  TYR A CB  1 
ATOM   742  C  CG  . TYR A 1 104 ? -8.533  -1.400  -12.776 1.00 44.41 ? 110  TYR A CG  1 
ATOM   743  C  CD1 . TYR A 1 104 ? -8.230  -2.589  -13.424 1.00 45.79 ? 110  TYR A CD1 1 
ATOM   744  C  CD2 . TYR A 1 104 ? -9.062  -0.376  -13.548 1.00 47.42 ? 110  TYR A CD2 1 
ATOM   745  C  CE1 . TYR A 1 104 ? -8.448  -2.755  -14.790 1.00 46.91 ? 110  TYR A CE1 1 
ATOM   746  C  CE2 . TYR A 1 104 ? -9.279  -0.523  -14.912 1.00 47.90 ? 110  TYR A CE2 1 
ATOM   747  C  CZ  . TYR A 1 104 ? -8.969  -1.714  -15.544 1.00 47.09 ? 110  TYR A CZ  1 
ATOM   748  O  OH  . TYR A 1 104 ? -9.188  -1.833  -16.892 1.00 43.57 ? 110  TYR A OH  1 
ATOM   749  N  N   . ASP A 1 105 ? -5.842  0.307   -12.867 1.00 37.61 ? 111  ASP A N   1 
ATOM   750  C  CA  . ASP A 1 105 ? -5.322  1.323   -13.765 1.00 36.88 ? 111  ASP A CA  1 
ATOM   751  C  C   . ASP A 1 105 ? -6.228  1.314   -15.006 1.00 38.39 ? 111  ASP A C   1 
ATOM   752  O  O   . ASP A 1 105 ? -6.200  0.357   -15.768 1.00 36.15 ? 111  ASP A O   1 
ATOM   753  C  CB  . ASP A 1 105 ? -3.847  1.014   -14.054 1.00 36.22 ? 111  ASP A CB  1 
ATOM   754  C  CG  . ASP A 1 105 ? -3.030  2.102   -14.731 1.00 35.98 ? 111  ASP A CG  1 
ATOM   755  O  OD1 . ASP A 1 105 ? -3.617  2.942   -15.430 1.00 34.20 ? 111  ASP A OD1 1 
ATOM   756  O  OD2 . ASP A 1 105 ? -1.793  2.083   -14.566 1.00 37.45 ? 111  ASP A OD2 1 
ATOM   757  N  N   . TYR A 1 106 ? -7.056  2.362   -15.168 1.00 42.43 ? 112  TYR A N   1 
ATOM   758  C  CA  . TYR A 1 106 ? -7.994  2.518   -16.313 1.00 44.74 ? 112  TYR A CA  1 
ATOM   759  C  C   . TYR A 1 106 ? -7.240  2.942   -17.595 1.00 48.80 ? 112  TYR A C   1 
ATOM   760  O  O   . TYR A 1 106 ? -7.816  2.898   -18.686 1.00 51.50 ? 112  TYR A O   1 
ATOM   761  C  CB  . TYR A 1 106 ? -9.099  3.549   -16.029 1.00 43.26 ? 112  TYR A CB  1 
ATOM   762  C  CG  . TYR A 1 106 ? -10.139 3.237   -14.968 1.00 41.19 ? 112  TYR A CG  1 
ATOM   763  C  CD1 . TYR A 1 106 ? -11.141 2.294   -15.165 1.00 39.46 ? 112  TYR A CD1 1 
ATOM   764  C  CD2 . TYR A 1 106 ? -10.186 3.969   -13.789 1.00 40.88 ? 112  TYR A CD2 1 
ATOM   765  C  CE1 . TYR A 1 106 ? -12.107 2.046   -14.198 1.00 38.02 ? 112  TYR A CE1 1 
ATOM   766  C  CE2 . TYR A 1 106 ? -11.143 3.736   -12.812 1.00 39.05 ? 112  TYR A CE2 1 
ATOM   767  C  CZ  . TYR A 1 106 ? -12.111 2.775   -13.017 1.00 37.49 ? 112  TYR A CZ  1 
ATOM   768  O  OH  . TYR A 1 106 ? -13.039 2.566   -12.042 1.00 33.24 ? 112  TYR A OH  1 
ATOM   769  N  N   . LYS A 1 107 ? -5.970  3.358   -17.473 1.00 51.02 ? 113  LYS A N   1 
ATOM   770  C  CA  . LYS A 1 107 ? -5.151  3.734   -18.628 1.00 54.26 ? 113  LYS A CA  1 
ATOM   771  C  C   . LYS A 1 107 ? -4.395  2.519   -19.177 1.00 56.31 ? 113  LYS A C   1 
ATOM   772  O  O   . LYS A 1 107 ? -4.527  2.212   -20.345 1.00 64.32 ? 113  LYS A O   1 
ATOM   773  C  CB  . LYS A 1 107 ? -4.152  4.836   -18.274 1.00 57.04 ? 113  LYS A CB  1 
ATOM   774  C  CG  . LYS A 1 107 ? -3.098  5.100   -19.342 1.00 57.13 ? 113  LYS A CG  1 
ATOM   775  C  CD  . LYS A 1 107 ? -2.355  6.401   -19.154 1.00 57.27 ? 113  LYS A CD  1 
ATOM   776  C  CE  . LYS A 1 107 ? -1.102  6.461   -20.000 1.00 59.19 ? 113  LYS A CE  1 
ATOM   777  N  NZ  . LYS A 1 107 ? -0.577  7.843   -20.105 1.00 59.95 ? 113  LYS A NZ  1 
ATOM   778  N  N   . GLU A 1 108 ? -3.563  1.880   -18.346 1.00 58.20 ? 114  GLU A N   1 
ATOM   779  C  CA  . GLU A 1 108 ? -2.802  0.676   -18.757 1.00 60.52 ? 114  GLU A CA  1 
ATOM   780  C  C   . GLU A 1 108 ? -3.723  -0.557  -18.729 1.00 59.74 ? 114  GLU A C   1 
ATOM   781  O  O   . GLU A 1 108 ? -3.390  -1.594  -19.313 1.00 61.86 ? 114  GLU A O   1 
ATOM   782  C  CB  . GLU A 1 108 ? -1.569  0.456   -17.873 1.00 62.19 ? 114  GLU A CB  1 
ATOM   783  C  CG  . GLU A 1 108 ? -0.480  1.517   -18.032 1.00 62.31 ? 114  GLU A CG  1 
ATOM   784  C  CD  . GLU A 1 108 ? 0.475   1.379   -19.215 1.00 61.79 ? 114  GLU A CD  1 
ATOM   785  O  OE1 . GLU A 1 108 ? 0.649   0.259   -19.734 1.00 51.83 ? 114  GLU A OE1 1 
ATOM   786  O  OE2 . GLU A 1 108 ? 1.072   2.405   -19.604 1.00 68.49 ? 114  GLU A OE2 1 
ATOM   787  N  N   . ASN A 1 109 ? -4.854  -0.437  -18.018 1.00 56.34 ? 115  ASN A N   1 
ATOM   788  C  CA  . ASN A 1 109 ? -6.014  -1.341  -18.120 1.00 54.97 ? 115  ASN A CA  1 
ATOM   789  C  C   . ASN A 1 109 ? -5.685  -2.697  -17.475 1.00 52.12 ? 115  ASN A C   1 
ATOM   790  O  O   . ASN A 1 109 ? -5.814  -3.748  -18.117 1.00 53.59 ? 115  ASN A O   1 
ATOM   791  C  CB  . ASN A 1 109 ? -6.523  -1.435  -19.565 1.00 56.17 ? 115  ASN A CB  1 
ATOM   792  C  CG  . ASN A 1 109 ? -7.282  -0.195  -20.002 1.00 55.98 ? 115  ASN A CG  1 
ATOM   793  O  OD1 . ASN A 1 109 ? -6.903  0.462   -20.967 1.00 49.15 ? 115  ASN A OD1 1 
ATOM   794  N  ND2 . ASN A 1 109 ? -8.361  0.133   -19.302 1.00 60.08 ? 115  ASN A ND2 1 
ATOM   795  N  N   . ARG A 1 110 ? -5.320  -2.640  -16.185 1.00 48.06 ? 116  ARG A N   1 
ATOM   796  C  CA  . ARG A 1 110 ? -4.853  -3.780  -15.376 1.00 45.00 ? 116  ARG A CA  1 
ATOM   797  C  C   . ARG A 1 110 ? -4.899  -3.411  -13.882 1.00 44.63 ? 116  ARG A C   1 
ATOM   798  O  O   . ARG A 1 110 ? -4.834  -2.225  -13.528 1.00 47.35 ? 116  ARG A O   1 
ATOM   799  C  CB  . ARG A 1 110 ? -3.419  -4.127  -15.782 1.00 45.19 ? 116  ARG A CB  1 
ATOM   800  C  CG  . ARG A 1 110 ? -2.406  -3.112  -15.280 1.00 46.47 ? 116  ARG A CG  1 
ATOM   801  C  CD  . ARG A 1 110 ? -1.146  -3.020  -16.101 1.00 47.72 ? 116  ARG A CD  1 
ATOM   802  N  NE  . ARG A 1 110 ? -0.342  -1.969  -15.504 1.00 50.92 ? 116  ARG A NE  1 
ATOM   803  C  CZ  . ARG A 1 110 ? 0.760   -1.462  -16.038 1.00 52.98 ? 116  ARG A CZ  1 
ATOM   804  N  NH1 . ARG A 1 110 ? 1.208   -1.920  -17.191 1.00 51.94 ? 116  ARG A NH1 1 
ATOM   805  N  NH2 . ARG A 1 110 ? 1.411   -0.497  -15.412 1.00 54.33 ? 116  ARG A NH2 1 
ATOM   806  N  N   . PHE A 1 111 ? -4.975  -4.418  -12.996 1.00 41.02 ? 117  PHE A N   1 
ATOM   807  C  CA  . PHE A 1 111 ? -4.912  -4.182  -11.532 1.00 34.94 ? 117  PHE A CA  1 
ATOM   808  C  C   . PHE A 1 111 ? -3.465  -3.976  -11.085 1.00 32.71 ? 117  PHE A C   1 
ATOM   809  O  O   . PHE A 1 111 ? -2.531  -4.432  -11.746 1.00 30.62 ? 117  PHE A O   1 
ATOM   810  C  CB  . PHE A 1 111 ? -5.500  -5.356  -10.759 1.00 31.45 ? 117  PHE A CB  1 
ATOM   811  C  CG  . PHE A 1 111 ? -6.980  -5.503  -10.938 1.00 29.22 ? 117  PHE A CG  1 
ATOM   812  C  CD1 . PHE A 1 111 ? -7.858  -4.764  -10.169 1.00 29.27 ? 117  PHE A CD1 1 
ATOM   813  C  CD2 . PHE A 1 111 ? -7.493  -6.360  -11.892 1.00 27.99 ? 117  PHE A CD2 1 
ATOM   814  C  CE1 . PHE A 1 111 ? -9.226  -4.901  -10.336 1.00 29.16 ? 117  PHE A CE1 1 
ATOM   815  C  CE2 . PHE A 1 111 ? -8.861  -6.501  -12.053 1.00 27.74 ? 117  PHE A CE2 1 
ATOM   816  C  CZ  . PHE A 1 111 ? -9.724  -5.771  -11.275 1.00 28.02 ? 117  PHE A CZ  1 
ATOM   817  N  N   . ILE A 1 112 ? -3.300  -3.316  -9.938  1.00 32.34 ? 118  ILE A N   1 
ATOM   818  C  CA  . ILE A 1 112 ? -1.984  -3.140  -9.337  1.00 33.80 ? 118  ILE A CA  1 
ATOM   819  C  C   . ILE A 1 112 ? -1.997  -3.721  -7.923  1.00 32.59 ? 118  ILE A C   1 
ATOM   820  O  O   . ILE A 1 112 ? -2.976  -3.536  -7.196  1.00 33.07 ? 118  ILE A O   1 
ATOM   821  C  CB  . ILE A 1 112 ? -1.559  -1.660  -9.319  1.00 35.59 ? 118  ILE A CB  1 
ATOM   822  C  CG1 . ILE A 1 112 ? -1.628  -1.021  -10.708 1.00 38.74 ? 118  ILE A CG1 1 
ATOM   823  C  CG2 . ILE A 1 112 ? -0.170  -1.530  -8.727  1.00 36.07 ? 118  ILE A CG2 1 
ATOM   824  C  CD1 . ILE A 1 112 ? -1.604  0.488   -10.696 1.00 39.79 ? 118  ILE A CD1 1 
ATOM   825  N  N   . GLU A 1 113 ? -0.908  -4.415  -7.556  1.00 31.19 ? 119  GLU A N   1 
ATOM   826  C  CA  . GLU A 1 113 ? -0.615  -4.731  -6.154  1.00 30.08 ? 119  GLU A CA  1 
ATOM   827  C  C   . GLU A 1 113 ? 0.591   -3.909  -5.719  1.00 28.85 ? 119  GLU A C   1 
ATOM   828  O  O   . GLU A 1 113 ? 1.663   -4.032  -6.278  1.00 28.72 ? 119  GLU A O   1 
ATOM   829  C  CB  . GLU A 1 113 ? -0.342  -6.213  -5.898  1.00 29.58 ? 119  GLU A CB  1 
ATOM   830  C  CG  . GLU A 1 113 ? -0.194  -6.556  -4.421  1.00 28.67 ? 119  GLU A CG  1 
ATOM   831  C  CD  . GLU A 1 113 ? -1.234  -5.989  -3.457  1.00 28.67 ? 119  GLU A CD  1 
ATOM   832  O  OE1 . GLU A 1 113 ? -2.462  -6.047  -3.754  1.00 26.19 ? 119  GLU A OE1 1 
ATOM   833  O  OE2 . GLU A 1 113 ? -0.812  -5.509  -2.382  1.00 29.01 ? 119  GLU A OE2 1 
ATOM   834  N  N   . ILE A 1 114 ? 0.350   -3.060  -4.720  1.00 29.38 ? 120  ILE A N   1 
ATOM   835  C  CA  . ILE A 1 114 ? 1.326   -2.181  -4.144  1.00 29.48 ? 120  ILE A CA  1 
ATOM   836  C  C   . ILE A 1 114 ? 1.927   -2.882  -2.928  1.00 28.36 ? 120  ILE A C   1 
ATOM   837  O  O   . ILE A 1 114 ? 1.207   -3.250  -1.996  1.00 28.30 ? 120  ILE A O   1 
ATOM   838  C  CB  . ILE A 1 114 ? 0.694   -0.846  -3.711  1.00 30.91 ? 120  ILE A CB  1 
ATOM   839  C  CG1 . ILE A 1 114 ? -0.143  -0.181  -4.805  1.00 30.43 ? 120  ILE A CG1 1 
ATOM   840  C  CG2 . ILE A 1 114 ? 1.783   0.082   -3.209  1.00 32.39 ? 120  ILE A CG2 1 
ATOM   841  C  CD1 . ILE A 1 114 ? 0.693   0.470   -5.861  1.00 31.36 ? 120  ILE A CD1 1 
ATOM   842  N  N   . GLY A 1 115 ? 3.247   -3.037  -2.948  1.00 26.90 ? 121  GLY A N   1 
ATOM   843  C  CA  . GLY A 1 115 ? 3.962   -3.553  -1.829  1.00 26.88 ? 121  GLY A CA  1 
ATOM   844  C  C   . GLY A 1 115 ? 4.815   -2.469  -1.227  1.00 26.09 ? 121  GLY A C   1 
ATOM   845  O  O   . GLY A 1 115 ? 5.333   -1.668  -1.979  1.00 25.23 ? 121  GLY A O   1 
ATOM   846  N  N   . VAL A 1 116 ? 4.918   -2.447  0.112   1.00 27.42 ? 122  VAL A N   1 
ATOM   847  C  CA  . VAL A 1 116 ? 5.885   -1.607  0.842   1.00 28.81 ? 122  VAL A CA  1 
ATOM   848  C  C   . VAL A 1 116 ? 6.615   -2.474  1.864   1.00 30.96 ? 122  VAL A C   1 
ATOM   849  O  O   . VAL A 1 116 ? 5.965   -2.989  2.770   1.00 34.06 ? 122  VAL A O   1 
ATOM   850  C  CB  . VAL A 1 116 ? 5.228   -0.411  1.554   1.00 27.42 ? 122  VAL A CB  1 
ATOM   851  C  CG1 . VAL A 1 116 ? 6.277   0.547   2.090   1.00 27.17 ? 122  VAL A CG1 1 
ATOM   852  C  CG2 . VAL A 1 116 ? 4.240   0.329   0.667   1.00 27.40 ? 122  VAL A CG2 1 
ATOM   853  N  N   . THR A 1 117 ? 7.950   -2.560  1.743   1.00 33.68 ? 123  THR A N   1 
ATOM   854  C  CA  . THR A 1 117 ? 8.801   -3.430  2.585   1.00 36.02 ? 123  THR A CA  1 
ATOM   855  C  C   . THR A 1 117 ? 9.953   -2.640  3.218   1.00 36.25 ? 123  THR A C   1 
ATOM   856  O  O   . THR A 1 117 ? 10.436  -1.649  2.646   1.00 36.13 ? 123  THR A O   1 
ATOM   857  C  CB  . THR A 1 117 ? 9.370   -4.600  1.768   1.00 39.67 ? 123  THR A CB  1 
ATOM   858  O  OG1 . THR A 1 117 ? 10.048  -5.506  2.646   1.00 39.17 ? 123  THR A OG1 1 
ATOM   859  C  CG2 . THR A 1 117 ? 10.301  -4.149  0.658   1.00 40.92 ? 123  THR A CG2 1 
ATOM   860  N  N   . ARG A 1 118 ? 10.409  -3.116  4.387   1.00 36.41 ? 124  ARG A N   1 
ATOM   861  C  CA  . ARG A 1 118 ? 11.636  -2.596  5.027   1.00 37.45 ? 124  ARG A CA  1 
ATOM   862  C  C   . ARG A 1 118 ? 12.836  -3.489  4.669   1.00 37.73 ? 124  ARG A C   1 
ATOM   863  O  O   . ARG A 1 118 ? 13.953  -3.191  5.075   1.00 40.26 ? 124  ARG A O   1 
ATOM   864  C  CB  . ARG A 1 118 ? 11.524  -2.414  6.552   1.00 35.59 ? 124  ARG A CB  1 
ATOM   865  C  CG  . ARG A 1 118 ? 10.493  -3.262  7.277   1.00 34.26 ? 124  ARG A CG  1 
ATOM   866  C  CD  . ARG A 1 118 ? 9.162   -2.544  7.368   1.00 34.71 ? 124  ARG A CD  1 
ATOM   867  N  NE  . ARG A 1 118 ? 8.410   -2.905  8.570   1.00 34.65 ? 124  ARG A NE  1 
ATOM   868  C  CZ  . ARG A 1 118 ? 7.204   -3.467  8.582   1.00 31.96 ? 124  ARG A CZ  1 
ATOM   869  N  NH1 . ARG A 1 118 ? 6.689   -3.969  7.471   1.00 31.35 ? 124  ARG A NH1 1 
ATOM   870  N  NH2 . ARG A 1 118 ? 6.510   -3.502  9.705   1.00 29.98 ? 124  ARG A NH2 1 
ATOM   871  N  N   . ARG A 1 119 ? 12.601  -4.560  3.903   1.00 37.64 ? 125  ARG A N   1 
ATOM   872  C  CA  . ARG A 1 119 ? 13.656  -5.429  3.384   1.00 38.72 ? 125  ARG A CA  1 
ATOM   873  C  C   . ARG A 1 119 ? 14.003  -4.986  1.956   1.00 41.10 ? 125  ARG A C   1 
ATOM   874  O  O   . ARG A 1 119 ? 13.592  -3.901  1.529   1.00 45.56 ? 125  ARG A O   1 
ATOM   875  C  CB  . ARG A 1 119 ? 13.178  -6.880  3.420   1.00 39.37 ? 125  ARG A CB  1 
ATOM   876  C  CG  . ARG A 1 119 ? 12.767  -7.375  4.800   1.00 38.04 ? 125  ARG A CG  1 
ATOM   877  C  CD  . ARG A 1 119 ? 12.167  -8.769  4.708   1.00 35.66 ? 125  ARG A CD  1 
ATOM   878  N  NE  . ARG A 1 119 ? 10.812  -8.732  4.184   1.00 33.45 ? 125  ARG A NE  1 
ATOM   879  C  CZ  . ARG A 1 119 ? 10.230  -9.741  3.555   1.00 33.94 ? 125  ARG A CZ  1 
ATOM   880  N  NH1 . ARG A 1 119 ? 10.902  -10.856 3.332   1.00 33.48 ? 125  ARG A NH1 1 
ATOM   881  N  NH2 . ARG A 1 119 ? 8.981   -9.637  3.144   1.00 36.43 ? 125  ARG A NH2 1 
ATOM   882  N  N   . GLU A 1 120 ? 14.762  -5.807  1.218   1.00 41.89 ? 126  GLU A N   1 
ATOM   883  C  CA  . GLU A 1 120 ? 15.064  -5.474  -0.170  1.00 42.23 ? 126  GLU A CA  1 
ATOM   884  C  C   . GLU A 1 120 ? 13.801  -5.670  -1.009  1.00 39.45 ? 126  GLU A C   1 
ATOM   885  O  O   . GLU A 1 120 ? 12.919  -6.442  -0.659  1.00 37.29 ? 126  GLU A O   1 
ATOM   886  C  CB  . GLU A 1 120 ? 16.215  -6.296  -0.756  1.00 46.16 ? 126  GLU A CB  1 
ATOM   887  C  CG  . GLU A 1 120 ? 17.560  -5.584  -0.767  1.00 46.61 ? 126  GLU A CG  1 
ATOM   888  C  CD  . GLU A 1 120 ? 18.498  -5.994  0.353   1.00 51.02 ? 126  GLU A CD  1 
ATOM   889  O  OE1 . GLU A 1 120 ? 18.337  -7.112  0.895   1.00 54.97 ? 126  GLU A OE1 1 
ATOM   890  O  OE2 . GLU A 1 120 ? 19.391  -5.197  0.682   1.00 56.25 ? 126  GLU A OE2 1 
ATOM   891  N  N   . VAL A 1 121 ? 13.775  -4.957  -2.134  1.00 39.69 ? 127  VAL A N   1 
ATOM   892  C  CA  . VAL A 1 121 ? 12.601  -4.785  -2.975  1.00 38.98 ? 127  VAL A CA  1 
ATOM   893  C  C   . VAL A 1 121 ? 12.383  -6.040  -3.842  1.00 38.01 ? 127  VAL A C   1 
ATOM   894  O  O   . VAL A 1 121 ? 11.242  -6.361  -4.168  1.00 38.28 ? 127  VAL A O   1 
ATOM   895  C  CB  . VAL A 1 121 ? 12.713  -3.496  -3.821  1.00 38.04 ? 127  VAL A CB  1 
ATOM   896  C  CG1 . VAL A 1 121 ? 12.892  -2.257  -2.967  1.00 37.26 ? 127  VAL A CG1 1 
ATOM   897  C  CG2 . VAL A 1 121 ? 13.832  -3.563  -4.841  1.00 39.82 ? 127  VAL A CG2 1 
ATOM   898  N  N   . HIS A 1 122 ? 13.466  -6.739  -4.209  1.00 36.55 ? 128  HIS A N   1 
ATOM   899  C  CA  . HIS A 1 122 ? 13.389  -7.937  -5.067  1.00 37.49 ? 128  HIS A CA  1 
ATOM   900  C  C   . HIS A 1 122 ? 12.843  -9.133  -4.274  1.00 35.09 ? 128  HIS A C   1 
ATOM   901  O  O   . HIS A 1 122 ? 12.169  -9.982  -4.829  1.00 30.80 ? 128  HIS A O   1 
ATOM   902  C  CB  . HIS A 1 122 ? 14.747  -8.244  -5.719  1.00 40.65 ? 128  HIS A CB  1 
ATOM   903  C  CG  . HIS A 1 122 ? 15.818  -8.625  -4.754  1.00 44.54 ? 128  HIS A CG  1 
ATOM   904  N  ND1 . HIS A 1 122 ? 16.640  -7.684  -4.145  1.00 45.67 ? 128  HIS A ND1 1 
ATOM   905  C  CD2 . HIS A 1 122 ? 16.202  -9.832  -4.279  1.00 45.04 ? 128  HIS A CD2 1 
ATOM   906  C  CE1 . HIS A 1 122 ? 17.479  -8.299  -3.338  1.00 46.16 ? 128  HIS A CE1 1 
ATOM   907  N  NE2 . HIS A 1 122 ? 17.228  -9.618  -3.400  1.00 45.71 ? 128  HIS A NE2 1 
ATOM   908  N  N   . ILE A 1 123 ? 13.155  -9.174  -2.975  1.00 36.66 ? 129  ILE A N   1 
ATOM   909  C  CA  . ILE A 1 123 ? 12.647  -10.176 -2.046  1.00 37.87 ? 129  ILE A CA  1 
ATOM   910  C  C   . ILE A 1 123 ? 11.142  -9.977  -1.890  1.00 39.40 ? 129  ILE A C   1 
ATOM   911  O  O   . ILE A 1 123 ? 10.360  -10.893 -2.135  1.00 48.13 ? 129  ILE A O   1 
ATOM   912  C  CB  . ILE A 1 123 ? 13.351  -10.090 -0.681  1.00 38.93 ? 129  ILE A CB  1 
ATOM   913  C  CG1 . ILE A 1 123 ? 14.802  -10.580 -0.768  1.00 41.95 ? 129  ILE A CG1 1 
ATOM   914  C  CG2 . ILE A 1 123 ? 12.563  -10.830 0.390   1.00 36.80 ? 129  ILE A CG2 1 
ATOM   915  C  CD1 . ILE A 1 123 ? 15.733  -9.912  0.228   1.00 43.22 ? 129  ILE A CD1 1 
ATOM   916  N  N   . TYR A 1 124 ? 10.732  -8.779  -1.478  1.00 37.39 ? 130  TYR A N   1 
ATOM   917  C  CA  . TYR A 1 124 ? 9.323   -8.570  -1.259  1.00 36.35 ? 130  TYR A CA  1 
ATOM   918  C  C   . TYR A 1 124 ? 8.576   -8.764  -2.586  1.00 37.09 ? 130  TYR A C   1 
ATOM   919  O  O   . TYR A 1 124 ? 7.441   -9.230  -2.590  1.00 37.85 ? 130  TYR A O   1 
ATOM   920  C  CB  . TYR A 1 124 ? 9.041   -7.226  -0.582  1.00 34.43 ? 130  TYR A CB  1 
ATOM   921  C  CG  . TYR A 1 124 ? 7.641   -7.141  -0.026  1.00 32.85 ? 130  TYR A CG  1 
ATOM   922  C  CD1 . TYR A 1 124 ? 7.122   -8.149  0.773   1.00 31.84 ? 130  TYR A CD1 1 
ATOM   923  C  CD2 . TYR A 1 124 ? 6.815   -6.073  -0.326  1.00 32.28 ? 130  TYR A CD2 1 
ATOM   924  C  CE1 . TYR A 1 124 ? 5.826   -8.091  1.258   1.00 31.66 ? 130  TYR A CE1 1 
ATOM   925  C  CE2 . TYR A 1 124 ? 5.519   -5.997  0.158   1.00 31.88 ? 130  TYR A CE2 1 
ATOM   926  C  CZ  . TYR A 1 124 ? 5.022   -7.006  0.955   1.00 30.96 ? 130  TYR A CZ  1 
ATOM   927  O  OH  . TYR A 1 124 ? 3.744   -6.897  1.415   1.00 30.46 ? 130  TYR A OH  1 
ATOM   928  N  N   . TYR A 1 125 ? 9.234   -8.457  -3.707  1.00 39.27 ? 131  TYR A N   1 
ATOM   929  C  CA  . TYR A 1 125 ? 8.618   -8.637  -5.025  1.00 41.36 ? 131  TYR A CA  1 
ATOM   930  C  C   . TYR A 1 125 ? 8.318   -10.126 -5.263  1.00 39.86 ? 131  TYR A C   1 
ATOM   931  O  O   . TYR A 1 125 ? 7.217   -10.478 -5.693  1.00 42.29 ? 131  TYR A O   1 
ATOM   932  C  CB  . TYR A 1 125 ? 9.486   -8.048  -6.142  1.00 43.28 ? 131  TYR A CB  1 
ATOM   933  C  CG  . TYR A 1 125 ? 8.898   -8.209  -7.522  1.00 44.46 ? 131  TYR A CG  1 
ATOM   934  C  CD1 . TYR A 1 125 ? 9.005   -9.416  -8.201  1.00 43.66 ? 131  TYR A CD1 1 
ATOM   935  C  CD2 . TYR A 1 125 ? 8.223   -7.168  -8.146  1.00 44.99 ? 131  TYR A CD2 1 
ATOM   936  C  CE1 . TYR A 1 125 ? 8.466   -9.586  -9.465  1.00 43.67 ? 131  TYR A CE1 1 
ATOM   937  C  CE2 . TYR A 1 125 ? 7.676   -7.324  -9.413  1.00 45.76 ? 131  TYR A CE2 1 
ATOM   938  C  CZ  . TYR A 1 125 ? 7.798   -8.539  -10.071 1.00 45.54 ? 131  TYR A CZ  1 
ATOM   939  O  OH  . TYR A 1 125 ? 7.266   -8.732  -11.311 1.00 48.42 ? 131  TYR A OH  1 
ATOM   940  N  N   . LEU A 1 126 ? 9.290   -10.997 -4.986  1.00 35.99 ? 132  LEU A N   1 
ATOM   941  C  CA  . LEU A 1 126 ? 9.111   -12.425 -5.231  1.00 34.05 ? 132  LEU A CA  1 
ATOM   942  C  C   . LEU A 1 126 ? 7.986   -12.962 -4.343  1.00 31.71 ? 132  LEU A C   1 
ATOM   943  O  O   . LEU A 1 126 ? 7.178   -13.753 -4.808  1.00 30.20 ? 132  LEU A O   1 
ATOM   944  C  CB  . LEU A 1 126 ? 10.417  -13.176 -4.955  1.00 35.73 ? 132  LEU A CB  1 
ATOM   945  C  CG  . LEU A 1 126 ? 11.582  -12.884 -5.906  1.00 36.30 ? 132  LEU A CG  1 
ATOM   946  C  CD1 . LEU A 1 126 ? 12.840  -13.596 -5.433  1.00 35.11 ? 132  LEU A CD1 1 
ATOM   947  C  CD2 . LEU A 1 126 ? 11.255  -13.277 -7.343  1.00 36.43 ? 132  LEU A CD2 1 
ATOM   948  N  N   . GLU A 1 127 ? 7.970   -12.543 -3.071  1.00 30.32 ? 133  GLU A N   1 
ATOM   949  C  CA  . GLU A 1 127 ? 6.925   -12.933 -2.116  1.00 30.47 ? 133  GLU A CA  1 
ATOM   950  C  C   . GLU A 1 127 ? 5.550   -12.607 -2.712  1.00 30.35 ? 133  GLU A C   1 
ATOM   951  O  O   . GLU A 1 127 ? 4.605   -13.416 -2.695  1.00 27.23 ? 133  GLU A O   1 
ATOM   952  C  CB  . GLU A 1 127 ? 7.091   -12.194 -0.785  1.00 30.09 ? 133  GLU A CB  1 
ATOM   953  C  CG  . GLU A 1 127 ? 7.883   -12.942 0.270   1.00 29.85 ? 133  GLU A CG  1 
ATOM   954  C  CD  . GLU A 1 127 ? 7.849   -12.271 1.641   1.00 31.39 ? 133  GLU A CD  1 
ATOM   955  O  OE1 . GLU A 1 127 ? 6.744   -11.823 2.059   1.00 30.71 ? 133  GLU A OE1 1 
ATOM   956  O  OE2 . GLU A 1 127 ? 8.923   -12.189 2.301   1.00 29.67 ? 133  GLU A OE2 1 
ATOM   957  N  N   . LYS A 1 128 ? 5.448   -11.382 -3.219  1.00 32.21 ? 134  LYS A N   1 
ATOM   958  C  CA  . LYS A 1 128 ? 4.225   -10.899 -3.766  1.00 36.38 ? 134  LYS A CA  1 
ATOM   959  C  C   . LYS A 1 128 ? 3.869   -11.755 -4.981  1.00 38.12 ? 134  LYS A C   1 
ATOM   960  O  O   . LYS A 1 128 ? 2.818   -12.382 -4.998  1.00 42.27 ? 134  LYS A O   1 
ATOM   961  C  CB  . LYS A 1 128 ? 4.340   -9.410  -4.113  1.00 38.49 ? 134  LYS A CB  1 
ATOM   962  C  CG  . LYS A 1 128 ? 4.016   -8.461  -2.968  1.00 40.09 ? 134  LYS A CG  1 
ATOM   963  C  CD  . LYS A 1 128 ? 2.612   -8.663  -2.414  1.00 40.65 ? 134  LYS A CD  1 
ATOM   964  C  CE  . LYS A 1 128 ? 2.185   -7.575  -1.453  1.00 41.46 ? 134  LYS A CE  1 
ATOM   965  N  NZ  . LYS A 1 128 ? 0.709   -7.507  -1.333  1.00 40.74 ? 134  LYS A NZ  1 
ATOM   966  N  N   . ALA A 1 129 ? 4.765   -11.792 -5.971  1.00 38.78 ? 135  ALA A N   1 
ATOM   967  C  CA  . ALA A 1 129 ? 4.529   -12.533 -7.216  1.00 39.95 ? 135  ALA A CA  1 
ATOM   968  C  C   . ALA A 1 129 ? 4.110   -13.972 -6.885  1.00 42.29 ? 135  ALA A C   1 
ATOM   969  O  O   . ALA A 1 129 ? 3.133   -14.482 -7.432  1.00 44.48 ? 135  ALA A O   1 
ATOM   970  C  CB  . ALA A 1 129 ? 5.759   -12.481 -8.089  1.00 38.65 ? 135  ALA A CB  1 
ATOM   971  N  N   . ASN A 1 130 ? 4.825   -14.591 -5.939  1.00 44.35 ? 136  ASN A N   1 
ATOM   972  C  CA  . ASN A 1 130 ? 4.610   -15.971 -5.563  1.00 45.85 ? 136  ASN A CA  1 
ATOM   973  C  C   . ASN A 1 130 ? 3.154   -16.197 -5.164  1.00 46.49 ? 136  ASN A C   1 
ATOM   974  O  O   . ASN A 1 130 ? 2.610   -17.219 -5.507  1.00 52.10 ? 136  ASN A O   1 
ATOM   975  C  CB  . ASN A 1 130 ? 5.493   -16.423 -4.398  1.00 48.60 ? 136  ASN A CB  1 
ATOM   976  C  CG  . ASN A 1 130 ? 5.893   -17.879 -4.508  1.00 50.56 ? 136  ASN A CG  1 
ATOM   977  O  OD1 . ASN A 1 130 ? 6.550   -18.262 -5.468  1.00 61.59 ? 136  ASN A OD1 1 
ATOM   978  N  ND2 . ASN A 1 130 ? 5.519   -18.698 -3.539  1.00 48.50 ? 136  ASN A ND2 1 
ATOM   979  N  N   . LYS A 1 131 ? 2.566   -15.267 -4.406  1.00 50.74 ? 137  LYS A N   1 
ATOM   980  C  CA  . LYS A 1 131 ? 1.242   -15.470 -3.811  1.00 56.03 ? 137  LYS A CA  1 
ATOM   981  C  C   . LYS A 1 131 ? 0.151   -15.357 -4.881  1.00 55.56 ? 137  LYS A C   1 
ATOM   982  O  O   . LYS A 1 131 ? -0.798  -16.131 -4.877  1.00 60.42 ? 137  LYS A O   1 
ATOM   983  C  CB  . LYS A 1 131 ? 0.943   -14.471 -2.689  1.00 61.97 ? 137  LYS A CB  1 
ATOM   984  C  CG  . LYS A 1 131 ? -0.485  -14.547 -2.153  1.00 65.45 ? 137  LYS A CG  1 
ATOM   985  C  CD  . LYS A 1 131 ? -0.638  -14.123 -0.698  1.00 73.31 ? 137  LYS A CD  1 
ATOM   986  C  CE  . LYS A 1 131 ? -1.982  -14.502 -0.099  1.00 76.52 ? 137  LYS A CE  1 
ATOM   987  N  NZ  . LYS A 1 131 ? -2.158  -13.978 1.281   1.00 74.58 ? 137  LYS A NZ  1 
ATOM   988  N  N   . ILE A 1 132 ? 0.284   -14.383 -5.782  1.00 53.47 ? 138  ILE A N   1 
ATOM   989  C  CA  . ILE A 1 132 ? -0.763  -14.128 -6.751  1.00 54.05 ? 138  ILE A CA  1 
ATOM   990  C  C   . ILE A 1 132 ? -0.801  -15.299 -7.741  1.00 54.81 ? 138  ILE A C   1 
ATOM   991  O  O   . ILE A 1 132 ? -0.031  -15.334 -8.705  1.00 56.58 ? 138  ILE A O   1 
ATOM   992  C  CB  . ILE A 1 132 ? -0.568  -12.782 -7.477  1.00 55.07 ? 138  ILE A CB  1 
ATOM   993  C  CG1 . ILE A 1 132 ? -0.117  -11.649 -6.553  1.00 51.36 ? 138  ILE A CG1 1 
ATOM   994  C  CG2 . ILE A 1 132 ? -1.845  -12.402 -8.209  1.00 58.01 ? 138  ILE A CG2 1 
ATOM   995  C  CD1 . ILE A 1 132 ? 0.208   -10.377 -7.296  1.00 50.10 ? 138  ILE A CD1 1 
ATOM   996  N  N   . GLU A 1 135 ? -3.185  -13.320 -10.683 1.00 68.27 ? 141  GLU A N   1 
ATOM   997  C  CA  . GLU A 1 135 ? -2.008  -13.934 -11.264 1.00 64.93 ? 141  GLU A CA  1 
ATOM   998  C  C   . GLU A 1 135 ? -1.497  -13.041 -12.404 1.00 65.20 ? 141  GLU A C   1 
ATOM   999  O  O   . GLU A 1 135 ? -0.327  -13.142 -12.771 1.00 69.81 ? 141  GLU A O   1 
ATOM   1000 C  CB  . GLU A 1 135 ? -2.348  -15.361 -11.708 1.00 67.34 ? 141  GLU A CB  1 
ATOM   1001 C  CG  . GLU A 1 135 ? -1.467  -16.433 -11.086 1.00 69.29 ? 141  GLU A CG  1 
ATOM   1002 C  CD  . GLU A 1 135 ? -0.113  -16.610 -11.749 1.00 74.05 ? 141  GLU A CD  1 
ATOM   1003 O  OE1 . GLU A 1 135 ? -0.089  -16.977 -12.949 1.00 72.65 ? 141  GLU A OE1 1 
ATOM   1004 O  OE2 . GLU A 1 135 ? 0.911   -16.377 -11.066 1.00 75.35 ? 141  GLU A OE2 1 
ATOM   1005 N  N   . LYS A 1 136 ? -2.359  -12.157 -12.940 1.00 63.59 ? 142  LYS A N   1 
ATOM   1006 C  CA  . LYS A 1 136 ? -1.993  -11.194 -14.019 1.00 64.89 ? 142  LYS A CA  1 
ATOM   1007 C  C   . LYS A 1 136 ? -2.071  -9.737  -13.537 1.00 59.59 ? 142  LYS A C   1 
ATOM   1008 O  O   . LYS A 1 136 ? -2.326  -8.822  -14.338 1.00 54.70 ? 142  LYS A O   1 
ATOM   1009 C  CB  . LYS A 1 136 ? -2.922  -11.355 -15.224 1.00 68.94 ? 142  LYS A CB  1 
ATOM   1010 C  CG  . LYS A 1 136 ? -3.014  -12.775 -15.752 1.00 74.41 ? 142  LYS A CG  1 
ATOM   1011 C  CD  . LYS A 1 136 ? -3.637  -12.870 -17.120 1.00 77.01 ? 142  LYS A CD  1 
ATOM   1012 C  CE  . LYS A 1 136 ? -3.360  -14.205 -17.776 1.00 75.57 ? 142  LYS A CE  1 
ATOM   1013 N  NZ  . LYS A 1 136 ? -4.534  -14.684 -18.538 1.00 74.47 ? 142  LYS A NZ  1 
ATOM   1014 N  N   . THR A 1 137 ? -1.832  -9.531  -12.237 1.00 54.27 ? 143  THR A N   1 
ATOM   1015 C  CA  . THR A 1 137 ? -1.859  -8.214  -11.609 1.00 48.22 ? 143  THR A CA  1 
ATOM   1016 C  C   . THR A 1 137 ? -0.457  -7.591  -11.694 1.00 43.35 ? 143  THR A C   1 
ATOM   1017 O  O   . THR A 1 137 ? 0.564   -8.252  -11.490 1.00 40.57 ? 143  THR A O   1 
ATOM   1018 C  CB  . THR A 1 137 ? -2.386  -8.315  -10.170 1.00 46.99 ? 143  THR A CB  1 
ATOM   1019 O  OG1 . THR A 1 137 ? -3.711  -8.849  -10.217 1.00 45.30 ? 143  THR A OG1 1 
ATOM   1020 C  CG2 . THR A 1 137 ? -2.411  -6.990  -9.438  1.00 45.99 ? 143  THR A CG2 1 
ATOM   1021 N  N   . HIS A 1 138 ? -0.420  -6.298  -12.015 1.00 39.16 ? 144  HIS A N   1 
ATOM   1022 C  CA  . HIS A 1 138 ? 0.809   -5.572  -12.019 1.00 36.20 ? 144  HIS A CA  1 
ATOM   1023 C  C   . HIS A 1 138 ? 1.314   -5.520  -10.578 1.00 35.17 ? 144  HIS A C   1 
ATOM   1024 O  O   . HIS A 1 138 ? 0.518   -5.441  -9.643  1.00 37.77 ? 144  HIS A O   1 
ATOM   1025 C  CB  . HIS A 1 138 ? 0.611   -4.187  -12.644 1.00 36.29 ? 144  HIS A CB  1 
ATOM   1026 C  CG  . HIS A 1 138 ? 1.831   -3.708  -13.350 1.00 38.58 ? 144  HIS A CG  1 
ATOM   1027 N  ND1 . HIS A 1 138 ? 2.113   -4.074  -14.649 1.00 38.95 ? 144  HIS A ND1 1 
ATOM   1028 C  CD2 . HIS A 1 138 ? 2.862   -2.934  -12.935 1.00 40.87 ? 144  HIS A CD2 1 
ATOM   1029 C  CE1 . HIS A 1 138 ? 3.258   -3.529  -15.014 1.00 40.48 ? 144  HIS A CE1 1 
ATOM   1030 N  NE2 . HIS A 1 138 ? 3.744   -2.829  -13.979 1.00 40.34 ? 144  HIS A NE2 1 
ATOM   1031 N  N   . ILE A 1 139 ? 2.634   -5.595  -10.400 1.00 32.11 ? 145  ILE A N   1 
ATOM   1032 C  CA  . ILE A 1 139 ? 3.231   -5.450  -9.078  1.00 28.44 ? 145  ILE A CA  1 
ATOM   1033 C  C   . ILE A 1 139 ? 4.169   -4.238  -9.090  1.00 27.70 ? 145  ILE A C   1 
ATOM   1034 O  O   . ILE A 1 139 ? 4.890   -4.002  -10.052 1.00 26.08 ? 145  ILE A O   1 
ATOM   1035 C  CB  . ILE A 1 139 ? 3.930   -6.748  -8.628  1.00 26.33 ? 145  ILE A CB  1 
ATOM   1036 C  CG1 . ILE A 1 139 ? 2.913   -7.863  -8.386  1.00 24.88 ? 145  ILE A CG1 1 
ATOM   1037 C  CG2 . ILE A 1 139 ? 4.772   -6.487  -7.395  1.00 26.98 ? 145  ILE A CG2 1 
ATOM   1038 C  CD1 . ILE A 1 139 ? 3.518   -9.206  -8.123  1.00 24.25 ? 145  ILE A CD1 1 
ATOM   1039 N  N   . HIS A 1 140 ? 4.097   -3.468  -8.002  1.00 28.55 ? 146  HIS A N   1 
ATOM   1040 C  CA  . HIS A 1 140 ? 4.962   -2.337  -7.706  1.00 28.40 ? 146  HIS A CA  1 
ATOM   1041 C  C   . HIS A 1 140 ? 5.367   -2.455  -6.243  1.00 27.34 ? 146  HIS A C   1 
ATOM   1042 O  O   . HIS A 1 140 ? 4.497   -2.578  -5.389  1.00 28.24 ? 146  HIS A O   1 
ATOM   1043 C  CB  . HIS A 1 140 ? 4.230   -1.009  -7.963  1.00 29.49 ? 146  HIS A CB  1 
ATOM   1044 C  CG  . HIS A 1 140 ? 5.122   0.165   -8.219  1.00 30.32 ? 146  HIS A CG  1 
ATOM   1045 N  ND1 . HIS A 1 140 ? 4.886   1.071   -9.236  1.00 29.95 ? 146  HIS A ND1 1 
ATOM   1046 C  CD2 . HIS A 1 140 ? 6.244   0.590   -7.598  1.00 29.99 ? 146  HIS A CD2 1 
ATOM   1047 C  CE1 . HIS A 1 140 ? 5.818   2.004   -9.211  1.00 29.22 ? 146  HIS A CE1 1 
ATOM   1048 N  NE2 . HIS A 1 140 ? 6.654   1.736   -8.220  1.00 28.16 ? 146  HIS A NE2 1 
ATOM   1049 N  N   . ILE A 1 141 ? 6.675   -2.452  -5.980  1.00 26.67 ? 147  ILE A N   1 
ATOM   1050 C  CA  . ILE A 1 141 ? 7.192   -2.436  -4.615  1.00 26.82 ? 147  ILE A CA  1 
ATOM   1051 C  C   . ILE A 1 141 ? 7.907   -1.098  -4.377  1.00 26.57 ? 147  ILE A C   1 
ATOM   1052 O  O   . ILE A 1 141 ? 8.670   -0.632  -5.237  1.00 25.92 ? 147  ILE A O   1 
ATOM   1053 C  CB  . ILE A 1 141 ? 8.135   -3.623  -4.348  1.00 26.74 ? 147  ILE A CB  1 
ATOM   1054 C  CG1 . ILE A 1 141 ? 7.530   -4.958  -4.784  1.00 27.91 ? 147  ILE A CG1 1 
ATOM   1055 C  CG2 . ILE A 1 141 ? 8.561   -3.648  -2.891  1.00 26.85 ? 147  ILE A CG2 1 
ATOM   1056 C  CD1 . ILE A 1 141 ? 6.292   -5.361  -4.021  1.00 29.24 ? 147  ILE A CD1 1 
ATOM   1057 N  N   . PHE A 1 142 ? 7.643   -0.499  -3.207  1.00 24.92 ? 148  PHE A N   1 
ATOM   1058 C  CA  . PHE A 1 142 ? 8.409   0.604   -2.676  1.00 24.21 ? 148  PHE A CA  1 
ATOM   1059 C  C   . PHE A 1 142 ? 9.075   0.154   -1.381  1.00 23.55 ? 148  PHE A C   1 
ATOM   1060 O  O   . PHE A 1 142 ? 8.427   -0.456  -0.559  1.00 23.24 ? 148  PHE A O   1 
ATOM   1061 C  CB  . PHE A 1 142 ? 7.525   1.813   -2.356  1.00 24.46 ? 148  PHE A CB  1 
ATOM   1062 C  CG  . PHE A 1 142 ? 6.736   2.371   -3.513  1.00 24.66 ? 148  PHE A CG  1 
ATOM   1063 C  CD1 . PHE A 1 142 ? 5.474   1.874   -3.818  1.00 24.98 ? 148  PHE A CD1 1 
ATOM   1064 C  CD2 . PHE A 1 142 ? 7.245   3.400   -4.289  1.00 24.15 ? 148  PHE A CD2 1 
ATOM   1065 C  CE1 . PHE A 1 142 ? 4.741   2.398   -4.874  1.00 25.33 ? 148  PHE A CE1 1 
ATOM   1066 C  CE2 . PHE A 1 142 ? 6.517   3.906   -5.356  1.00 24.62 ? 148  PHE A CE2 1 
ATOM   1067 C  CZ  . PHE A 1 142 ? 5.267   3.409   -5.646  1.00 24.76 ? 148  PHE A CZ  1 
ATOM   1068 N  N   . SER A 1 143 ? 10.358  0.492   -1.221  1.00 23.85 ? 149  SER A N   1 
ATOM   1069 C  CA  . SER A 1 143 ? 11.056  0.420   0.054   1.00 24.04 ? 149  SER A CA  1 
ATOM   1070 C  C   . SER A 1 143 ? 11.023  1.783   0.755   1.00 24.18 ? 149  SER A C   1 
ATOM   1071 O  O   . SER A 1 143 ? 10.458  2.745   0.235   1.00 24.73 ? 149  SER A O   1 
ATOM   1072 C  CB  . SER A 1 143 ? 12.462  0.027   -0.156  1.00 24.37 ? 149  SER A CB  1 
ATOM   1073 O  OG  . SER A 1 143 ? 13.212  1.203   -0.407  1.00 25.35 ? 149  SER A OG  1 
ATOM   1074 N  N   . PHE A 1 144 ? 11.685  1.856   1.917   1.00 24.79 ? 150  PHE A N   1 
ATOM   1075 C  CA  . PHE A 1 144 ? 11.832  3.091   2.697   1.00 25.00 ? 150  PHE A CA  1 
ATOM   1076 C  C   . PHE A 1 144 ? 13.200  3.713   2.392   1.00 25.56 ? 150  PHE A C   1 
ATOM   1077 O  O   . PHE A 1 144 ? 13.576  4.708   2.987   1.00 25.15 ? 150  PHE A O   1 
ATOM   1078 C  CB  . PHE A 1 144 ? 11.646  2.830   4.202   1.00 24.51 ? 150  PHE A CB  1 
ATOM   1079 C  CG  . PHE A 1 144 ? 10.276  2.354   4.637   1.00 23.87 ? 150  PHE A CG  1 
ATOM   1080 C  CD1 . PHE A 1 144 ? 9.875   1.038   4.433   1.00 24.03 ? 150  PHE A CD1 1 
ATOM   1081 C  CD2 . PHE A 1 144 ? 9.382   3.216   5.255   1.00 23.48 ? 150  PHE A CD2 1 
ATOM   1082 C  CE1 . PHE A 1 144 ? 8.612   0.606   4.815   1.00 23.57 ? 150  PHE A CE1 1 
ATOM   1083 C  CE2 . PHE A 1 144 ? 8.118   2.781   5.638   1.00 23.62 ? 150  PHE A CE2 1 
ATOM   1084 C  CZ  . PHE A 1 144 ? 7.732   1.480   5.417   1.00 23.39 ? 150  PHE A CZ  1 
ATOM   1085 N  N   . THR A 1 145 ? 13.937  3.122   1.451   1.00 28.43 ? 151  THR A N   1 
ATOM   1086 C  CA  . THR A 1 145 ? 15.275  3.594   1.087   1.00 32.14 ? 151  THR A CA  1 
ATOM   1087 C  C   . THR A 1 145 ? 15.236  4.282   -0.288  1.00 35.90 ? 151  THR A C   1 
ATOM   1088 O  O   . THR A 1 145 ? 16.281  4.516   -0.890  1.00 40.00 ? 151  THR A O   1 
ATOM   1089 C  CB  . THR A 1 145 ? 16.290  2.438   1.076   1.00 32.68 ? 151  THR A CB  1 
ATOM   1090 O  OG1 . THR A 1 145 ? 15.853  1.500   0.087   1.00 31.76 ? 151  THR A OG1 1 
ATOM   1091 C  CG2 . THR A 1 145 ? 16.463  1.757   2.420   1.00 32.12 ? 151  THR A CG2 1 
ATOM   1092 N  N   . GLY A 1 146 ? 14.034  4.613   -0.780  1.00 38.67 ? 152  GLY A N   1 
ATOM   1093 C  CA  . GLY A 1 146 ? 13.859  5.243   -2.096  1.00 37.62 ? 152  GLY A CA  1 
ATOM   1094 C  C   . GLY A 1 146 ? 14.084  4.273   -3.240  1.00 36.70 ? 152  GLY A C   1 
ATOM   1095 O  O   . GLY A 1 146 ? 14.411  4.685   -4.339  1.00 34.44 ? 152  GLY A O   1 
ATOM   1096 N  N   . GLU A 1 147 ? 13.899  2.980   -2.964  1.00 40.42 ? 153  GLU A N   1 
ATOM   1097 C  CA  . GLU A 1 147 ? 14.106  1.892   -3.924  1.00 43.78 ? 153  GLU A CA  1 
ATOM   1098 C  C   . GLU A 1 147 ? 12.744  1.339   -4.351  1.00 40.90 ? 153  GLU A C   1 
ATOM   1099 O  O   . GLU A 1 147 ? 11.834  1.257   -3.539  1.00 42.43 ? 153  GLU A O   1 
ATOM   1100 C  CB  . GLU A 1 147 ? 14.911  0.745   -3.304  1.00 47.00 ? 153  GLU A CB  1 
ATOM   1101 C  CG  . GLU A 1 147 ? 16.414  0.949   -3.286  1.00 48.93 ? 153  GLU A CG  1 
ATOM   1102 C  CD  . GLU A 1 147 ? 17.183  -0.361  -3.362  1.00 55.75 ? 153  GLU A CD  1 
ATOM   1103 O  OE1 . GLU A 1 147 ? 16.691  -1.373  -2.797  1.00 59.34 ? 153  GLU A OE1 1 
ATOM   1104 O  OE2 . GLU A 1 147 ? 18.255  -0.384  -4.014  1.00 59.97 ? 153  GLU A OE2 1 
ATOM   1105 N  N   . GLU A 1 148 ? 12.631  0.931   -5.616  1.00 38.40 ? 154  GLU A N   1 
ATOM   1106 C  CA  . GLU A 1 148 ? 11.402  0.351   -6.109  1.00 36.53 ? 154  GLU A CA  1 
ATOM   1107 C  C   . GLU A 1 148 ? 11.723  -0.659  -7.208  1.00 35.87 ? 154  GLU A C   1 
ATOM   1108 O  O   . GLU A 1 148 ? 12.807  -0.643  -7.770  1.00 35.19 ? 154  GLU A O   1 
ATOM   1109 C  CB  . GLU A 1 148 ? 10.442  1.437   -6.596  1.00 36.19 ? 154  GLU A CB  1 
ATOM   1110 C  CG  . GLU A 1 148 ? 11.030  2.385   -7.629  1.00 37.52 ? 154  GLU A CG  1 
ATOM   1111 C  CD  . GLU A 1 148 ? 10.028  3.307   -8.322  1.00 38.58 ? 154  GLU A CD  1 
ATOM   1112 O  OE1 . GLU A 1 148 ? 8.833   2.962   -8.406  1.00 39.41 ? 154  GLU A OE1 1 
ATOM   1113 O  OE2 . GLU A 1 148 ? 10.444  4.375   -8.784  1.00 39.40 ? 154  GLU A OE2 1 
ATOM   1114 N  N   . MET A 1 149 ? 10.758  -1.549  -7.457  1.00 36.65 ? 155  MET A N   1 
ATOM   1115 C  CA  . MET A 1 149 ? 10.840  -2.576  -8.482  1.00 38.64 ? 155  MET A CA  1 
ATOM   1116 C  C   . MET A 1 149 ? 9.417   -3.011  -8.857  1.00 40.55 ? 155  MET A C   1 
ATOM   1117 O  O   . MET A 1 149 ? 8.602   -3.253  -7.967  1.00 43.25 ? 155  MET A O   1 
ATOM   1118 C  CB  . MET A 1 149 ? 11.613  -3.784  -7.960  1.00 39.60 ? 155  MET A CB  1 
ATOM   1119 C  CG  . MET A 1 149 ? 11.738  -4.895  -8.968  1.00 41.44 ? 155  MET A CG  1 
ATOM   1120 S  SD  . MET A 1 149 ? 11.935  -6.494  -8.157  1.00 42.76 ? 155  MET A SD  1 
ATOM   1121 C  CE  . MET A 1 149 ? 13.669  -6.808  -8.493  1.00 44.21 ? 155  MET A CE  1 
ATOM   1122 N  N   . ALA A 1 150 ? 9.139   -3.111  -10.165 1.00 39.49 ? 156  ALA A N   1 
ATOM   1123 C  CA  . ALA A 1 150 ? 7.783   -3.308  -10.681 1.00 37.95 ? 156  ALA A CA  1 
ATOM   1124 C  C   . ALA A 1 150 ? 7.815   -4.231  -11.906 1.00 38.70 ? 156  ALA A C   1 
ATOM   1125 O  O   . ALA A 1 150 ? 8.795   -4.218  -12.638 1.00 39.33 ? 156  ALA A O   1 
ATOM   1126 C  CB  . ALA A 1 150 ? 7.206   -1.955  -11.016 1.00 38.32 ? 156  ALA A CB  1 
ATOM   1127 N  N   . THR A 1 151 ? 6.749   -5.017  -12.137 1.00 40.30 ? 157  THR A N   1 
ATOM   1128 C  CA  . THR A 1 151 ? 6.721   -5.975  -13.272 1.00 40.38 ? 157  THR A CA  1 
ATOM   1129 C  C   . THR A 1 151 ? 7.198   -5.238  -14.534 1.00 44.89 ? 157  THR A C   1 
ATOM   1130 O  O   . THR A 1 151 ? 6.883   -4.026  -14.725 1.00 41.79 ? 157  THR A O   1 
ATOM   1131 C  CB  . THR A 1 151 ? 5.356   -6.661  -13.483 1.00 37.66 ? 157  THR A CB  1 
ATOM   1132 O  OG1 . THR A 1 151 ? 4.310   -5.703  -13.621 1.00 35.84 ? 157  THR A OG1 1 
ATOM   1133 C  CG2 . THR A 1 151 ? 4.963   -7.609  -12.372 1.00 37.07 ? 157  THR A CG2 1 
ATOM   1134 N  N   . LYS A 1 152 ? 7.980   -5.964  -15.361 1.00 48.69 ? 158  LYS A N   1 
ATOM   1135 C  CA  . LYS A 1 152 ? 8.603   -5.484  -16.634 1.00 48.55 ? 158  LYS A CA  1 
ATOM   1136 C  C   . LYS A 1 152 ? 9.335   -4.149  -16.422 1.00 47.12 ? 158  LYS A C   1 
ATOM   1137 O  O   . LYS A 1 152 ? 9.606   -3.450  -17.390 1.00 50.49 ? 158  LYS A O   1 
ATOM   1138 C  CB  . LYS A 1 152 ? 7.567   -5.306  -17.754 1.00 49.22 ? 158  LYS A CB  1 
ATOM   1139 C  CG  . LYS A 1 152 ? 7.433   -6.469  -18.719 1.00 54.63 ? 158  LYS A CG  1 
ATOM   1140 C  CD  . LYS A 1 152 ? 6.184   -7.303  -18.503 1.00 61.54 ? 158  LYS A CD  1 
ATOM   1141 C  CE  . LYS A 1 152 ? 6.249   -8.653  -19.198 1.00 69.73 ? 158  LYS A CE  1 
ATOM   1142 N  NZ  . LYS A 1 152 ? 4.992   -9.426  -19.045 1.00 73.70 ? 158  LYS A NZ  1 
ATOM   1143 N  N   . ALA A 1 153 ? 9.680   -3.819  -15.170 1.00 42.61 ? 159  ALA A N   1 
ATOM   1144 C  CA  . ALA A 1 153 ? 10.095  -2.472  -14.784 1.00 40.20 ? 159  ALA A CA  1 
ATOM   1145 C  C   . ALA A 1 153 ? 9.153   -1.437  -15.418 1.00 42.14 ? 159  ALA A C   1 
ATOM   1146 O  O   . ALA A 1 153 ? 9.607   -0.416  -15.931 1.00 44.79 ? 159  ALA A O   1 
ATOM   1147 C  CB  . ALA A 1 153 ? 11.538  -2.235  -15.162 1.00 37.45 ? 159  ALA A CB  1 
ATOM   1148 N  N   . ASP A 1 154 ? 7.840   -1.706  -15.385 1.00 41.53 ? 160  ASP A N   1 
ATOM   1149 C  CA  . ASP A 1 154 ? 6.858   -0.732  -15.810 1.00 42.52 ? 160  ASP A CA  1 
ATOM   1150 C  C   . ASP A 1 154 ? 6.349   -0.017  -14.558 1.00 44.80 ? 160  ASP A C   1 
ATOM   1151 O  O   . ASP A 1 154 ? 5.452   -0.496  -13.859 1.00 47.17 ? 160  ASP A O   1 
ATOM   1152 C  CB  . ASP A 1 154 ? 5.729   -1.367  -16.624 1.00 42.63 ? 160  ASP A CB  1 
ATOM   1153 C  CG  . ASP A 1 154 ? 4.649   -0.370  -17.023 1.00 41.80 ? 160  ASP A CG  1 
ATOM   1154 O  OD1 . ASP A 1 154 ? 4.966   0.832   -17.120 1.00 40.50 ? 160  ASP A OD1 1 
ATOM   1155 O  OD2 . ASP A 1 154 ? 3.491   -0.799  -17.213 1.00 38.79 ? 160  ASP A OD2 1 
ATOM   1156 N  N   . TYR A 1 155 ? 6.942   1.147   -14.289 1.00 45.77 ? 161  TYR A N   1 
ATOM   1157 C  CA  . TYR A 1 155 ? 6.792   1.827   -13.013 1.00 47.65 ? 161  TYR A CA  1 
ATOM   1158 C  C   . TYR A 1 155 ? 5.463   2.606   -12.949 1.00 50.55 ? 161  TYR A C   1 
ATOM   1159 O  O   . TYR A 1 155 ? 5.108   3.130   -11.882 1.00 53.76 ? 161  TYR A O   1 
ATOM   1160 C  CB  . TYR A 1 155 ? 8.051   2.661   -12.754 1.00 46.87 ? 161  TYR A CB  1 
ATOM   1161 C  CG  . TYR A 1 155 ? 9.283   1.825   -12.500 1.00 47.84 ? 161  TYR A CG  1 
ATOM   1162 C  CD1 . TYR A 1 155 ? 9.391   1.057   -11.346 1.00 48.47 ? 161  TYR A CD1 1 
ATOM   1163 C  CD2 . TYR A 1 155 ? 10.337  1.780   -13.402 1.00 45.09 ? 161  TYR A CD2 1 
ATOM   1164 C  CE1 . TYR A 1 155 ? 10.507  0.280   -11.089 1.00 45.12 ? 161  TYR A CE1 1 
ATOM   1165 C  CE2 . TYR A 1 155 ? 11.463  1.009   -13.158 1.00 45.00 ? 161  TYR A CE2 1 
ATOM   1166 C  CZ  . TYR A 1 155 ? 11.546  0.256   -11.998 1.00 45.29 ? 161  TYR A CZ  1 
ATOM   1167 O  OH  . TYR A 1 155 ? 12.632  -0.521  -11.734 1.00 47.39 ? 161  TYR A OH  1 
ATOM   1168 N  N   . THR A 1 156 ? 4.740   2.703   -14.080 1.00 48.28 ? 162  THR A N   1 
ATOM   1169 C  CA  . THR A 1 156 ? 3.299   3.051   -14.126 1.00 44.24 ? 162  THR A CA  1 
ATOM   1170 C  C   . THR A 1 156 ? 3.056   4.562   -13.938 1.00 40.80 ? 162  THR A C   1 
ATOM   1171 O  O   . THR A 1 156 ? 2.021   5.025   -14.363 1.00 39.74 ? 162  THR A O   1 
ATOM   1172 C  CB  . THR A 1 156 ? 2.485   2.219   -13.116 1.00 45.67 ? 162  THR A CB  1 
ATOM   1173 O  OG1 . THR A 1 156 ? 3.045   0.907   -12.970 1.00 47.22 ? 162  THR A OG1 1 
ATOM   1174 C  CG2 . THR A 1 156 ? 1.026   2.063   -13.496 1.00 44.83 ? 162  THR A CG2 1 
ATOM   1175 N  N   . LEU A 1 157 ? 3.990   5.319   -13.332 1.00 41.89 ? 163  LEU A N   1 
ATOM   1176 C  CA  . LEU A 1 157 ? 3.781   6.748   -12.907 1.00 41.89 ? 163  LEU A CA  1 
ATOM   1177 C  C   . LEU A 1 157 ? 4.923   7.638   -13.399 1.00 42.02 ? 163  LEU A C   1 
ATOM   1178 O  O   . LEU A 1 157 ? 6.071   7.201   -13.462 1.00 40.74 ? 163  LEU A O   1 
ATOM   1179 C  CB  . LEU A 1 157 ? 3.728   6.846   -11.377 1.00 42.20 ? 163  LEU A CB  1 
ATOM   1180 C  CG  . LEU A 1 157 ? 2.372   6.600   -10.713 1.00 43.93 ? 163  LEU A CG  1 
ATOM   1181 C  CD1 . LEU A 1 157 ? 2.516   6.575   -9.196  1.00 43.03 ? 163  LEU A CD1 1 
ATOM   1182 C  CD2 . LEU A 1 157 ? 1.343   7.644   -11.138 1.00 43.78 ? 163  LEU A CD2 1 
ATOM   1183 N  N   . ASP A 1 158 ? 4.603   8.909   -13.673 1.00 43.95 ? 164  ASP A N   1 
ATOM   1184 C  CA  . ASP A 1 158 ? 5.616   9.892   -14.060 1.00 45.18 ? 164  ASP A CA  1 
ATOM   1185 C  C   . ASP A 1 158 ? 6.521   10.142  -12.845 1.00 45.38 ? 164  ASP A C   1 
ATOM   1186 O  O   . ASP A 1 158 ? 6.053   10.372  -11.743 1.00 44.00 ? 164  ASP A O   1 
ATOM   1187 C  CB  . ASP A 1 158 ? 4.991   11.164  -14.646 1.00 46.42 ? 164  ASP A CB  1 
ATOM   1188 C  CG  . ASP A 1 158 ? 4.084   11.931  -13.697 1.00 48.29 ? 164  ASP A CG  1 
ATOM   1189 O  OD1 . ASP A 1 158 ? 3.283   11.274  -12.995 1.00 47.81 ? 164  ASP A OD1 1 
ATOM   1190 O  OD2 . ASP A 1 158 ? 4.189   13.182  -13.666 1.00 49.37 ? 164  ASP A OD2 1 
ATOM   1191 N  N   . GLU A 1 159 ? 7.830   10.072  -13.077 1.00 48.80 ? 165  GLU A N   1 
ATOM   1192 C  CA  . GLU A 1 159 ? 8.842   10.070  -12.032 1.00 54.15 ? 165  GLU A CA  1 
ATOM   1193 C  C   . GLU A 1 159 ? 8.423   11.034  -10.905 1.00 54.40 ? 165  GLU A C   1 
ATOM   1194 O  O   . GLU A 1 159 ? 8.485   10.681  -9.726  1.00 52.79 ? 165  GLU A O   1 
ATOM   1195 C  CB  . GLU A 1 159 ? 10.204  10.392  -12.667 1.00 58.29 ? 165  GLU A CB  1 
ATOM   1196 C  CG  . GLU A 1 159 ? 11.344  9.526   -12.154 1.00 61.39 ? 165  GLU A CG  1 
ATOM   1197 C  CD  . GLU A 1 159 ? 11.492  9.549   -10.641 1.00 69.37 ? 165  GLU A CD  1 
ATOM   1198 O  OE1 . GLU A 1 159 ? 11.306  10.641  -10.053 1.00 77.27 ? 165  GLU A OE1 1 
ATOM   1199 O  OE2 . GLU A 1 159 ? 11.762  8.479   -10.050 1.00 68.99 ? 165  GLU A OE2 1 
ATOM   1200 N  N   . GLU A 1 160 ? 8.004   12.243  -11.299 1.00 59.08 ? 166  GLU A N   1 
ATOM   1201 C  CA  . GLU A 1 160 ? 7.381   13.310  -10.457 1.00 58.58 ? 166  GLU A CA  1 
ATOM   1202 C  C   . GLU A 1 160 ? 6.641   12.757  -9.232  1.00 49.71 ? 166  GLU A C   1 
ATOM   1203 O  O   . GLU A 1 160 ? 6.899   13.173  -8.111  1.00 41.78 ? 166  GLU A O   1 
ATOM   1204 C  CB  . GLU A 1 160 ? 6.370   14.087  -11.306 1.00 67.08 ? 166  GLU A CB  1 
ATOM   1205 C  CG  . GLU A 1 160 ? 6.775   15.518  -11.599 1.00 74.77 ? 166  GLU A CG  1 
ATOM   1206 C  CD  . GLU A 1 160 ? 6.449   16.480  -10.471 1.00 81.54 ? 166  GLU A CD  1 
ATOM   1207 O  OE1 . GLU A 1 160 ? 6.743   16.141  -9.293  1.00 82.84 ? 166  GLU A OE1 1 
ATOM   1208 O  OE2 . GLU A 1 160 ? 5.880   17.556  -10.772 1.00 81.39 ? 166  GLU A OE2 1 
ATOM   1209 N  N   . SER A 1 161 ? 5.686   11.862  -9.502  1.00 46.65 ? 167  SER A N   1 
ATOM   1210 C  CA  . SER A 1 161 ? 4.764   11.284  -8.533  1.00 44.97 ? 167  SER A CA  1 
ATOM   1211 C  C   . SER A 1 161 ? 5.483   10.229  -7.681  1.00 44.31 ? 167  SER A C   1 
ATOM   1212 O  O   . SER A 1 161 ? 5.428   10.244  -6.454  1.00 45.83 ? 167  SER A O   1 
ATOM   1213 C  CB  . SER A 1 161 ? 3.577   10.693  -9.249  1.00 43.61 ? 167  SER A CB  1 
ATOM   1214 O  OG  . SER A 1 161 ? 3.409   11.293  -10.524 1.00 42.12 ? 167  SER A OG  1 
ATOM   1215 N  N   . ARG A 1 162 ? 6.177   9.313   -8.356  1.00 44.06 ? 168  ARG A N   1 
ATOM   1216 C  CA  . ARG A 1 162 ? 6.940   8.253   -7.704  1.00 43.43 ? 168  ARG A CA  1 
ATOM   1217 C  C   . ARG A 1 162 ? 7.973   8.862   -6.745  1.00 40.55 ? 168  ARG A C   1 
ATOM   1218 O  O   . ARG A 1 162 ? 8.364   8.224   -5.779  1.00 40.33 ? 168  ARG A O   1 
ATOM   1219 C  CB  . ARG A 1 162 ? 7.631   7.367   -8.748  1.00 45.13 ? 168  ARG A CB  1 
ATOM   1220 C  CG  . ARG A 1 162 ? 6.673   6.671   -9.706  1.00 46.31 ? 168  ARG A CG  1 
ATOM   1221 C  CD  . ARG A 1 162 ? 7.285   5.496   -10.449 1.00 47.88 ? 168  ARG A CD  1 
ATOM   1222 N  NE  . ARG A 1 162 ? 8.060   5.902   -11.617 1.00 49.75 ? 168  ARG A NE  1 
ATOM   1223 C  CZ  . ARG A 1 162 ? 9.389   5.876   -11.701 1.00 50.02 ? 168  ARG A CZ  1 
ATOM   1224 N  NH1 . ARG A 1 162 ? 10.106  5.405   -10.699 1.00 48.42 ? 168  ARG A NH1 1 
ATOM   1225 N  NH2 . ARG A 1 162 ? 10.001  6.320   -12.787 1.00 51.42 ? 168  ARG A NH2 1 
ATOM   1226 N  N   . ALA A 1 163 ? 8.429   10.084  -7.029  1.00 37.14 ? 169  ALA A N   1 
ATOM   1227 C  CA  . ALA A 1 163 ? 9.339   10.791  -6.145  1.00 36.26 ? 169  ALA A CA  1 
ATOM   1228 C  C   . ALA A 1 163 ? 8.647   11.084  -4.804  1.00 35.18 ? 169  ALA A C   1 
ATOM   1229 O  O   . ALA A 1 163 ? 9.225   10.906  -3.732  1.00 31.73 ? 169  ALA A O   1 
ATOM   1230 C  CB  . ALA A 1 163 ? 9.818   12.053  -6.819  1.00 36.21 ? 169  ALA A CB  1 
ATOM   1231 N  N   . ARG A 1 164 ? 7.390   11.523  -4.876  1.00 35.65 ? 170  ARG A N   1 
ATOM   1232 C  CA  . ARG A 1 164 ? 6.658   11.973  -3.704  1.00 36.70 ? 170  ARG A CA  1 
ATOM   1233 C  C   . ARG A 1 164 ? 6.420   10.808  -2.727  1.00 32.89 ? 170  ARG A C   1 
ATOM   1234 O  O   . ARG A 1 164 ? 6.520   10.981  -1.512  1.00 30.70 ? 170  ARG A O   1 
ATOM   1235 C  CB  . ARG A 1 164 ? 5.341   12.638  -4.120  1.00 40.64 ? 170  ARG A CB  1 
ATOM   1236 C  CG  . ARG A 1 164 ? 5.482   14.083  -4.572  1.00 42.77 ? 170  ARG A CG  1 
ATOM   1237 C  CD  . ARG A 1 164 ? 4.123   14.674  -4.880  1.00 48.41 ? 170  ARG A CD  1 
ATOM   1238 N  NE  . ARG A 1 164 ? 4.181   15.753  -5.866  1.00 55.49 ? 170  ARG A NE  1 
ATOM   1239 C  CZ  . ARG A 1 164 ? 3.253   15.996  -6.801  1.00 57.74 ? 170  ARG A CZ  1 
ATOM   1240 N  NH1 . ARG A 1 164 ? 2.210   15.192  -6.958  1.00 57.31 ? 170  ARG A NH1 1 
ATOM   1241 N  NH2 . ARG A 1 164 ? 3.390   17.038  -7.601  1.00 58.17 ? 170  ARG A NH2 1 
ATOM   1242 N  N   . ILE A 1 165 ? 6.079   9.626   -3.239  1.00 30.06 ? 171  ILE A N   1 
ATOM   1243 C  CA  . ILE A 1 165 ? 5.946   8.472   -2.357  1.00 29.53 ? 171  ILE A CA  1 
ATOM   1244 C  C   . ILE A 1 165 ? 7.301   8.224   -1.678  1.00 27.63 ? 171  ILE A C   1 
ATOM   1245 O  O   . ILE A 1 165 ? 7.432   8.387   -0.468  1.00 25.64 ? 171  ILE A O   1 
ATOM   1246 C  CB  . ILE A 1 165 ? 5.407   7.246   -3.116  1.00 30.23 ? 171  ILE A CB  1 
ATOM   1247 C  CG1 . ILE A 1 165 ? 3.958   7.463   -3.549  1.00 30.62 ? 171  ILE A CG1 1 
ATOM   1248 C  CG2 . ILE A 1 165 ? 5.544   5.971   -2.293  1.00 30.95 ? 171  ILE A CG2 1 
ATOM   1249 C  CD1 . ILE A 1 165 ? 3.535   6.563   -4.671  1.00 31.37 ? 171  ILE A CD1 1 
ATOM   1250 N  N   . LYS A 1 166 ? 8.314   7.884   -2.477  1.00 27.33 ? 172  LYS A N   1 
ATOM   1251 C  CA  . LYS A 1 166 ? 9.663   7.617   -1.983  1.00 28.31 ? 172  LYS A CA  1 
ATOM   1252 C  C   . LYS A 1 166 ? 10.033  8.565   -0.829  1.00 29.43 ? 172  LYS A C   1 
ATOM   1253 O  O   . LYS A 1 166 ? 10.514  8.112   0.213   1.00 32.40 ? 172  LYS A O   1 
ATOM   1254 C  CB  . LYS A 1 166 ? 10.690  7.762   -3.104  1.00 27.79 ? 172  LYS A CB  1 
ATOM   1255 C  CG  . LYS A 1 166 ? 10.697  6.639   -4.127  1.00 28.68 ? 172  LYS A CG  1 
ATOM   1256 C  CD  . LYS A 1 166 ? 11.744  6.862   -5.206  1.00 29.02 ? 172  LYS A CD  1 
ATOM   1257 C  CE  . LYS A 1 166 ? 11.580  5.986   -6.425  1.00 28.39 ? 172  LYS A CE  1 
ATOM   1258 N  NZ  . LYS A 1 166 ? 11.683  6.808   -7.649  1.00 29.44 ? 172  LYS A NZ  1 
ATOM   1259 N  N   . THR A 1 167 ? 9.838   9.875   -1.020  1.00 27.77 ? 173  THR A N   1 
ATOM   1260 C  CA  . THR A 1 167 ? 10.187  10.860  0.006   1.00 26.15 ? 173  THR A CA  1 
ATOM   1261 C  C   . THR A 1 167 ? 9.373   10.602  1.275   1.00 26.25 ? 173  THR A C   1 
ATOM   1262 O  O   . THR A 1 167 ? 9.952   10.593  2.355   1.00 28.27 ? 173  THR A O   1 
ATOM   1263 C  CB  . THR A 1 167 ? 9.947   12.299  -0.465  1.00 25.10 ? 173  THR A CB  1 
ATOM   1264 O  OG1 . THR A 1 167 ? 10.531  12.427  -1.757  1.00 25.23 ? 173  THR A OG1 1 
ATOM   1265 C  CG2 . THR A 1 167 ? 10.544  13.334  0.459   1.00 24.79 ? 173  THR A CG2 1 
ATOM   1266 N  N   . ARG A 1 168 ? 8.046   10.426  1.124   1.00 25.26 ? 174  ARG A N   1 
ATOM   1267 C  CA  . ARG A 1 168 ? 7.089   10.273  2.252   1.00 23.61 ? 174  ARG A CA  1 
ATOM   1268 C  C   . ARG A 1 168 ? 7.512   9.065   3.093   1.00 24.12 ? 174  ARG A C   1 
ATOM   1269 O  O   . ARG A 1 168 ? 7.711   9.183   4.317   1.00 24.97 ? 174  ARG A O   1 
ATOM   1270 C  CB  . ARG A 1 168 ? 5.650   10.107  1.740   1.00 22.04 ? 174  ARG A CB  1 
ATOM   1271 C  CG  . ARG A 1 168 ? 4.613   9.773   2.805   1.00 21.02 ? 174  ARG A CG  1 
ATOM   1272 C  CD  . ARG A 1 168 ? 4.557   10.816  3.907   1.00 21.58 ? 174  ARG A CD  1 
ATOM   1273 N  NE  . ARG A 1 168 ? 3.471   10.634  4.871   1.00 21.32 ? 174  ARG A NE  1 
ATOM   1274 C  CZ  . ARG A 1 168 ? 3.582   10.793  6.191   1.00 20.65 ? 174  ARG A CZ  1 
ATOM   1275 N  NH1 . ARG A 1 168 ? 4.669   11.322  6.726   1.00 20.81 ? 174  ARG A NH1 1 
ATOM   1276 N  NH2 . ARG A 1 168 ? 2.604   10.405  6.979   1.00 20.21 ? 174  ARG A NH2 1 
ATOM   1277 N  N   . LEU A 1 169 ? 7.670   7.920   2.415   1.00 22.78 ? 175  LEU A N   1 
ATOM   1278 C  CA  . LEU A 1 169 ? 8.168   6.704   3.015   1.00 21.74 ? 175  LEU A CA  1 
ATOM   1279 C  C   . LEU A 1 169 ? 9.496   6.972   3.741   1.00 21.49 ? 175  LEU A C   1 
ATOM   1280 O  O   . LEU A 1 169 ? 9.615   6.645   4.913   1.00 22.38 ? 175  LEU A O   1 
ATOM   1281 C  CB  . LEU A 1 169 ? 8.312   5.649   1.917   1.00 21.71 ? 175  LEU A CB  1 
ATOM   1282 C  CG  . LEU A 1 169 ? 7.001   5.035   1.448   1.00 21.80 ? 175  LEU A CG  1 
ATOM   1283 C  CD1 . LEU A 1 169 ? 7.232   4.042   0.324   1.00 21.47 ? 175  LEU A CD1 1 
ATOM   1284 C  CD2 . LEU A 1 169 ? 6.300   4.356   2.610   1.00 22.80 ? 175  LEU A CD2 1 
ATOM   1285 N  N   . PHE A 1 170 ? 10.479  7.574   3.057   1.00 20.94 ? 176  PHE A N   1 
ATOM   1286 C  CA  . PHE A 1 170 ? 11.765  7.917   3.687   1.00 20.75 ? 176  PHE A CA  1 
ATOM   1287 C  C   . PHE A 1 170 ? 11.488  8.787   4.919   1.00 20.88 ? 176  PHE A C   1 
ATOM   1288 O  O   . PHE A 1 170 ? 12.082  8.581   5.968   1.00 22.22 ? 176  PHE A O   1 
ATOM   1289 C  CB  . PHE A 1 170 ? 12.731  8.595   2.703   1.00 20.97 ? 176  PHE A CB  1 
ATOM   1290 C  CG  . PHE A 1 170 ? 14.150  8.751   3.203   1.00 20.61 ? 176  PHE A CG  1 
ATOM   1291 C  CD1 . PHE A 1 170 ? 14.506  9.829   3.995   1.00 21.08 ? 176  PHE A CD1 1 
ATOM   1292 C  CD2 . PHE A 1 170 ? 15.125  7.811   2.914   1.00 20.67 ? 176  PHE A CD2 1 
ATOM   1293 C  CE1 . PHE A 1 170 ? 15.796  9.961   4.480   1.00 21.24 ? 176  PHE A CE1 1 
ATOM   1294 C  CE2 . PHE A 1 170 ? 16.417  7.946   3.402   1.00 20.24 ? 176  PHE A CE2 1 
ATOM   1295 C  CZ  . PHE A 1 170 ? 16.751  9.023   4.176   1.00 20.59 ? 176  PHE A CZ  1 
ATOM   1296 N  N   . THR A 1 171 ? 10.560  9.745   4.795   1.00 20.64 ? 177  THR A N   1 
ATOM   1297 C  CA  . THR A 1 171 ? 10.230  10.636  5.900   1.00 20.35 ? 177  THR A CA  1 
ATOM   1298 C  C   . THR A 1 171 ? 9.713   9.796   7.078   1.00 20.27 ? 177  THR A C   1 
ATOM   1299 O  O   . THR A 1 171 ? 10.236  9.918   8.190   1.00 20.05 ? 177  THR A O   1 
ATOM   1300 C  CB  . THR A 1 171 ? 9.254   11.742  5.474   1.00 20.50 ? 177  THR A CB  1 
ATOM   1301 O  OG1 . THR A 1 171 ? 9.883   12.661  4.581   1.00 19.48 ? 177  THR A OG1 1 
ATOM   1302 C  CG2 . THR A 1 171 ? 8.742   12.533  6.656   1.00 21.38 ? 177  THR A CG2 1 
ATOM   1303 N  N   . ILE A 1 172 ? 8.716   8.937   6.814   1.00 19.93 ? 178  ILE A N   1 
ATOM   1304 C  CA  . ILE A 1 172 ? 8.159   8.010   7.810   1.00 19.95 ? 178  ILE A CA  1 
ATOM   1305 C  C   . ILE A 1 172 ? 9.272   7.147   8.429   1.00 20.38 ? 178  ILE A C   1 
ATOM   1306 O  O   . ILE A 1 172 ? 9.290   6.927   9.633   1.00 20.37 ? 178  ILE A O   1 
ATOM   1307 C  CB  . ILE A 1 172 ? 7.049   7.127   7.210   1.00 19.43 ? 178  ILE A CB  1 
ATOM   1308 C  CG1 . ILE A 1 172 ? 5.775   7.934   6.932   1.00 18.88 ? 178  ILE A CG1 1 
ATOM   1309 C  CG2 . ILE A 1 172 ? 6.792   5.927   8.121   1.00 19.44 ? 178  ILE A CG2 1 
ATOM   1310 C  CD1 . ILE A 1 172 ? 4.648   7.135   6.305   1.00 18.57 ? 178  ILE A CD1 1 
ATOM   1311 N  N   . ARG A 1 173 ? 10.186  6.639   7.606   1.00 21.28 ? 179  ARG A N   1 
ATOM   1312 C  CA  . ARG A 1 173 ? 11.332  5.911   8.119   1.00 22.91 ? 179  ARG A CA  1 
ATOM   1313 C  C   . ARG A 1 173 ? 12.089  6.763   9.131   1.00 23.14 ? 179  ARG A C   1 
ATOM   1314 O  O   . ARG A 1 173 ? 12.419  6.298   10.211  1.00 23.49 ? 179  ARG A O   1 
ATOM   1315 C  CB  . ARG A 1 173 ? 12.336  5.560   7.023   1.00 24.75 ? 179  ARG A CB  1 
ATOM   1316 C  CG  . ARG A 1 173 ? 13.669  5.034   7.545   1.00 26.48 ? 179  ARG A CG  1 
ATOM   1317 C  CD  . ARG A 1 173 ? 14.474  4.365   6.445   1.00 27.66 ? 179  ARG A CD  1 
ATOM   1318 N  NE  . ARG A 1 173 ? 15.881  4.189   6.772   1.00 28.60 ? 179  ARG A NE  1 
ATOM   1319 C  CZ  . ARG A 1 173 ? 16.847  4.109   5.870   1.00 30.00 ? 179  ARG A CZ  1 
ATOM   1320 N  NH1 . ARG A 1 173 ? 16.568  4.217   4.581   1.00 32.00 ? 179  ARG A NH1 1 
ATOM   1321 N  NH2 . ARG A 1 173 ? 18.097  3.943   6.257   1.00 30.97 ? 179  ARG A NH2 1 
ATOM   1322 N  N   . GLN A 1 174 ? 12.377  8.000   8.724   1.00 23.65 ? 180  GLN A N   1 
ATOM   1323 C  CA  . GLN A 1 174 ? 13.292  8.876   9.431   1.00 24.51 ? 180  GLN A CA  1 
ATOM   1324 C  C   . GLN A 1 174 ? 12.600  9.466   10.679  1.00 25.22 ? 180  GLN A C   1 
ATOM   1325 O  O   . GLN A 1 174 ? 13.260  9.792   11.698  1.00 22.25 ? 180  GLN A O   1 
ATOM   1326 C  CB  . GLN A 1 174 ? 13.814  9.915   8.432   1.00 24.45 ? 180  GLN A CB  1 
ATOM   1327 C  CG  . GLN A 1 174 ? 15.271  10.270  8.643   1.00 24.51 ? 180  GLN A CG  1 
ATOM   1328 C  CD  . GLN A 1 174 ? 16.145  9.044   8.613   1.00 24.87 ? 180  GLN A CD  1 
ATOM   1329 O  OE1 . GLN A 1 174 ? 16.151  8.291   7.632   1.00 24.85 ? 180  GLN A OE1 1 
ATOM   1330 N  NE2 . GLN A 1 174 ? 16.887  8.843   9.696   1.00 24.18 ? 180  GLN A NE2 1 
ATOM   1331 N  N   . GLU A 1 175 ? 11.267  9.578   10.617  1.00 27.04 ? 181  GLU A N   1 
ATOM   1332 C  CA  . GLU A 1 175 ? 10.470  10.047  11.747  1.00 29.82 ? 181  GLU A CA  1 
ATOM   1333 C  C   . GLU A 1 175 ? 10.488  9.000   12.861  1.00 29.03 ? 181  GLU A C   1 
ATOM   1334 O  O   . GLU A 1 175 ? 10.585  9.360   14.040  1.00 29.90 ? 181  GLU A O   1 
ATOM   1335 C  CB  . GLU A 1 175 ? 9.030   10.356  11.330  1.00 33.43 ? 181  GLU A CB  1 
ATOM   1336 C  CG  . GLU A 1 175 ? 8.871   11.729  10.697  1.00 37.65 ? 181  GLU A CG  1 
ATOM   1337 C  CD  . GLU A 1 175 ? 9.409   12.883  11.539  1.00 41.25 ? 181  GLU A CD  1 
ATOM   1338 O  OE1 . GLU A 1 175 ? 9.295   12.816  12.803  1.00 40.89 ? 181  GLU A OE1 1 
ATOM   1339 O  OE2 . GLU A 1 175 ? 9.967   13.840  10.934  1.00 44.92 ? 181  GLU A OE2 1 
ATOM   1340 N  N   . MET A 1 176 ? 10.375  7.726   12.460  1.00 27.42 ? 182  MET A N   1 
ATOM   1341 C  CA  . MET A 1 176 ? 10.499  6.587   13.351  1.00 26.53 ? 182  MET A CA  1 
ATOM   1342 C  C   . MET A 1 176 ? 11.881  6.597   14.025  1.00 27.93 ? 182  MET A C   1 
ATOM   1343 O  O   . MET A 1 176 ? 11.988  6.388   15.229  1.00 28.85 ? 182  MET A O   1 
ATOM   1344 C  CB  . MET A 1 176 ? 10.298  5.274   12.590  1.00 24.93 ? 182  MET A CB  1 
ATOM   1345 C  CG  . MET A 1 176 ? 8.837   4.931   12.377  1.00 24.49 ? 182  MET A CG  1 
ATOM   1346 S  SD  . MET A 1 176 ? 8.605   3.403   11.431  1.00 23.14 ? 182  MET A SD  1 
ATOM   1347 C  CE  . MET A 1 176 ? 6.836   3.406   11.161  1.00 22.94 ? 182  MET A CE  1 
ATOM   1348 N  N   . ALA A 1 177 ? 12.933  6.875   13.252  1.00 28.33 ? 183  ALA A N   1 
ATOM   1349 C  CA  . ALA A 1 177 ? 14.286  6.844   13.762  1.00 29.72 ? 183  ALA A CA  1 
ATOM   1350 C  C   . ALA A 1 177 ? 14.531  7.989   14.760  1.00 32.91 ? 183  ALA A C   1 
ATOM   1351 O  O   . ALA A 1 177 ? 15.337  7.840   15.675  1.00 34.99 ? 183  ALA A O   1 
ATOM   1352 C  CB  . ALA A 1 177 ? 15.258  6.883   12.612  1.00 29.90 ? 183  ALA A CB  1 
ATOM   1353 N  N   . SER A 1 178 ? 13.845  9.130   14.602  1.00 36.06 ? 184  SER A N   1 
ATOM   1354 C  CA  . SER A 1 178 ? 13.937  10.240  15.582  1.00 36.31 ? 184  SER A CA  1 
ATOM   1355 C  C   . SER A 1 178 ? 13.483  9.767   16.961  1.00 36.39 ? 184  SER A C   1 
ATOM   1356 O  O   . SER A 1 178 ? 13.961  10.260  17.987  1.00 34.75 ? 184  SER A O   1 
ATOM   1357 C  CB  . SER A 1 178 ? 13.114  11.404  15.155  1.00 36.25 ? 184  SER A CB  1 
ATOM   1358 O  OG  . SER A 1 178 ? 13.415  11.723  13.815  1.00 39.84 ? 184  SER A OG  1 
ATOM   1359 N  N   . ARG A 1 179 ? 12.544  8.812   16.949  1.00 38.57 ? 185  ARG A N   1 
ATOM   1360 C  CA  . ARG A 1 179 ? 11.914  8.271   18.143  1.00 40.75 ? 185  ARG A CA  1 
ATOM   1361 C  C   . ARG A 1 179 ? 12.534  6.921   18.547  1.00 42.19 ? 185  ARG A C   1 
ATOM   1362 O  O   . ARG A 1 179 ? 12.046  6.277   19.458  1.00 43.49 ? 185  ARG A O   1 
ATOM   1363 C  CB  . ARG A 1 179 ? 10.406  8.213   17.897  1.00 40.35 ? 185  ARG A CB  1 
ATOM   1364 C  CG  . ARG A 1 179 ? 9.800   9.602   17.772  1.00 43.68 ? 185  ARG A CG  1 
ATOM   1365 C  CD  . ARG A 1 179 ? 8.356   9.631   17.323  1.00 49.08 ? 185  ARG A CD  1 
ATOM   1366 N  NE  . ARG A 1 179 ? 8.076   10.806  16.507  1.00 54.02 ? 185  ARG A NE  1 
ATOM   1367 C  CZ  . ARG A 1 179 ? 6.908   11.452  16.477  1.00 61.11 ? 185  ARG A CZ  1 
ATOM   1368 N  NH1 . ARG A 1 179 ? 5.944   11.149  17.335  1.00 61.91 ? 185  ARG A NH1 1 
ATOM   1369 N  NH2 . ARG A 1 179 ? 6.708   12.403  15.581  1.00 63.26 ? 185  ARG A NH2 1 
ATOM   1370 N  N   . SER A 1 180 ? 13.648  6.533   17.911  1.00 43.48 ? 186  SER A N   1 
ATOM   1371 C  CA  . SER A 1 180 ? 14.348  5.275   18.185  1.00 40.22 ? 186  SER A CA  1 
ATOM   1372 C  C   . SER A 1 180 ? 13.417  4.088   17.936  1.00 38.26 ? 186  SER A C   1 
ATOM   1373 O  O   . SER A 1 180 ? 13.526  3.089   18.626  1.00 39.12 ? 186  SER A O   1 
ATOM   1374 C  CB  . SER A 1 180 ? 14.867  5.264   19.589  1.00 39.71 ? 186  SER A CB  1 
ATOM   1375 O  OG  . SER A 1 180 ? 15.100  6.591   20.032  1.00 40.87 ? 186  SER A OG  1 
ATOM   1376 N  N   . LEU A 1 181 ? 12.527  4.222   16.941  1.00 36.80 ? 187  LEU A N   1 
ATOM   1377 C  CA  . LEU A 1 181 ? 11.490  3.233   16.617  1.00 36.31 ? 187  LEU A CA  1 
ATOM   1378 C  C   . LEU A 1 181 ? 11.817  2.448   15.340  1.00 37.11 ? 187  LEU A C   1 
ATOM   1379 O  O   . LEU A 1 181 ? 11.145  1.443   15.062  1.00 39.73 ? 187  LEU A O   1 
ATOM   1380 C  CB  . LEU A 1 181 ? 10.153  3.950   16.423  1.00 36.00 ? 187  LEU A CB  1 
ATOM   1381 C  CG  . LEU A 1 181 ? 9.481   4.468   17.687  1.00 35.36 ? 187  LEU A CG  1 
ATOM   1382 C  CD1 . LEU A 1 181 ? 8.150   5.116   17.331  1.00 34.95 ? 187  LEU A CD1 1 
ATOM   1383 C  CD2 . LEU A 1 181 ? 9.290   3.353   18.705  1.00 34.96 ? 187  LEU A CD2 1 
ATOM   1384 N  N   . TRP A 1 182 ? 12.808  2.903   14.559  1.00 35.96 ? 188  TRP A N   1 
ATOM   1385 C  CA  . TRP A 1 182 ? 13.100  2.290   13.276  1.00 33.30 ? 188  TRP A CA  1 
ATOM   1386 C  C   . TRP A 1 182 ? 13.472  0.818   13.462  1.00 36.62 ? 188  TRP A C   1 
ATOM   1387 O  O   . TRP A 1 182 ? 12.876  -0.032  12.812  1.00 41.33 ? 188  TRP A O   1 
ATOM   1388 C  CB  . TRP A 1 182 ? 14.196  3.026   12.517  1.00 29.76 ? 188  TRP A CB  1 
ATOM   1389 C  CG  . TRP A 1 182 ? 14.464  2.420   11.173  1.00 28.17 ? 188  TRP A CG  1 
ATOM   1390 C  CD1 . TRP A 1 182 ? 15.657  1.943   10.714  1.00 27.67 ? 188  TRP A CD1 1 
ATOM   1391 C  CD2 . TRP A 1 182 ? 13.519  2.203   10.108  1.00 26.54 ? 188  TRP A CD2 1 
ATOM   1392 N  NE1 . TRP A 1 182 ? 15.520  1.457   9.443   1.00 26.57 ? 188  TRP A NE1 1 
ATOM   1393 C  CE2 . TRP A 1 182 ? 14.225  1.611   9.042   1.00 25.65 ? 188  TRP A CE2 1 
ATOM   1394 C  CE3 . TRP A 1 182 ? 12.154  2.460   9.943   1.00 26.10 ? 188  TRP A CE3 1 
ATOM   1395 C  CZ2 . TRP A 1 182 ? 13.618  1.269   7.838   1.00 25.63 ? 188  TRP A CZ2 1 
ATOM   1396 C  CZ3 . TRP A 1 182 ? 11.555  2.127   8.748   1.00 26.25 ? 188  TRP A CZ3 1 
ATOM   1397 C  CH2 . TRP A 1 182 ? 12.276  1.538   7.710   1.00 25.74 ? 188  TRP A CH2 1 
ATOM   1398 N  N   . ASP A 1 183 ? 14.431  0.533   14.354  1.00 38.46 ? 189  ASP A N   1 
ATOM   1399 C  CA  . ASP A 1 183 ? 14.991  -0.832  14.495  1.00 39.72 ? 189  ASP A CA  1 
ATOM   1400 C  C   . ASP A 1 183 ? 13.876  -1.828  14.819  1.00 36.55 ? 189  ASP A C   1 
ATOM   1401 O  O   . ASP A 1 183 ? 13.852  -2.920  14.273  1.00 34.55 ? 189  ASP A O   1 
ATOM   1402 C  CB  . ASP A 1 183 ? 16.078  -0.925  15.572  1.00 42.88 ? 189  ASP A CB  1 
ATOM   1403 C  CG  . ASP A 1 183 ? 17.492  -0.627  15.102  1.00 44.97 ? 189  ASP A CG  1 
ATOM   1404 O  OD1 . ASP A 1 183 ? 17.673  -0.291  13.904  1.00 50.76 ? 189  ASP A OD1 1 
ATOM   1405 O  OD2 . ASP A 1 183 ? 18.408  -0.745  15.942  1.00 45.16 ? 189  ASP A OD2 1 
ATOM   1406 N  N   . SER A 1 184 ? 12.980  -1.450  15.735  1.00 35.55 ? 190  SER A N   1 
ATOM   1407 C  CA  . SER A 1 184 ? 11.871  -2.311  16.086  1.00 35.90 ? 190  SER A CA  1 
ATOM   1408 C  C   . SER A 1 184 ? 11.104  -2.669  14.809  1.00 36.94 ? 190  SER A C   1 
ATOM   1409 O  O   . SER A 1 184 ? 10.868  -3.862  14.517  1.00 38.64 ? 190  SER A O   1 
ATOM   1410 C  CB  . SER A 1 184 ? 10.978  -1.664  17.102  1.00 35.35 ? 190  SER A CB  1 
ATOM   1411 O  OG  . SER A 1 184 ? 9.755   -2.378  17.230  1.00 34.51 ? 190  SER A OG  1 
ATOM   1412 N  N   . PHE A 1 185 ? 10.761  -1.612  14.062  1.00 35.35 ? 191  PHE A N   1 
ATOM   1413 C  CA  . PHE A 1 185 ? 9.905   -1.658  12.899  1.00 36.14 ? 191  PHE A CA  1 
ATOM   1414 C  C   . PHE A 1 185 ? 10.564  -2.435  11.753  1.00 37.48 ? 191  PHE A C   1 
ATOM   1415 O  O   . PHE A 1 185 ? 9.957   -3.318  11.142  1.00 38.67 ? 191  PHE A O   1 
ATOM   1416 C  CB  . PHE A 1 185 ? 9.602   -0.233  12.441  1.00 36.16 ? 191  PHE A CB  1 
ATOM   1417 C  CG  . PHE A 1 185 ? 8.535   -0.124  11.379  1.00 36.10 ? 191  PHE A CG  1 
ATOM   1418 C  CD1 . PHE A 1 185 ? 7.224   -0.490  11.649  1.00 35.60 ? 191  PHE A CD1 1 
ATOM   1419 C  CD2 . PHE A 1 185 ? 8.834   0.370   10.121  1.00 33.82 ? 191  PHE A CD2 1 
ATOM   1420 C  CE1 . PHE A 1 185 ? 6.245   -0.370  10.678  1.00 35.06 ? 191  PHE A CE1 1 
ATOM   1421 C  CE2 . PHE A 1 185 ? 7.852   0.491   9.154   1.00 33.43 ? 191  PHE A CE2 1 
ATOM   1422 C  CZ  . PHE A 1 185 ? 6.560   0.117   9.433   1.00 34.59 ? 191  PHE A CZ  1 
ATOM   1423 N  N   . ARG A 1 186 ? 11.815  -2.077  11.463  1.00 39.07 ? 192  ARG A N   1 
ATOM   1424 C  CA  . ARG A 1 186 ? 12.587  -2.642  10.363  1.00 39.85 ? 192  ARG A CA  1 
ATOM   1425 C  C   . ARG A 1 186 ? 12.589  -4.172  10.455  1.00 38.33 ? 192  ARG A C   1 
ATOM   1426 O  O   . ARG A 1 186 ? 12.532  -4.846  9.428   1.00 40.86 ? 192  ARG A O   1 
ATOM   1427 C  CB  . ARG A 1 186 ? 14.022  -2.102  10.396  1.00 41.24 ? 192  ARG A CB  1 
ATOM   1428 C  CG  . ARG A 1 186 ? 14.871  -2.487  9.193   1.00 44.21 ? 192  ARG A CG  1 
ATOM   1429 C  CD  . ARG A 1 186 ? 16.166  -3.190  9.579   1.00 47.98 ? 192  ARG A CD  1 
ATOM   1430 N  NE  . ARG A 1 186 ? 16.865  -2.584  10.717  1.00 49.41 ? 192  ARG A NE  1 
ATOM   1431 C  CZ  . ARG A 1 186 ? 17.813  -3.187  11.436  1.00 47.61 ? 192  ARG A CZ  1 
ATOM   1432 N  NH1 . ARG A 1 186 ? 18.328  -2.578  12.492  1.00 42.80 ? 192  ARG A NH1 1 
ATOM   1433 N  NH2 . ARG A 1 186 ? 18.233  -4.397  11.098  1.00 46.64 ? 192  ARG A NH2 1 
ATOM   1434 N  N   . GLN A 1 187 ? 12.651  -4.697  11.684  1.00 35.61 ? 193  GLN A N   1 
ATOM   1435 C  CA  . GLN A 1 187 ? 12.879  -6.104  11.923  1.00 35.28 ? 193  GLN A CA  1 
ATOM   1436 C  C   . GLN A 1 187 ? 11.560  -6.877  12.043  1.00 38.54 ? 193  GLN A C   1 
ATOM   1437 O  O   . GLN A 1 187 ? 11.598  -8.095  12.199  1.00 41.47 ? 193  GLN A O   1 
ATOM   1438 C  CB  . GLN A 1 187 ? 13.718  -6.283  13.183  1.00 33.21 ? 193  GLN A CB  1 
ATOM   1439 C  CG  . GLN A 1 187 ? 15.110  -5.703  13.040  1.00 32.47 ? 193  GLN A CG  1 
ATOM   1440 C  CD  . GLN A 1 187 ? 15.881  -5.795  14.329  1.00 32.71 ? 193  GLN A CD  1 
ATOM   1441 O  OE1 . GLN A 1 187 ? 16.814  -6.587  14.455  1.00 34.44 ? 193  GLN A OE1 1 
ATOM   1442 N  NE2 . GLN A 1 187 ? 15.487  -4.988  15.302  1.00 32.07 ? 193  GLN A NE2 1 
ATOM   1443 N  N   . SER A 1 188 ? 10.410  -6.201  11.931  1.00 39.30 ? 194  SER A N   1 
ATOM   1444 C  CA  . SER A 1 188 ? 9.126   -6.865  12.132  1.00 41.84 ? 194  SER A CA  1 
ATOM   1445 C  C   . SER A 1 188 ? 8.393   -7.062  10.796  1.00 44.82 ? 194  SER A C   1 
ATOM   1446 O  O   . SER A 1 188 ? 7.195   -6.797  10.694  1.00 49.30 ? 194  SER A O   1 
ATOM   1447 C  CB  . SER A 1 188 ? 8.279   -6.125  13.139  1.00 43.27 ? 194  SER A CB  1 
ATOM   1448 O  OG  . SER A 1 188 ? 7.579   -5.051  12.537  1.00 44.01 ? 194  SER A OG  1 
ATOM   1449 N  N   . GLU A 1 189 ? 9.114   -7.578  9.792   1.00 46.92 ? 195  GLU A N   1 
ATOM   1450 C  CA  . GLU A 1 189 ? 8.551   -7.975  8.495   1.00 44.35 ? 195  GLU A CA  1 
ATOM   1451 C  C   . GLU A 1 189 ? 9.224   -9.280  8.053   1.00 42.41 ? 195  GLU A C   1 
ATOM   1452 O  O   . GLU A 1 189 ? 8.567   -10.296 7.857   1.00 39.25 ? 195  GLU A O   1 
ATOM   1453 C  CB  . GLU A 1 189 ? 8.755   -6.869  7.454   1.00 45.31 ? 195  GLU A CB  1 
ATOM   1454 C  CG  . GLU A 1 189 ? 7.979   -7.105  6.165   1.00 47.95 ? 195  GLU A CG  1 
ATOM   1455 C  CD  . GLU A 1 189 ? 8.189   -6.097  5.043   1.00 47.80 ? 195  GLU A CD  1 
ATOM   1456 O  OE1 . GLU A 1 189 ? 8.699   -4.995  5.320   1.00 45.95 ? 195  GLU A OE1 1 
ATOM   1457 O  OE2 . GLU A 1 189 ? 7.832   -6.421  3.887   1.00 46.50 ? 195  GLU A OE2 1 
HETATM 1458 MN MN  . MN  B 2 .   ? -0.512  -3.931  -1.175  1.00 28.83 ? 901  MN  A MN  1 
HETATM 1459 MN MN  . MN  C 2 .   ? -4.489  -4.674  -0.981  1.00 56.23 ? 902  MN  A MN  1 
HETATM 1460 O  OAB . HNS D 3 .   ? -4.817  -6.036  0.644   1.00 41.35 ? 903  HNS A OAB 1 
HETATM 1461 C  CAL . HNS D 3 .   ? -4.362  -6.182  1.796   1.00 38.31 ? 903  HNS A CAL 1 
HETATM 1462 O  OAD . HNS D 3 .   ? -5.167  -6.482  2.725   1.00 36.55 ? 903  HNS A OAD 1 
HETATM 1463 C  CAQ . HNS D 3 .   ? -2.985  -6.011  2.032   1.00 38.09 ? 903  HNS A CAQ 1 
HETATM 1464 N  NAK . HNS D 3 .   ? -2.499  -6.336  3.314   1.00 39.69 ? 903  HNS A NAK 1 
HETATM 1465 C  CAO . HNS D 3 .   ? -2.060  -5.536  1.066   1.00 37.81 ? 903  HNS A CAO 1 
HETATM 1466 O  OAE . HNS D 3 .   ? -2.501  -5.201  -0.193  1.00 34.40 ? 903  HNS A OAE 1 
HETATM 1467 C  CAR . HNS D 3 .   ? -0.679  -5.388  1.366   1.00 38.16 ? 903  HNS A CAR 1 
HETATM 1468 O  OAC . HNS D 3 .   ? 0.167   -4.978  0.558   1.00 35.68 ? 903  HNS A OAC 1 
HETATM 1469 C  CAJ . HNS D 3 .   ? -0.241  -5.719  2.646   1.00 38.99 ? 903  HNS A CAJ 1 
HETATM 1470 C  CAN . HNS D 3 .   ? -1.135  -6.183  3.620   1.00 39.88 ? 903  HNS A CAN 1 
HETATM 1471 C  CAP . HNS D 3 .   ? -0.663  -6.497  4.896   1.00 39.43 ? 903  HNS A CAP 1 
HETATM 1472 C  CAI . HNS D 3 .   ? -0.665  -7.827  5.327   1.00 41.37 ? 903  HNS A CAI 1 
HETATM 1473 C  CAG . HNS D 3 .   ? -0.183  -8.181  6.594   1.00 40.89 ? 903  HNS A CAG 1 
HETATM 1474 C  CAF . HNS D 3 .   ? 0.289   -7.190  7.445   1.00 39.98 ? 903  HNS A CAF 1 
HETATM 1475 C  CAH . HNS D 3 .   ? 0.278   -5.865  7.012   1.00 39.67 ? 903  HNS A CAH 1 
HETATM 1476 C  CAM . HNS D 3 .   ? -0.183  -5.505  5.749   1.00 37.86 ? 903  HNS A CAM 1 
HETATM 1477 C  CAA . HNS D 3 .   ? -0.141  -4.151  5.407   1.00 38.05 ? 903  HNS A CAA 1 
HETATM 1478 O  O   . HOH E 4 .   ? -8.584  -4.955  3.153   1.00 7.36  ? 1001 HOH A O   1 
# 
